data_1K3T
#
_entry.id   1K3T
#
_cell.length_a   82.080
_cell.length_b   84.970
_cell.length_c   105.240
_cell.angle_alpha   90.00
_cell.angle_beta   96.32
_cell.angle_gamma   90.00
#
_symmetry.space_group_name_H-M   'P 1 21 1'
#
loop_
_entity.id
_entity.type
_entity.pdbx_description
1 polymer 'Glyceraldehyde-3-phosphate dehydrogenase'
2 non-polymer 6-(1,1-DIMETHYLALLYL)-2-(1-HYDROXY-1-METHYLETHYL)-2,3-DIHYDRO-7H-FURO[3,2-G]CHROMEN-7-ONE
3 water water
#
_entity_poly.entity_id   1
_entity_poly.type   'polypeptide(L)'
_entity_poly.pdbx_seq_one_letter_code
;MPIKVGINGFGRIGRMVFQALCEDGLLGTEIDVVAVVDMNTDAEYFAYQMRYDTVHGKFKYEVTTTKSSPSVAKDDTLVV
NGHRILCVKAQRNPADLPWGKLGVEYVIESTGLFTAKAAAEGHLRGGARKVVISAPASGGAKTLVMGVNHHEYNPSEHHV
VSNASCTTNCLAPIVHVLVKEGFGVQTGLMTTIHSYTATQKTVDGVSVKDWRGGRAAAVNIIPSTTGAAKAVGMVIPSTQ
GKLTGMSFRVPTPDVSVVDLTFTAARDTSIQEIDAALKRASKTYMKGILGYTDEELVSADFINDNRSSIYDSKATLQNNL
PKERRFFKIVSWYDNEWGYSHRVVDLVRHMASKDRSARL
;
_entity_poly.pdbx_strand_id   A,B,C,D
#
loop_
_chem_comp.id
_chem_comp.type
_chem_comp.name
_chem_comp.formula
BRZ non-polymer 6-(1,1-DIMETHYLALLYL)-2-(1-HYDROXY-1-METHYLETHYL)-2,3-DIHYDRO-7H-FURO[3,2-G]CHROMEN-7-ONE 'C19 H22 O4'
#
# COMPACT_ATOMS: atom_id res chain seq x y z
N MET A 1 -31.85 3.80 34.29
CA MET A 1 -32.23 5.13 33.74
C MET A 1 -31.33 5.51 32.58
N PRO A 2 -31.78 5.21 31.34
CA PRO A 2 -31.00 5.47 30.15
C PRO A 2 -30.84 6.95 29.85
N ILE A 3 -29.67 7.41 29.42
CA ILE A 3 -29.53 8.81 29.04
C ILE A 3 -29.79 8.93 27.53
N LYS A 4 -30.18 10.12 27.14
CA LYS A 4 -30.63 10.41 25.80
C LYS A 4 -29.53 11.04 24.97
N VAL A 5 -29.06 10.25 23.99
CA VAL A 5 -27.94 10.77 23.18
C VAL A 5 -28.39 11.06 21.75
N GLY A 6 -27.74 12.14 21.28
CA GLY A 6 -27.87 12.43 19.82
C GLY A 6 -26.43 12.53 19.27
N ILE A 7 -26.18 12.23 18.03
CA ILE A 7 -24.84 12.26 17.42
C ILE A 7 -24.91 13.22 16.24
N ASN A 8 -24.19 14.34 16.34
CA ASN A 8 -24.19 15.27 15.19
C ASN A 8 -23.04 14.82 14.26
N GLY A 9 -23.38 14.39 13.07
CA GLY A 9 -22.40 13.95 12.07
C GLY A 9 -22.41 12.42 12.11
N PHE A 10 -22.79 11.73 11.03
CA PHE A 10 -22.72 10.28 11.04
C PHE A 10 -21.82 9.82 9.92
N GLY A 11 -20.68 10.52 9.89
CA GLY A 11 -19.53 10.23 9.04
C GLY A 11 -18.77 9.13 9.77
N ARG A 12 -17.51 8.88 9.46
CA ARG A 12 -16.82 7.80 10.17
C ARG A 12 -16.61 7.94 11.66
N ILE A 13 -16.32 9.12 12.20
CA ILE A 13 -16.01 9.22 13.61
C ILE A 13 -17.30 9.08 14.44
N GLY A 14 -18.36 9.67 13.92
CA GLY A 14 -19.66 9.53 14.59
C GLY A 14 -20.02 8.02 14.55
N ARG A 15 -19.92 7.39 13.39
CA ARG A 15 -20.21 5.97 13.27
C ARG A 15 -19.41 5.03 14.18
N MET A 16 -18.16 5.32 14.42
CA MET A 16 -17.23 4.58 15.24
C MET A 16 -17.56 4.83 16.72
N VAL A 17 -18.02 6.03 17.05
CA VAL A 17 -18.51 6.31 18.40
C VAL A 17 -19.75 5.49 18.71
N PHE A 18 -20.68 5.43 17.76
CA PHE A 18 -21.89 4.61 17.92
C PHE A 18 -21.52 3.14 17.95
N GLN A 19 -20.57 2.73 17.12
CA GLN A 19 -20.15 1.31 17.19
C GLN A 19 -19.51 0.95 18.53
N ALA A 20 -18.66 1.90 19.02
CA ALA A 20 -18.02 1.64 20.33
C ALA A 20 -19.12 1.49 21.38
N LEU A 21 -20.04 2.44 21.42
CA LEU A 21 -21.12 2.33 22.41
C LEU A 21 -21.80 0.95 22.35
N CYS A 22 -22.16 0.51 21.15
CA CYS A 22 -22.76 -0.79 20.94
C CYS A 22 -21.89 -1.93 21.47
N GLU A 23 -20.61 -1.93 21.10
CA GLU A 23 -19.68 -2.91 21.57
C GLU A 23 -19.62 -2.95 23.10
N ASP A 24 -19.81 -1.82 23.76
CA ASP A 24 -19.76 -1.83 25.23
C ASP A 24 -21.05 -2.32 25.85
N GLY A 25 -22.02 -2.74 25.05
CA GLY A 25 -23.32 -3.23 25.40
C GLY A 25 -24.22 -2.16 25.98
N LEU A 26 -24.02 -0.90 25.57
CA LEU A 26 -24.74 0.19 26.18
C LEU A 26 -26.03 0.64 25.52
N LEU A 27 -26.23 0.26 24.28
CA LEU A 27 -27.29 0.61 23.39
C LEU A 27 -28.60 -0.02 23.91
N GLY A 28 -29.46 0.92 24.20
CA GLY A 28 -30.73 0.76 24.81
C GLY A 28 -30.44 0.67 26.33
N THR A 29 -29.37 0.15 26.87
CA THR A 29 -29.31 -0.21 28.28
C THR A 29 -29.06 0.99 29.15
N GLU A 30 -27.89 1.56 28.99
CA GLU A 30 -27.53 2.80 29.69
C GLU A 30 -27.82 3.97 28.77
N ILE A 31 -27.73 3.75 27.44
CA ILE A 31 -27.84 4.96 26.58
C ILE A 31 -28.88 4.78 25.47
N ASP A 32 -29.74 5.79 25.30
CA ASP A 32 -30.75 5.79 24.27
C ASP A 32 -30.19 6.70 23.17
N VAL A 33 -29.57 6.10 22.16
CA VAL A 33 -29.10 6.96 21.04
C VAL A 33 -30.42 7.23 20.31
N VAL A 34 -30.92 8.47 20.42
CA VAL A 34 -32.23 8.75 19.83
C VAL A 34 -32.14 9.01 18.34
N ALA A 35 -31.02 9.69 17.99
CA ALA A 35 -30.92 10.07 16.57
C ALA A 35 -29.51 10.45 16.19
N VAL A 36 -29.27 10.30 14.91
CA VAL A 36 -28.00 10.72 14.32
C VAL A 36 -28.36 11.79 13.25
N VAL A 37 -27.46 12.77 13.16
CA VAL A 37 -27.74 13.86 12.23
C VAL A 37 -26.58 13.97 11.24
N ASP A 38 -26.95 14.00 9.96
CA ASP A 38 -26.08 13.97 8.81
C ASP A 38 -26.76 14.48 7.54
N MET A 39 -25.99 14.87 6.53
CA MET A 39 -26.50 15.31 5.25
C MET A 39 -27.18 14.17 4.51
N ASN A 40 -26.75 12.93 4.78
CA ASN A 40 -27.40 11.76 4.23
C ASN A 40 -28.48 11.34 5.24
N THR A 41 -29.62 10.92 4.70
CA THR A 41 -30.67 10.35 5.51
C THR A 41 -31.11 8.98 5.00
N ASP A 42 -30.38 8.42 4.05
CA ASP A 42 -30.66 7.08 3.55
C ASP A 42 -30.19 6.07 4.59
N ALA A 43 -31.08 5.64 5.45
CA ALA A 43 -30.87 4.67 6.51
C ALA A 43 -30.23 3.38 5.97
N GLU A 44 -30.58 2.92 4.80
CA GLU A 44 -29.98 1.77 4.16
C GLU A 44 -28.47 1.99 3.94
N TYR A 45 -28.07 3.23 3.61
CA TYR A 45 -26.63 3.43 3.41
C TYR A 45 -25.90 3.38 4.75
N PHE A 46 -26.51 4.00 5.77
CA PHE A 46 -25.82 3.93 7.07
C PHE A 46 -25.71 2.49 7.55
N ALA A 47 -26.70 1.65 7.27
CA ALA A 47 -26.73 0.26 7.70
C ALA A 47 -25.55 -0.49 7.09
N TYR A 48 -25.38 -0.31 5.79
CA TYR A 48 -24.30 -0.82 4.98
C TYR A 48 -22.97 -0.29 5.56
N GLN A 49 -22.81 0.99 5.86
CA GLN A 49 -21.57 1.50 6.41
C GLN A 49 -21.27 0.84 7.74
N MET A 50 -22.27 0.62 8.59
CA MET A 50 -22.06 0.06 9.92
C MET A 50 -21.80 -1.42 9.83
N ARG A 51 -22.46 -2.10 8.90
CA ARG A 51 -22.32 -3.58 8.84
C ARG A 51 -20.94 -4.07 8.46
N TYR A 52 -20.27 -3.38 7.55
CA TYR A 52 -18.99 -3.69 7.02
C TYR A 52 -17.93 -2.63 7.37
N ASP A 53 -16.74 -3.01 7.79
CA ASP A 53 -15.61 -2.20 8.11
C ASP A 53 -14.30 -2.79 7.63
N THR A 54 -13.65 -2.06 6.72
CA THR A 54 -12.43 -2.66 6.09
C THR A 54 -11.41 -2.98 7.15
N VAL A 55 -11.22 -2.11 8.13
CA VAL A 55 -10.28 -2.33 9.19
C VAL A 55 -10.84 -3.07 10.39
N HIS A 56 -12.02 -2.73 10.87
CA HIS A 56 -12.51 -3.33 12.11
C HIS A 56 -13.34 -4.60 11.95
N GLY A 57 -13.57 -5.13 10.75
CA GLY A 57 -14.32 -6.37 10.60
C GLY A 57 -15.83 -6.06 10.55
N LYS A 58 -16.67 -7.07 10.52
CA LYS A 58 -18.11 -6.94 10.43
C LYS A 58 -18.77 -6.56 11.74
N PHE A 59 -19.76 -5.70 11.73
CA PHE A 59 -20.35 -5.24 13.02
C PHE A 59 -20.86 -6.49 13.74
N LYS A 60 -20.73 -6.55 15.08
CA LYS A 60 -21.16 -7.81 15.73
C LYS A 60 -22.64 -7.83 16.06
N TYR A 61 -23.36 -6.76 15.77
CA TYR A 61 -24.80 -6.72 15.95
C TYR A 61 -25.43 -6.69 14.55
N GLU A 62 -26.66 -7.22 14.47
CA GLU A 62 -27.36 -7.06 13.18
C GLU A 62 -27.94 -5.65 13.03
N VAL A 63 -27.88 -5.06 11.84
CA VAL A 63 -28.45 -3.71 11.62
C VAL A 63 -29.53 -3.82 10.54
N THR A 64 -30.72 -3.37 10.81
CA THR A 64 -31.82 -3.39 9.84
C THR A 64 -32.35 -1.96 9.80
N THR A 65 -33.24 -1.59 8.91
CA THR A 65 -33.74 -0.21 8.93
C THR A 65 -35.28 -0.22 8.87
N THR A 66 -35.93 0.87 9.18
CA THR A 66 -37.36 1.03 9.11
C THR A 66 -37.73 2.47 8.76
N LYS A 67 -39.03 2.77 8.80
CA LYS A 67 -39.52 4.11 8.50
C LYS A 67 -40.24 4.65 9.73
N SER A 68 -40.04 5.92 9.99
CA SER A 68 -40.67 6.61 11.10
C SER A 68 -42.19 6.59 10.90
N SER A 69 -42.62 6.69 9.65
CA SER A 69 -44.00 6.61 9.23
C SER A 69 -44.13 5.96 7.85
N PRO A 70 -45.29 5.38 7.57
CA PRO A 70 -45.60 4.68 6.32
C PRO A 70 -45.24 5.35 5.01
N SER A 71 -45.39 6.67 4.92
CA SER A 71 -45.06 7.44 3.73
C SER A 71 -43.57 7.41 3.41
N VAL A 72 -42.74 7.44 4.45
CA VAL A 72 -41.29 7.48 4.33
C VAL A 72 -40.70 6.62 3.24
N ALA A 73 -40.75 7.10 2.00
CA ALA A 73 -40.21 6.42 0.83
C ALA A 73 -38.96 5.62 1.17
N LYS A 74 -37.88 6.33 1.37
CA LYS A 74 -36.58 5.79 1.74
C LYS A 74 -36.57 5.56 3.25
N ASP A 75 -36.16 4.38 3.72
CA ASP A 75 -36.16 4.16 5.18
C ASP A 75 -35.36 5.27 5.85
N ASP A 76 -35.74 5.69 7.04
CA ASP A 76 -35.06 6.75 7.76
C ASP A 76 -34.69 6.49 9.22
N THR A 77 -34.82 5.23 9.59
CA THR A 77 -34.59 4.79 10.94
C THR A 77 -33.67 3.56 10.86
N LEU A 78 -32.66 3.58 11.69
CA LEU A 78 -31.73 2.45 11.86
C LEU A 78 -32.21 1.66 13.08
N VAL A 79 -32.05 0.34 13.03
CA VAL A 79 -32.52 -0.52 14.10
C VAL A 79 -31.44 -1.52 14.53
N VAL A 80 -30.88 -1.38 15.70
CA VAL A 80 -29.87 -2.32 16.24
C VAL A 80 -30.36 -2.92 17.55
N ASN A 81 -30.61 -4.25 17.60
CA ASN A 81 -31.01 -4.90 18.87
C ASN A 81 -32.29 -4.25 19.38
N GLY A 82 -33.21 -4.06 18.46
CA GLY A 82 -34.46 -3.45 18.45
C GLY A 82 -34.55 -2.01 18.90
N HIS A 83 -33.43 -1.34 19.03
CA HIS A 83 -33.38 0.06 19.36
C HIS A 83 -33.45 0.82 18.04
N ARG A 84 -34.30 1.81 18.00
CA ARG A 84 -34.56 2.59 16.82
C ARG A 84 -33.79 3.91 16.88
N ILE A 85 -33.07 4.21 15.79
CA ILE A 85 -32.31 5.44 15.75
C ILE A 85 -32.84 6.26 14.57
N LEU A 86 -33.36 7.44 14.77
CA LEU A 86 -33.91 8.24 13.63
C LEU A 86 -32.77 8.90 12.86
N CYS A 87 -32.86 8.90 11.53
CA CYS A 87 -31.74 9.57 10.83
C CYS A 87 -32.27 10.98 10.53
N VAL A 88 -31.73 11.99 11.20
CA VAL A 88 -32.25 13.34 10.85
C VAL A 88 -31.27 14.10 9.98
N LYS A 89 -31.82 14.95 9.13
CA LYS A 89 -31.15 15.84 8.21
C LYS A 89 -30.31 16.89 8.92
N ALA A 90 -29.04 16.98 8.56
CA ALA A 90 -28.06 17.92 9.10
C ALA A 90 -28.52 19.37 8.88
N GLN A 91 -28.20 20.27 9.80
CA GLN A 91 -28.64 21.66 9.61
C GLN A 91 -27.44 22.57 9.47
N ARG A 92 -27.58 23.69 8.80
CA ARG A 92 -26.51 24.69 8.78
C ARG A 92 -26.21 25.16 10.19
N ASN A 93 -27.20 25.34 11.04
CA ASN A 93 -27.04 25.75 12.40
C ASN A 93 -27.51 24.72 13.42
N PRO A 94 -26.63 24.35 14.35
CA PRO A 94 -26.92 23.45 15.44
C PRO A 94 -28.10 23.93 16.27
N ALA A 95 -28.28 25.25 16.46
CA ALA A 95 -29.40 25.82 17.18
C ALA A 95 -30.73 25.46 16.53
N ASP A 96 -30.77 25.15 15.24
CA ASP A 96 -31.99 24.74 14.58
C ASP A 96 -32.21 23.24 14.65
N LEU A 97 -31.33 22.50 15.31
CA LEU A 97 -31.51 21.05 15.39
C LEU A 97 -32.63 20.75 16.39
N PRO A 98 -33.38 19.67 16.22
CA PRO A 98 -34.51 19.38 17.10
C PRO A 98 -34.28 18.54 18.32
N TRP A 99 -33.20 18.73 19.07
CA TRP A 99 -32.85 18.01 20.27
C TRP A 99 -33.86 18.09 21.42
N GLY A 100 -34.44 19.27 21.62
CA GLY A 100 -35.48 19.40 22.68
C GLY A 100 -36.65 18.48 22.32
N LYS A 101 -37.18 18.59 21.11
CA LYS A 101 -38.27 17.81 20.54
C LYS A 101 -38.10 16.32 20.72
N LEU A 102 -36.93 15.85 20.32
CA LEU A 102 -36.48 14.47 20.45
C LEU A 102 -36.09 14.10 21.87
N GLY A 103 -35.80 15.07 22.71
CA GLY A 103 -35.51 14.77 24.13
C GLY A 103 -34.02 14.44 24.40
N VAL A 104 -33.16 14.67 23.39
CA VAL A 104 -31.75 14.51 23.51
C VAL A 104 -31.13 15.41 24.58
N GLU A 105 -30.39 14.81 25.50
CA GLU A 105 -29.76 15.63 26.55
C GLU A 105 -28.29 15.87 26.26
N TYR A 106 -27.57 14.87 25.78
CA TYR A 106 -26.15 14.92 25.44
C TYR A 106 -25.94 14.87 23.93
N VAL A 107 -25.19 15.81 23.35
CA VAL A 107 -24.93 15.73 21.89
C VAL A 107 -23.46 15.41 21.69
N ILE A 108 -23.19 14.39 20.87
CA ILE A 108 -21.81 14.04 20.53
C ILE A 108 -21.56 14.79 19.19
N GLU A 109 -20.78 15.85 19.28
CA GLU A 109 -20.56 16.70 18.08
C GLU A 109 -19.33 16.18 17.34
N SER A 110 -19.51 15.54 16.21
CA SER A 110 -18.44 14.87 15.50
C SER A 110 -18.30 15.31 14.05
N THR A 111 -18.87 16.47 13.71
CA THR A 111 -18.80 16.80 12.26
C THR A 111 -17.44 17.33 11.92
N GLY A 112 -16.76 17.92 12.92
CA GLY A 112 -15.57 18.71 12.69
C GLY A 112 -15.80 20.18 12.31
N LEU A 113 -17.03 20.61 12.12
CA LEU A 113 -17.49 21.90 11.71
C LEU A 113 -17.74 22.83 12.88
N PHE A 114 -17.96 22.25 14.04
CA PHE A 114 -18.39 23.02 15.21
C PHE A 114 -17.48 22.83 16.42
N THR A 115 -16.18 22.80 16.12
CA THR A 115 -15.12 22.70 17.15
C THR A 115 -14.91 23.95 17.93
N ALA A 116 -15.36 25.11 17.49
CA ALA A 116 -15.36 26.35 18.24
C ALA A 116 -16.38 26.20 19.36
N LYS A 117 -16.03 26.39 20.64
CA LYS A 117 -16.98 26.16 21.72
C LYS A 117 -18.31 26.84 21.43
N ALA A 118 -18.29 28.13 21.03
CA ALA A 118 -19.51 28.87 20.75
C ALA A 118 -20.31 28.40 19.54
N ALA A 119 -19.71 27.65 18.65
CA ALA A 119 -20.45 27.04 17.52
C ALA A 119 -21.14 25.78 18.06
N ALA A 120 -20.47 25.00 18.88
CA ALA A 120 -21.04 23.81 19.51
C ALA A 120 -22.09 24.22 20.55
N GLU A 121 -22.03 25.37 21.20
CA GLU A 121 -23.07 25.85 22.07
C GLU A 121 -24.40 26.06 21.35
N GLY A 122 -24.49 26.10 20.03
CA GLY A 122 -25.72 26.13 19.27
C GLY A 122 -26.61 24.96 19.63
N HIS A 123 -26.04 23.75 19.86
CA HIS A 123 -26.81 22.59 20.22
C HIS A 123 -27.65 22.91 21.46
N LEU A 124 -27.09 23.71 22.35
CA LEU A 124 -27.79 24.09 23.58
C LEU A 124 -29.06 24.85 23.20
N ARG A 125 -28.97 25.80 22.27
CA ARG A 125 -30.15 26.48 21.78
C ARG A 125 -31.13 25.50 21.13
N GLY A 126 -30.66 24.46 20.46
CA GLY A 126 -31.43 23.37 19.89
C GLY A 126 -32.14 22.53 20.94
N GLY A 127 -31.89 22.67 22.23
CA GLY A 127 -32.56 21.91 23.27
C GLY A 127 -31.71 20.93 24.03
N ALA A 128 -30.46 20.74 23.63
CA ALA A 128 -29.53 19.85 24.32
C ALA A 128 -29.06 20.50 25.62
N ARG A 129 -28.55 19.75 26.58
CA ARG A 129 -27.97 20.32 27.78
C ARG A 129 -26.45 20.24 27.80
N LYS A 130 -25.85 19.27 27.13
CA LYS A 130 -24.42 19.07 27.11
C LYS A 130 -23.95 18.68 25.70
N VAL A 131 -22.72 19.12 25.44
CA VAL A 131 -22.08 18.79 24.18
C VAL A 131 -20.66 18.27 24.43
N VAL A 132 -20.38 17.09 23.89
CA VAL A 132 -19.03 16.55 23.87
C VAL A 132 -18.56 16.65 22.42
N ILE A 133 -17.53 17.40 22.18
CA ILE A 133 -16.86 17.52 20.89
C ILE A 133 -15.84 16.39 20.83
N SER A 134 -16.01 15.51 19.85
CA SER A 134 -15.05 14.44 19.59
C SER A 134 -13.87 14.90 18.74
N ALA A 135 -13.22 15.99 19.12
CA ALA A 135 -12.05 16.61 18.60
C ALA A 135 -11.49 17.70 19.50
N PRO A 136 -10.24 18.14 19.26
CA PRO A 136 -9.70 19.28 20.01
C PRO A 136 -10.66 20.45 19.81
N ALA A 137 -10.92 21.25 20.87
CA ALA A 137 -11.83 22.37 20.63
C ALA A 137 -11.14 23.74 20.74
N SER A 138 -11.74 24.82 20.26
CA SER A 138 -11.19 26.14 20.58
C SER A 138 -12.31 26.84 21.36
N GLY A 139 -11.91 28.00 21.85
CA GLY A 139 -12.69 28.96 22.55
C GLY A 139 -12.94 28.65 24.00
N GLY A 140 -12.08 28.02 24.77
CA GLY A 140 -12.28 27.78 26.20
C GLY A 140 -13.11 26.54 26.51
N ALA A 141 -13.38 25.62 25.55
CA ALA A 141 -14.13 24.43 25.96
C ALA A 141 -13.20 23.62 26.86
N LYS A 142 -13.72 23.07 27.94
CA LYS A 142 -12.92 22.31 28.88
C LYS A 142 -12.54 20.99 28.18
N THR A 143 -11.26 20.69 28.23
CA THR A 143 -10.72 19.49 27.64
C THR A 143 -10.54 18.45 28.74
N LEU A 144 -11.17 17.33 28.51
CA LEU A 144 -11.18 16.21 29.41
C LEU A 144 -10.59 14.94 28.82
N VAL A 145 -9.59 14.38 29.50
CA VAL A 145 -8.99 13.12 29.05
C VAL A 145 -9.29 12.03 30.07
N MET A 146 -10.05 10.98 29.69
CA MET A 146 -10.36 9.91 30.62
C MET A 146 -9.10 9.29 31.20
N GLY A 147 -9.09 9.20 32.53
CA GLY A 147 -7.96 8.56 33.23
C GLY A 147 -6.88 9.54 33.59
N VAL A 148 -6.96 10.76 33.05
CA VAL A 148 -5.96 11.76 33.35
C VAL A 148 -6.58 12.90 34.14
N ASN A 149 -7.53 13.65 33.61
CA ASN A 149 -8.16 14.75 34.37
C ASN A 149 -9.67 14.75 34.32
N HIS A 150 -10.33 13.61 33.97
CA HIS A 150 -11.78 13.63 33.77
C HIS A 150 -12.59 13.96 35.01
N HIS A 151 -12.08 13.73 36.21
CA HIS A 151 -12.69 14.15 37.44
C HIS A 151 -12.64 15.66 37.63
N GLU A 152 -12.13 16.44 36.70
CA GLU A 152 -12.21 17.88 36.68
C GLU A 152 -13.54 18.32 36.06
N TYR A 153 -14.32 17.39 35.53
CA TYR A 153 -15.65 17.72 35.03
C TYR A 153 -16.55 18.27 36.16
N ASN A 154 -17.11 19.42 35.86
CA ASN A 154 -17.88 20.26 36.77
C ASN A 154 -19.23 20.53 36.13
N PRO A 155 -20.23 19.78 36.54
CA PRO A 155 -21.57 19.87 35.96
C PRO A 155 -22.20 21.24 35.85
N SER A 156 -21.97 22.05 36.88
CA SER A 156 -22.54 23.41 36.79
C SER A 156 -21.79 24.34 35.86
N GLU A 157 -20.49 24.17 35.59
CA GLU A 157 -19.77 25.08 34.72
C GLU A 157 -19.39 24.56 33.32
N HIS A 158 -19.28 23.27 33.11
CA HIS A 158 -18.84 22.72 31.83
C HIS A 158 -19.99 22.15 31.01
N HIS A 159 -20.48 22.94 30.05
CA HIS A 159 -21.55 22.50 29.17
C HIS A 159 -21.12 22.00 27.83
N VAL A 160 -20.11 22.53 27.21
CA VAL A 160 -19.60 22.15 25.90
C VAL A 160 -18.16 21.80 26.22
N VAL A 161 -17.78 20.53 26.12
CA VAL A 161 -16.46 20.03 26.48
C VAL A 161 -15.72 19.38 25.31
N SER A 162 -14.39 19.24 25.39
CA SER A 162 -13.67 18.48 24.35
C SER A 162 -13.03 17.21 24.89
N ASN A 163 -13.15 16.14 24.13
CA ASN A 163 -12.52 14.86 24.47
C ASN A 163 -11.09 14.83 23.89
N ALA A 164 -10.60 15.97 23.40
CA ALA A 164 -9.22 16.04 22.86
C ALA A 164 -9.09 15.19 21.61
N SER A 165 -7.82 14.87 21.21
CA SER A 165 -7.61 14.08 20.03
C SER A 165 -7.19 12.65 20.42
N CYS A 166 -7.27 11.78 19.40
CA CYS A 166 -6.84 10.38 19.54
C CYS A 166 -5.34 10.40 19.88
N THR A 167 -4.60 11.37 19.34
CA THR A 167 -3.17 11.44 19.66
C THR A 167 -2.93 11.86 21.11
N THR A 168 -3.65 12.86 21.58
CA THR A 168 -3.57 13.36 22.94
C THR A 168 -3.99 12.30 23.94
N ASN A 169 -5.01 11.52 23.63
CA ASN A 169 -5.44 10.42 24.44
C ASN A 169 -4.39 9.36 24.52
N CYS A 170 -3.48 9.16 23.53
CA CYS A 170 -2.44 8.19 23.63
C CYS A 170 -1.29 8.76 24.46
N LEU A 171 -0.93 10.00 24.23
CA LEU A 171 0.22 10.60 24.97
C LEU A 171 0.00 10.95 26.43
N ALA A 172 -1.11 11.63 26.72
CA ALA A 172 -1.45 12.12 28.05
C ALA A 172 -1.41 11.06 29.11
N PRO A 173 -1.89 9.84 28.87
CA PRO A 173 -1.76 8.78 29.89
C PRO A 173 -0.31 8.49 30.20
N ILE A 174 0.60 8.57 29.19
CA ILE A 174 2.03 8.31 29.42
C ILE A 174 2.64 9.44 30.22
N VAL A 175 2.32 10.69 29.86
CA VAL A 175 2.92 11.81 30.60
C VAL A 175 2.34 11.86 32.02
N HIS A 176 1.09 11.53 32.15
CA HIS A 176 0.35 11.48 33.39
C HIS A 176 0.98 10.54 34.40
N VAL A 177 1.39 9.33 34.01
CA VAL A 177 2.07 8.46 34.92
C VAL A 177 3.43 9.03 35.27
N LEU A 178 4.17 9.62 34.31
CA LEU A 178 5.48 10.13 34.66
C LEU A 178 5.41 11.22 35.72
N VAL A 179 4.42 12.10 35.54
CA VAL A 179 4.28 13.18 36.47
C VAL A 179 3.74 12.66 37.80
N LYS A 180 2.65 11.92 37.74
CA LYS A 180 2.00 11.47 38.98
C LYS A 180 2.98 10.60 39.79
N GLU A 181 3.85 9.81 39.17
CA GLU A 181 4.73 8.95 39.93
C GLU A 181 6.05 9.59 40.41
N GLY A 182 6.24 10.87 40.17
CA GLY A 182 7.38 11.61 40.63
C GLY A 182 8.56 11.53 39.67
N PHE A 183 8.45 10.99 38.48
CA PHE A 183 9.64 11.03 37.58
C PHE A 183 9.77 12.48 37.09
N GLY A 184 8.61 12.99 36.71
CA GLY A 184 8.51 14.37 36.20
C GLY A 184 8.99 14.43 34.75
N VAL A 185 8.67 15.52 34.08
CA VAL A 185 9.06 15.82 32.71
C VAL A 185 9.69 17.22 32.68
N GLN A 186 10.98 17.35 32.35
CA GLN A 186 11.54 18.73 32.25
C GLN A 186 11.21 19.28 30.87
N THR A 187 11.43 18.43 29.85
CA THR A 187 11.13 18.80 28.46
C THR A 187 10.86 17.44 27.73
N GLY A 188 9.99 17.46 26.76
CA GLY A 188 9.62 16.31 25.95
C GLY A 188 9.32 16.77 24.50
N LEU A 189 9.67 15.92 23.55
CA LEU A 189 9.37 15.99 22.16
C LEU A 189 8.78 14.66 21.76
N MET A 190 7.57 14.62 21.18
CA MET A 190 6.85 13.45 20.73
C MET A 190 6.80 13.42 19.19
N THR A 191 6.87 12.18 18.69
CA THR A 191 6.68 11.94 17.29
C THR A 191 5.57 10.90 17.30
N THR A 192 4.60 11.10 16.44
CA THR A 192 3.57 10.08 16.24
C THR A 192 3.61 9.53 14.83
N ILE A 193 3.69 8.21 14.72
CA ILE A 193 3.71 7.56 13.41
C ILE A 193 2.27 7.10 13.25
N HIS A 194 1.64 7.91 12.42
CA HIS A 194 0.19 7.81 12.29
C HIS A 194 -0.30 7.25 10.96
N SER A 195 -1.38 6.52 11.19
CA SER A 195 -2.10 5.99 10.03
C SER A 195 -2.79 7.10 9.27
N TYR A 196 -2.95 6.81 7.96
CA TYR A 196 -3.54 7.92 7.15
C TYR A 196 -5.01 8.06 7.56
N THR A 197 -5.53 9.26 7.33
CA THR A 197 -6.90 9.53 7.77
C THR A 197 -7.72 10.09 6.62
N ALA A 198 -8.99 10.37 6.89
CA ALA A 198 -9.91 10.84 5.87
C ALA A 198 -9.65 12.25 5.36
N THR A 199 -8.77 13.03 6.01
CA THR A 199 -8.45 14.35 5.48
C THR A 199 -7.43 14.25 4.34
N GLN A 200 -6.69 13.16 4.26
CA GLN A 200 -5.70 12.98 3.21
C GLN A 200 -6.33 12.58 1.87
N LYS A 201 -5.48 12.57 0.85
CA LYS A 201 -5.86 12.28 -0.50
C LYS A 201 -5.31 10.95 -1.01
N THR A 202 -6.06 10.39 -1.97
CA THR A 202 -5.57 9.14 -2.59
C THR A 202 -4.42 9.41 -3.56
N VAL A 203 -4.45 10.50 -4.33
CA VAL A 203 -3.41 10.92 -5.24
C VAL A 203 -3.08 12.38 -4.88
N ASP A 204 -1.98 12.93 -5.37
CA ASP A 204 -1.66 14.32 -5.05
C ASP A 204 -2.92 15.13 -5.39
N GLY A 205 -3.51 15.80 -4.42
CA GLY A 205 -4.70 16.61 -4.58
C GLY A 205 -4.41 18.02 -4.04
N VAL A 206 -5.44 18.78 -3.80
CA VAL A 206 -5.45 20.14 -3.30
C VAL A 206 -5.55 20.20 -1.79
N SER A 207 -4.63 20.93 -1.18
CA SER A 207 -4.67 21.06 0.31
C SER A 207 -3.92 22.34 0.63
N VAL A 208 -4.57 23.49 0.39
CA VAL A 208 -3.98 24.81 0.58
C VAL A 208 -3.53 25.04 2.02
N LYS A 209 -4.18 24.45 3.01
CA LYS A 209 -3.72 24.67 4.39
C LYS A 209 -2.54 23.74 4.72
N ASP A 210 -2.59 22.54 4.13
CA ASP A 210 -1.44 21.65 4.47
C ASP A 210 -0.78 21.19 3.20
N TRP A 211 0.20 21.88 2.63
CA TRP A 211 0.81 21.45 1.37
C TRP A 211 1.22 19.97 1.36
N ARG A 212 2.03 19.54 2.34
CA ARG A 212 2.39 18.13 2.42
C ARG A 212 1.19 17.23 2.48
N GLY A 213 0.17 17.57 3.27
CA GLY A 213 -1.04 16.87 3.49
C GLY A 213 -1.92 16.62 2.26
N GLY A 214 -1.69 17.32 1.14
CA GLY A 214 -2.39 17.03 -0.07
C GLY A 214 -1.69 16.03 -0.95
N ARG A 215 -0.57 15.47 -0.52
CA ARG A 215 0.18 14.53 -1.38
C ARG A 215 -0.34 13.13 -1.23
N ALA A 216 -0.16 12.30 -2.24
CA ALA A 216 -0.66 10.90 -2.19
C ALA A 216 -0.27 10.23 -0.88
N ALA A 217 -1.30 9.84 -0.10
CA ALA A 217 -1.09 9.32 1.25
C ALA A 217 -0.60 7.91 1.37
N ALA A 218 -1.07 7.01 0.49
CA ALA A 218 -0.66 5.63 0.63
C ALA A 218 0.63 5.28 -0.06
N VAL A 219 1.41 6.23 -0.58
CA VAL A 219 2.72 5.87 -1.10
C VAL A 219 3.79 6.84 -0.54
N ASN A 220 3.38 7.66 0.40
CA ASN A 220 4.34 8.60 1.01
C ASN A 220 4.40 8.48 2.51
N ILE A 221 5.58 8.95 2.99
CA ILE A 221 5.77 9.33 4.40
C ILE A 221 5.54 10.84 4.35
N ILE A 222 4.55 11.32 5.10
CA ILE A 222 4.13 12.70 5.09
C ILE A 222 4.19 13.41 6.44
N PRO A 223 5.26 14.18 6.67
CA PRO A 223 5.38 14.98 7.84
C PRO A 223 4.17 15.90 8.03
N SER A 224 3.94 16.15 9.31
CA SER A 224 2.89 17.09 9.68
C SER A 224 3.10 17.63 11.08
N THR A 225 2.82 18.93 11.26
CA THR A 225 2.94 19.55 12.55
C THR A 225 1.75 19.04 13.39
N THR A 226 1.74 19.17 14.69
CA THR A 226 0.53 18.70 15.38
C THR A 226 0.34 19.41 16.71
N GLY A 227 -0.92 19.63 17.10
CA GLY A 227 -1.19 20.24 18.38
C GLY A 227 -1.30 19.25 19.53
N ALA A 228 -1.24 17.95 19.40
CA ALA A 228 -1.41 16.96 20.44
C ALA A 228 -0.51 17.05 21.66
N ALA A 229 0.79 17.24 21.46
CA ALA A 229 1.70 17.26 22.59
C ALA A 229 1.51 18.55 23.38
N LYS A 230 1.43 19.72 22.72
CA LYS A 230 1.17 20.96 23.43
C LYS A 230 -0.14 20.90 24.18
N ALA A 231 -1.18 20.23 23.63
CA ALA A 231 -2.49 20.15 24.28
C ALA A 231 -2.45 19.39 25.59
N VAL A 232 -1.39 18.57 25.74
CA VAL A 232 -1.21 17.83 26.98
C VAL A 232 -1.09 18.79 28.19
N GLY A 233 -0.66 20.01 27.89
CA GLY A 233 -0.60 21.14 28.78
C GLY A 233 -1.93 21.61 29.30
N MET A 234 -3.03 21.42 28.55
CA MET A 234 -4.33 21.77 29.11
C MET A 234 -4.85 20.74 30.11
N VAL A 235 -4.43 19.49 29.97
CA VAL A 235 -4.86 18.42 30.83
C VAL A 235 -3.97 18.14 32.01
N ILE A 236 -2.71 18.55 32.05
CA ILE A 236 -1.70 18.33 33.07
C ILE A 236 -0.89 19.62 33.02
N PRO A 237 -1.43 20.68 33.61
CA PRO A 237 -0.92 22.04 33.51
C PRO A 237 0.54 22.22 33.84
N SER A 238 1.17 21.35 34.59
CA SER A 238 2.57 21.31 34.93
C SER A 238 3.46 21.03 33.72
N THR A 239 2.91 20.50 32.61
CA THR A 239 3.69 20.29 31.41
C THR A 239 3.49 21.41 30.41
N GLN A 240 2.72 22.44 30.74
CA GLN A 240 2.49 23.56 29.86
C GLN A 240 3.81 24.15 29.35
N GLY A 241 3.99 24.18 28.05
CA GLY A 241 5.18 24.77 27.47
C GLY A 241 6.41 23.91 27.45
N LYS A 242 6.38 22.70 27.95
CA LYS A 242 7.49 21.79 28.00
C LYS A 242 7.41 20.64 26.95
N LEU A 243 6.31 20.60 26.25
CA LEU A 243 6.11 19.52 25.29
C LEU A 243 5.60 20.00 23.94
N THR A 244 6.13 19.41 22.87
CA THR A 244 5.55 19.65 21.57
C THR A 244 5.92 18.45 20.67
N GLY A 245 5.39 18.41 19.47
CA GLY A 245 5.71 17.22 18.67
C GLY A 245 5.26 17.38 17.23
N MET A 246 5.39 16.30 16.48
CA MET A 246 5.03 16.30 15.07
C MET A 246 4.53 14.89 14.70
N SER A 247 4.02 14.81 13.47
CA SER A 247 3.49 13.51 13.01
C SER A 247 4.17 13.24 11.68
N PHE A 248 4.30 11.98 11.33
CA PHE A 248 4.68 11.44 10.05
C PHE A 248 3.48 10.52 9.76
N ARG A 249 2.73 10.82 8.76
CA ARG A 249 1.61 10.10 8.21
C ARG A 249 2.15 9.07 7.23
N VAL A 250 1.91 7.81 7.55
CA VAL A 250 2.37 6.68 6.77
C VAL A 250 1.20 5.87 6.20
N PRO A 251 1.44 5.10 5.11
CA PRO A 251 0.41 4.36 4.44
C PRO A 251 -0.09 3.07 5.09
N THR A 252 -0.55 3.13 6.35
CA THR A 252 -1.22 2.01 6.99
C THR A 252 -2.63 2.55 7.22
N PRO A 253 -3.66 1.75 7.10
CA PRO A 253 -5.05 2.27 7.19
C PRO A 253 -5.52 2.55 8.60
N ASP A 254 -4.87 1.96 9.61
CA ASP A 254 -5.22 2.32 11.00
C ASP A 254 -4.21 1.71 11.96
N VAL A 255 -4.15 2.35 13.12
CA VAL A 255 -3.24 2.01 14.23
C VAL A 255 -2.04 2.95 14.06
N SER A 256 -1.67 3.67 15.12
CA SER A 256 -0.62 4.63 15.13
C SER A 256 0.26 4.42 16.35
N VAL A 257 1.38 5.16 16.45
CA VAL A 257 2.30 4.96 17.57
C VAL A 257 2.96 6.27 18.00
N VAL A 258 3.01 6.48 19.28
CA VAL A 258 3.64 7.61 19.98
C VAL A 258 5.02 7.15 20.40
N ASP A 259 5.96 7.95 19.99
CA ASP A 259 7.39 7.81 20.21
C ASP A 259 7.77 9.07 20.94
N LEU A 260 7.81 9.03 22.27
CA LEU A 260 8.05 10.18 23.10
C LEU A 260 9.49 10.24 23.61
N THR A 261 10.10 11.42 23.41
CA THR A 261 11.49 11.51 23.93
C THR A 261 11.43 12.59 25.01
N PHE A 262 11.92 12.32 26.19
CA PHE A 262 11.80 13.38 27.21
C PHE A 262 12.98 13.32 28.18
N THR A 263 13.12 14.41 28.95
CA THR A 263 14.15 14.39 30.01
C THR A 263 13.35 14.53 31.33
N ALA A 264 13.52 13.55 32.22
CA ALA A 264 12.96 13.41 33.53
C ALA A 264 13.49 14.51 34.47
N ALA A 265 12.67 14.80 35.47
CA ALA A 265 12.97 15.85 36.45
C ALA A 265 13.97 15.39 37.49
N ARG A 266 14.36 14.13 37.59
CA ARG A 266 15.34 13.64 38.54
C ARG A 266 15.87 12.31 38.03
N ASP A 267 17.02 11.92 38.55
CA ASP A 267 17.60 10.68 38.04
C ASP A 267 16.61 9.53 38.23
N THR A 268 16.57 8.67 37.23
CA THR A 268 15.70 7.50 37.35
C THR A 268 16.35 6.52 36.45
N SER A 269 15.68 5.60 35.84
CA SER A 269 16.22 4.66 34.90
C SER A 269 15.08 4.13 34.00
N ILE A 270 15.45 3.58 32.87
CA ILE A 270 14.35 3.03 32.05
C ILE A 270 13.61 1.85 32.66
N GLN A 271 14.22 0.97 33.46
CA GLN A 271 13.58 -0.07 34.21
C GLN A 271 12.57 0.48 35.22
N GLU A 272 12.85 1.54 35.99
CA GLU A 272 11.84 2.07 36.91
C GLU A 272 10.67 2.71 36.14
N ILE A 273 10.92 3.39 35.02
CA ILE A 273 9.81 3.96 34.26
C ILE A 273 8.91 2.85 33.74
N ASP A 274 9.52 1.83 33.16
CA ASP A 274 8.81 0.63 32.71
C ASP A 274 7.97 0.01 33.84
N ALA A 275 8.49 -0.25 35.04
CA ALA A 275 7.72 -0.79 36.15
C ALA A 275 6.57 0.12 36.53
N ALA A 276 6.77 1.45 36.56
CA ALA A 276 5.70 2.37 36.91
C ALA A 276 4.59 2.31 35.86
N LEU A 277 4.97 2.37 34.58
CA LEU A 277 3.98 2.24 33.50
C LEU A 277 3.12 1.02 33.65
N LYS A 278 3.75 -0.15 33.79
CA LYS A 278 3.07 -1.42 33.99
C LYS A 278 2.14 -1.44 35.21
N ARG A 279 2.59 -0.97 36.37
CA ARG A 279 1.82 -0.84 37.59
C ARG A 279 0.62 0.12 37.45
N ALA A 280 0.76 1.29 36.82
CA ALA A 280 -0.36 2.16 36.65
C ALA A 280 -1.40 1.45 35.78
N SER A 281 -0.92 0.75 34.75
CA SER A 281 -1.87 0.10 33.84
C SER A 281 -2.67 -0.95 34.57
N LYS A 282 -2.16 -1.60 35.61
CA LYS A 282 -2.99 -2.58 36.32
C LYS A 282 -3.87 -1.92 37.38
N THR A 283 -3.64 -0.64 37.66
CA THR A 283 -4.33 0.01 38.71
C THR A 283 -5.13 1.23 38.32
N TYR A 284 -4.65 2.43 38.66
CA TYR A 284 -5.46 3.61 38.38
C TYR A 284 -5.60 4.01 36.92
N MET A 285 -4.81 3.47 36.01
CA MET A 285 -4.98 3.70 34.56
C MET A 285 -5.68 2.53 33.89
N LYS A 286 -6.14 1.55 34.71
CA LYS A 286 -6.72 0.34 34.10
C LYS A 286 -7.78 0.67 33.08
N GLY A 287 -7.73 0.13 31.87
CA GLY A 287 -8.70 0.40 30.82
C GLY A 287 -8.31 1.62 29.98
N ILE A 288 -7.32 2.42 30.48
CA ILE A 288 -6.99 3.60 29.71
C ILE A 288 -5.61 3.36 29.12
N LEU A 289 -4.64 3.03 29.97
CA LEU A 289 -3.29 2.68 29.55
C LEU A 289 -3.16 1.17 29.65
N GLY A 290 -2.73 0.43 28.64
CA GLY A 290 -2.44 -0.99 28.76
C GLY A 290 -0.95 -1.11 28.48
N TYR A 291 -0.39 -2.33 28.42
CA TYR A 291 0.97 -2.50 27.99
C TYR A 291 1.08 -3.90 27.34
N THR A 292 2.13 -4.14 26.61
CA THR A 292 2.43 -5.43 26.04
C THR A 292 3.93 -5.61 26.27
N ASP A 293 4.34 -6.85 26.33
CA ASP A 293 5.78 -7.19 26.40
C ASP A 293 5.98 -8.27 25.33
N GLU A 294 5.06 -8.29 24.38
CA GLU A 294 5.10 -9.25 23.28
C GLU A 294 5.64 -8.59 22.02
N GLU A 295 5.96 -9.35 20.98
CA GLU A 295 6.53 -8.76 19.77
C GLU A 295 5.45 -8.33 18.81
N LEU A 296 4.76 -7.23 19.11
CA LEU A 296 3.57 -6.87 18.40
C LEU A 296 3.81 -5.90 17.28
N VAL A 297 2.86 -5.90 16.32
CA VAL A 297 3.06 -4.93 15.22
C VAL A 297 1.77 -4.15 15.19
N SER A 298 1.60 -3.16 14.31
CA SER A 298 0.41 -2.34 14.39
C SER A 298 -0.88 -3.10 14.23
N ALA A 299 -0.97 -4.07 13.30
CA ALA A 299 -2.23 -4.77 13.18
C ALA A 299 -2.64 -5.46 14.49
N ASP A 300 -1.73 -5.89 15.34
CA ASP A 300 -2.18 -6.51 16.62
C ASP A 300 -2.92 -5.54 17.51
N PHE A 301 -2.89 -4.18 17.31
CA PHE A 301 -3.61 -3.29 18.18
C PHE A 301 -4.98 -2.95 17.60
N ILE A 302 -5.30 -3.45 16.40
CA ILE A 302 -6.62 -3.13 15.85
C ILE A 302 -7.69 -3.66 16.78
N ASN A 303 -8.65 -2.86 17.13
CA ASN A 303 -9.77 -3.06 17.99
C ASN A 303 -9.34 -3.08 19.46
N ASP A 304 -8.14 -2.62 19.79
CA ASP A 304 -7.77 -2.49 21.21
C ASP A 304 -8.50 -1.25 21.75
N ASN A 305 -9.18 -1.37 22.89
CA ASN A 305 -9.93 -0.19 23.28
C ASN A 305 -9.18 0.71 24.28
N ARG A 306 -7.95 0.38 24.59
CA ARG A 306 -7.22 1.36 25.40
C ARG A 306 -6.87 2.62 24.61
N SER A 307 -6.51 3.63 25.43
CA SER A 307 -6.13 4.89 24.80
C SER A 307 -4.67 4.91 24.37
N SER A 308 -3.93 4.08 25.12
CA SER A 308 -2.46 4.05 24.93
C SER A 308 -2.07 2.63 25.40
N ILE A 309 -1.26 1.98 24.58
CA ILE A 309 -0.74 0.65 24.94
C ILE A 309 0.78 0.75 24.87
N TYR A 310 1.39 0.95 26.06
CA TYR A 310 2.82 0.99 26.27
C TYR A 310 3.54 -0.25 25.78
N ASP A 311 4.55 -0.04 24.96
CA ASP A 311 5.33 -1.14 24.39
C ASP A 311 6.61 -1.36 25.19
N SER A 312 6.56 -2.29 26.15
CA SER A 312 7.64 -2.56 27.05
C SER A 312 8.93 -3.01 26.39
N LYS A 313 8.87 -4.01 25.48
CA LYS A 313 10.13 -4.40 24.82
C LYS A 313 10.70 -3.32 23.88
N ALA A 314 9.85 -2.66 23.08
CA ALA A 314 10.36 -1.67 22.15
C ALA A 314 10.97 -0.54 23.03
N THR A 315 10.38 -0.29 24.18
CA THR A 315 10.93 0.73 25.07
C THR A 315 12.26 0.29 25.73
N LEU A 316 12.20 -0.85 26.42
CA LEU A 316 13.37 -1.36 27.12
C LEU A 316 14.55 -1.68 26.21
N GLN A 317 14.33 -2.05 24.95
CA GLN A 317 15.45 -2.41 24.09
C GLN A 317 16.02 -1.21 23.40
N ASN A 318 15.33 -0.05 23.39
CA ASN A 318 15.88 1.04 22.57
C ASN A 318 16.27 2.29 23.31
N ASN A 319 16.61 2.19 24.60
CA ASN A 319 17.12 3.34 25.34
C ASN A 319 18.64 3.25 25.60
N LEU A 320 19.29 4.30 26.02
CA LEU A 320 20.71 4.36 26.31
C LEU A 320 21.11 3.71 27.63
N PRO A 321 22.02 2.74 27.60
CA PRO A 321 22.43 2.02 28.79
C PRO A 321 22.98 2.92 29.91
N LYS A 322 22.45 2.74 31.11
CA LYS A 322 22.75 3.52 32.31
C LYS A 322 22.17 4.94 32.33
N GLU A 323 21.32 5.27 31.35
CA GLU A 323 20.78 6.60 31.26
C GLU A 323 19.96 6.96 32.51
N ARG A 324 20.12 8.18 33.02
CA ARG A 324 19.37 8.54 34.20
C ARG A 324 18.33 9.60 33.90
N ARG A 325 18.53 10.33 32.80
CA ARG A 325 17.55 11.39 32.50
C ARG A 325 16.85 11.42 31.15
N PHE A 326 17.47 10.97 30.08
CA PHE A 326 17.06 11.12 28.72
C PHE A 326 16.56 9.82 28.10
N PHE A 327 15.24 9.70 27.99
CA PHE A 327 14.56 8.50 27.60
C PHE A 327 13.52 8.62 26.49
N LYS A 328 13.25 7.42 25.96
CA LYS A 328 12.28 7.23 24.91
C LYS A 328 11.18 6.32 25.42
N ILE A 329 9.92 6.64 25.17
CA ILE A 329 8.84 5.72 25.57
C ILE A 329 8.00 5.51 24.29
N VAL A 330 7.65 4.27 24.03
CA VAL A 330 6.91 3.88 22.87
C VAL A 330 5.51 3.40 23.27
N SER A 331 4.49 3.94 22.67
CA SER A 331 3.14 3.52 22.98
C SER A 331 2.23 3.64 21.78
N TRP A 332 1.46 2.55 21.62
CA TRP A 332 0.50 2.40 20.51
C TRP A 332 -0.94 2.77 20.80
N TYR A 333 -1.74 2.96 19.75
CA TYR A 333 -3.13 3.35 19.89
C TYR A 333 -3.84 3.00 18.57
N ASP A 334 -5.01 2.39 18.75
CA ASP A 334 -5.84 2.21 17.52
C ASP A 334 -6.50 3.60 17.39
N ASN A 335 -6.05 4.52 16.52
CA ASN A 335 -6.53 5.89 16.53
C ASN A 335 -8.01 6.01 16.42
N GLU A 336 -8.66 5.25 15.55
CA GLU A 336 -10.10 5.18 15.59
C GLU A 336 -10.77 4.69 16.87
N TRP A 337 -10.48 3.46 17.23
CA TRP A 337 -11.16 2.67 18.20
C TRP A 337 -11.00 3.08 19.66
N GLY A 338 -9.75 3.27 20.11
CA GLY A 338 -9.54 3.71 21.47
C GLY A 338 -10.32 4.97 21.77
N TYR A 339 -10.16 6.00 20.95
CA TYR A 339 -10.76 7.29 21.11
C TYR A 339 -12.29 7.23 21.10
N SER A 340 -12.87 6.39 20.24
CA SER A 340 -14.32 6.30 20.17
C SER A 340 -14.90 5.79 21.49
N HIS A 341 -14.32 4.76 22.08
CA HIS A 341 -14.74 4.28 23.38
C HIS A 341 -14.48 5.42 24.39
N ARG A 342 -13.40 6.19 24.27
CA ARG A 342 -13.26 7.31 25.25
C ARG A 342 -14.37 8.34 25.08
N VAL A 343 -14.77 8.63 23.84
CA VAL A 343 -15.93 9.57 23.72
C VAL A 343 -17.11 9.02 24.54
N VAL A 344 -17.53 7.77 24.41
CA VAL A 344 -18.61 7.18 25.17
C VAL A 344 -18.27 7.17 26.67
N ASP A 345 -17.08 6.80 27.09
CA ASP A 345 -16.70 6.86 28.51
C ASP A 345 -16.92 8.26 29.10
N LEU A 346 -16.55 9.32 28.37
CA LEU A 346 -16.67 10.69 28.81
C LEU A 346 -18.15 11.07 28.94
N VAL A 347 -19.03 10.65 28.06
CA VAL A 347 -20.45 10.99 28.18
C VAL A 347 -21.03 10.28 29.40
N ARG A 348 -20.65 9.03 29.64
CA ARG A 348 -21.20 8.28 30.76
C ARG A 348 -20.65 8.89 32.05
N HIS A 349 -19.42 9.38 32.03
CA HIS A 349 -18.92 10.00 33.28
C HIS A 349 -19.66 11.31 33.48
N MET A 350 -19.87 12.13 32.44
CA MET A 350 -20.60 13.39 32.61
C MET A 350 -22.03 13.13 33.13
N ALA A 351 -22.66 12.09 32.59
CA ALA A 351 -24.01 11.73 33.00
C ALA A 351 -24.06 11.36 34.49
N SER A 352 -23.01 10.71 35.01
CA SER A 352 -23.03 10.31 36.40
C SER A 352 -22.89 11.54 37.30
N LYS A 353 -22.07 12.48 36.83
CA LYS A 353 -21.84 13.67 37.65
C LYS A 353 -23.01 14.59 37.59
N ASP A 354 -23.59 14.82 36.40
CA ASP A 354 -24.81 15.60 36.32
C ASP A 354 -25.92 14.90 37.12
N ARG A 355 -25.97 13.58 37.16
CA ARG A 355 -26.98 12.83 37.89
C ARG A 355 -26.79 13.07 39.38
N SER A 356 -25.57 12.85 39.87
CA SER A 356 -25.20 13.12 41.24
C SER A 356 -25.44 14.60 41.61
N ALA A 357 -25.16 15.52 40.70
CA ALA A 357 -25.31 16.93 41.00
C ALA A 357 -26.71 17.29 41.49
N ARG A 358 -27.73 16.99 40.73
CA ARG A 358 -29.11 17.27 41.04
C ARG A 358 -29.58 16.84 42.42
N LEU A 359 -29.07 15.77 43.00
CA LEU A 359 -29.44 15.25 44.29
C LEU A 359 -29.45 16.33 45.38
N MET B 1 43.97 2.37 -18.72
CA MET B 1 43.11 1.54 -17.85
C MET B 1 43.00 2.15 -16.47
N PRO B 2 41.93 2.90 -16.23
CA PRO B 2 41.65 3.56 -14.97
C PRO B 2 41.42 2.66 -13.78
N ILE B 3 40.65 3.09 -12.78
CA ILE B 3 40.47 2.26 -11.58
C ILE B 3 39.81 0.93 -11.94
N LYS B 4 40.36 -0.21 -11.52
CA LYS B 4 39.87 -1.54 -11.84
C LYS B 4 38.97 -2.17 -10.80
N VAL B 5 37.65 -2.08 -11.11
CA VAL B 5 36.68 -2.51 -10.07
C VAL B 5 35.98 -3.81 -10.35
N GLY B 6 35.70 -4.56 -9.30
CA GLY B 6 34.95 -5.77 -9.38
C GLY B 6 33.77 -5.67 -8.41
N ILE B 7 32.60 -6.13 -8.88
CA ILE B 7 31.51 -6.15 -7.88
C ILE B 7 31.14 -7.57 -7.50
N ASN B 8 31.27 -7.92 -6.23
CA ASN B 8 30.91 -9.22 -5.70
C ASN B 8 29.50 -9.09 -5.07
N GLY B 9 28.61 -9.78 -5.77
CA GLY B 9 27.20 -9.91 -5.39
C GLY B 9 26.46 -9.02 -6.37
N PHE B 10 25.50 -9.55 -7.14
CA PHE B 10 24.90 -8.58 -8.08
C PHE B 10 23.38 -8.59 -7.83
N GLY B 11 23.00 -8.47 -6.56
CA GLY B 11 21.58 -8.41 -6.20
C GLY B 11 21.16 -6.93 -6.31
N ARG B 12 20.22 -6.50 -5.47
CA ARG B 12 19.76 -5.11 -5.63
C ARG B 12 20.84 -4.14 -5.24
N ILE B 13 21.62 -4.52 -4.25
CA ILE B 13 22.68 -3.70 -3.69
C ILE B 13 23.81 -3.49 -4.69
N GLY B 14 24.34 -4.58 -5.23
CA GLY B 14 25.39 -4.44 -6.21
C GLY B 14 24.92 -3.67 -7.44
N ARG B 15 23.70 -3.92 -7.84
CA ARG B 15 23.03 -3.40 -8.99
C ARG B 15 22.87 -1.89 -8.93
N MET B 16 22.39 -1.45 -7.75
CA MET B 16 22.25 -0.01 -7.53
C MET B 16 23.61 0.63 -7.40
N VAL B 17 24.65 -0.02 -6.90
CA VAL B 17 25.98 0.65 -6.87
C VAL B 17 26.49 0.83 -8.29
N PHE B 18 26.31 -0.17 -9.16
CA PHE B 18 26.71 -0.09 -10.55
C PHE B 18 26.07 1.07 -11.31
N GLN B 19 24.74 1.22 -11.17
CA GLN B 19 23.99 2.28 -11.79
C GLN B 19 24.26 3.65 -11.18
N ALA B 20 24.72 3.69 -9.92
CA ALA B 20 25.07 4.97 -9.29
C ALA B 20 26.35 5.45 -9.97
N LEU B 21 27.22 4.44 -10.24
CA LEU B 21 28.46 4.87 -10.92
C LEU B 21 28.19 5.24 -12.36
N CYS B 22 27.24 4.63 -13.06
CA CYS B 22 26.92 5.06 -14.41
C CYS B 22 26.34 6.46 -14.38
N GLU B 23 25.49 6.74 -13.41
CA GLU B 23 24.88 8.03 -13.19
C GLU B 23 25.94 9.09 -12.95
N ASP B 24 27.04 8.81 -12.22
CA ASP B 24 28.04 9.86 -12.08
C ASP B 24 28.99 9.91 -13.26
N GLY B 25 28.75 9.24 -14.39
CA GLY B 25 29.58 9.36 -15.58
C GLY B 25 30.94 8.73 -15.46
N LEU B 26 31.05 7.71 -14.62
CA LEU B 26 32.32 7.07 -14.32
C LEU B 26 32.57 5.85 -15.19
N LEU B 27 31.56 5.25 -15.79
CA LEU B 27 31.76 4.06 -16.59
C LEU B 27 32.66 4.23 -17.82
N GLY B 28 33.63 3.34 -17.95
CA GLY B 28 34.63 3.28 -18.99
C GLY B 28 35.61 4.44 -19.01
N THR B 29 35.42 5.46 -18.21
CA THR B 29 36.28 6.65 -18.27
C THR B 29 37.01 6.92 -16.97
N GLU B 30 36.42 6.59 -15.81
CA GLU B 30 37.16 6.80 -14.57
C GLU B 30 37.24 5.48 -13.82
N ILE B 31 36.25 4.63 -14.08
CA ILE B 31 36.20 3.33 -13.40
C ILE B 31 35.98 2.26 -14.46
N ASP B 32 36.69 1.17 -14.38
CA ASP B 32 36.41 0.09 -15.31
C ASP B 32 35.74 -0.98 -14.47
N VAL B 33 34.48 -1.28 -14.75
CA VAL B 33 33.89 -2.36 -13.94
C VAL B 33 34.37 -3.61 -14.70
N VAL B 34 35.39 -4.29 -14.22
CA VAL B 34 35.87 -5.49 -14.96
C VAL B 34 34.82 -6.59 -14.97
N ALA B 35 34.40 -7.04 -13.80
CA ALA B 35 33.50 -8.15 -13.67
C ALA B 35 32.43 -7.92 -12.60
N VAL B 36 31.41 -8.76 -12.68
CA VAL B 36 30.43 -8.86 -11.63
C VAL B 36 30.22 -10.34 -11.29
N VAL B 37 30.12 -10.63 -10.00
CA VAL B 37 29.92 -12.00 -9.53
C VAL B 37 28.61 -12.14 -8.78
N ASP B 38 27.95 -13.27 -9.00
CA ASP B 38 26.66 -13.63 -8.48
C ASP B 38 26.39 -15.14 -8.58
N MET B 39 25.36 -15.69 -7.97
CA MET B 39 25.07 -17.12 -8.14
C MET B 39 24.27 -17.33 -9.42
N ASN B 40 23.62 -16.30 -9.92
CA ASN B 40 22.87 -16.28 -11.15
C ASN B 40 23.86 -16.07 -12.30
N THR B 41 23.62 -16.72 -13.43
CA THR B 41 24.57 -16.52 -14.53
C THR B 41 23.76 -16.02 -15.73
N ASP B 42 22.43 -16.03 -15.57
CA ASP B 42 21.59 -15.50 -16.65
C ASP B 42 21.84 -14.00 -16.86
N ALA B 43 22.73 -13.67 -17.82
CA ALA B 43 23.05 -12.29 -18.15
C ALA B 43 21.87 -11.50 -18.73
N GLU B 44 20.99 -12.16 -19.46
CA GLU B 44 19.82 -11.51 -20.03
C GLU B 44 18.89 -11.09 -18.88
N TYR B 45 18.82 -11.93 -17.86
CA TYR B 45 18.02 -11.62 -16.69
C TYR B 45 18.63 -10.45 -15.93
N PHE B 46 19.95 -10.37 -15.84
CA PHE B 46 20.63 -9.24 -15.21
C PHE B 46 20.38 -7.93 -15.97
N ALA B 47 20.49 -8.01 -17.29
CA ALA B 47 20.27 -6.88 -18.20
C ALA B 47 18.86 -6.31 -18.00
N TYR B 48 17.88 -7.17 -17.91
CA TYR B 48 16.48 -6.85 -17.65
C TYR B 48 16.29 -6.18 -16.29
N GLN B 49 17.00 -6.70 -15.28
CA GLN B 49 16.94 -6.21 -13.93
C GLN B 49 17.58 -4.81 -13.87
N MET B 50 18.57 -4.60 -14.71
CA MET B 50 19.27 -3.34 -14.78
C MET B 50 18.45 -2.33 -15.55
N ARG B 51 17.67 -2.76 -16.54
CA ARG B 51 16.89 -1.81 -17.36
C ARG B 51 15.68 -1.24 -16.65
N TYR B 52 15.01 -2.04 -15.81
CA TYR B 52 13.79 -1.55 -15.17
C TYR B 52 13.80 -1.60 -13.67
N ASP B 53 13.58 -0.44 -13.07
CA ASP B 53 13.52 -0.32 -11.62
C ASP B 53 12.18 0.28 -11.20
N THR B 54 11.37 -0.47 -10.44
CA THR B 54 10.06 0.01 -10.05
C THR B 54 10.11 1.35 -9.31
N VAL B 55 11.11 1.65 -8.50
CA VAL B 55 11.24 2.93 -7.83
C VAL B 55 12.20 3.89 -8.53
N HIS B 56 13.34 3.39 -9.02
CA HIS B 56 14.23 4.41 -9.59
C HIS B 56 13.96 4.83 -11.02
N GLY B 57 13.14 4.09 -11.76
CA GLY B 57 12.90 4.47 -13.15
C GLY B 57 13.73 3.55 -14.03
N LYS B 58 13.85 4.01 -15.26
CA LYS B 58 14.49 3.35 -16.37
C LYS B 58 15.95 3.66 -16.51
N PHE B 59 16.78 2.65 -16.45
CA PHE B 59 18.23 2.89 -16.62
C PHE B 59 18.40 3.76 -17.87
N LYS B 60 19.30 4.72 -17.85
CA LYS B 60 19.50 5.59 -19.01
C LYS B 60 20.58 5.11 -19.97
N TYR B 61 21.21 3.97 -19.70
CA TYR B 61 22.19 3.48 -20.65
C TYR B 61 21.62 2.20 -21.27
N GLU B 62 21.87 1.98 -22.53
CA GLU B 62 21.48 0.71 -23.18
C GLU B 62 22.30 -0.42 -22.56
N VAL B 63 21.65 -1.57 -22.40
CA VAL B 63 22.21 -2.74 -21.84
C VAL B 63 21.86 -3.90 -22.80
N THR B 64 22.92 -4.52 -23.32
CA THR B 64 22.77 -5.61 -24.28
C THR B 64 23.60 -6.72 -23.69
N THR B 65 23.52 -7.96 -24.20
CA THR B 65 24.39 -9.02 -23.70
C THR B 65 25.14 -9.66 -24.88
N THR B 66 26.30 -10.25 -24.63
CA THR B 66 27.16 -10.86 -25.62
C THR B 66 27.85 -12.10 -25.00
N LYS B 67 28.80 -12.65 -25.74
CA LYS B 67 29.57 -13.81 -25.29
C LYS B 67 31.05 -13.42 -25.21
N SER B 68 31.74 -13.84 -24.16
CA SER B 68 33.14 -13.52 -23.98
C SER B 68 34.00 -14.25 -25.04
N SER B 69 33.64 -15.49 -25.33
CA SER B 69 34.23 -16.28 -26.39
C SER B 69 33.10 -17.11 -27.02
N PRO B 70 33.13 -17.36 -28.32
CA PRO B 70 32.11 -18.10 -29.05
C PRO B 70 31.81 -19.51 -28.59
N SER B 71 32.66 -20.08 -27.76
CA SER B 71 32.60 -21.32 -27.06
C SER B 71 31.47 -21.36 -26.03
N VAL B 72 31.49 -20.30 -25.20
CA VAL B 72 30.60 -20.15 -24.08
C VAL B 72 29.18 -20.59 -24.39
N ALA B 73 28.57 -21.36 -23.50
CA ALA B 73 27.21 -21.86 -23.65
C ALA B 73 26.18 -20.77 -23.88
N LYS B 74 26.26 -19.67 -23.14
CA LYS B 74 25.30 -18.57 -23.28
C LYS B 74 25.92 -17.26 -22.83
N ASP B 75 25.34 -16.15 -23.27
CA ASP B 75 25.83 -14.82 -22.88
C ASP B 75 26.28 -14.82 -21.42
N ASP B 76 27.44 -14.23 -21.23
CA ASP B 76 28.04 -14.15 -19.88
C ASP B 76 28.57 -12.73 -19.67
N THR B 77 28.40 -11.86 -20.63
CA THR B 77 28.96 -10.52 -20.61
C THR B 77 27.83 -9.50 -20.78
N LEU B 78 27.77 -8.52 -19.88
CA LEU B 78 26.76 -7.47 -20.00
C LEU B 78 27.43 -6.33 -20.79
N VAL B 79 26.72 -5.69 -21.70
CA VAL B 79 27.35 -4.58 -22.42
C VAL B 79 26.58 -3.30 -22.06
N VAL B 80 27.18 -2.41 -21.28
CA VAL B 80 26.51 -1.21 -20.80
C VAL B 80 27.16 0.05 -21.38
N ASN B 81 26.45 0.69 -22.31
CA ASN B 81 26.99 1.88 -22.97
C ASN B 81 28.29 1.57 -23.70
N GLY B 82 28.39 0.38 -24.28
CA GLY B 82 29.61 -0.03 -24.96
C GLY B 82 30.54 -0.84 -24.09
N HIS B 83 30.54 -0.67 -22.78
CA HIS B 83 31.45 -1.36 -21.89
C HIS B 83 31.03 -2.78 -21.54
N ARG B 84 31.98 -3.69 -21.76
CA ARG B 84 31.83 -5.09 -21.57
C ARG B 84 32.17 -5.41 -20.13
N ILE B 85 31.22 -6.08 -19.51
CA ILE B 85 31.38 -6.46 -18.11
C ILE B 85 31.08 -7.96 -18.06
N LEU B 86 32.00 -8.69 -17.46
CA LEU B 86 31.80 -10.11 -17.32
C LEU B 86 31.10 -10.55 -16.05
N CYS B 87 30.25 -11.58 -16.29
CA CYS B 87 29.49 -12.17 -15.20
C CYS B 87 30.23 -13.41 -14.77
N VAL B 88 30.55 -13.57 -13.49
CA VAL B 88 31.21 -14.75 -13.02
C VAL B 88 30.34 -15.40 -11.94
N LYS B 89 30.40 -16.71 -11.84
CA LYS B 89 29.63 -17.44 -10.84
C LYS B 89 30.27 -17.23 -9.47
N ALA B 90 29.46 -17.11 -8.42
CA ALA B 90 29.85 -16.93 -7.05
C ALA B 90 30.54 -18.11 -6.39
N GLN B 91 31.55 -17.82 -5.56
CA GLN B 91 32.31 -18.85 -4.89
C GLN B 91 32.03 -18.81 -3.39
N ARG B 92 32.14 -19.92 -2.69
CA ARG B 92 31.91 -19.98 -1.25
C ARG B 92 32.96 -19.18 -0.47
N ASN B 93 34.17 -19.21 -1.02
CA ASN B 93 35.33 -18.51 -0.48
C ASN B 93 35.76 -17.47 -1.51
N PRO B 94 35.80 -16.20 -1.11
CA PRO B 94 36.24 -15.09 -1.95
C PRO B 94 37.66 -15.21 -2.48
N ALA B 95 38.48 -15.96 -1.74
CA ALA B 95 39.83 -16.34 -2.15
C ALA B 95 39.86 -17.12 -3.46
N ASP B 96 38.79 -17.79 -3.84
CA ASP B 96 38.66 -18.46 -5.13
C ASP B 96 38.33 -17.57 -6.31
N LEU B 97 37.77 -16.37 -6.07
CA LEU B 97 37.46 -15.52 -7.22
C LEU B 97 38.74 -15.18 -7.99
N PRO B 98 38.62 -14.99 -9.29
CA PRO B 98 39.74 -14.71 -10.17
C PRO B 98 40.11 -13.25 -10.26
N TRP B 99 40.15 -12.57 -9.10
CA TRP B 99 40.40 -11.14 -9.06
C TRP B 99 41.71 -10.81 -9.78
N GLY B 100 42.75 -11.46 -9.30
CA GLY B 100 44.10 -11.33 -9.87
C GLY B 100 44.13 -11.56 -11.37
N LYS B 101 43.62 -12.71 -11.79
CA LYS B 101 43.54 -13.06 -13.20
C LYS B 101 42.92 -11.96 -14.06
N LEU B 102 41.84 -11.35 -13.56
CA LEU B 102 41.13 -10.24 -14.15
C LEU B 102 41.77 -8.88 -14.10
N GLY B 103 42.71 -8.64 -13.19
CA GLY B 103 43.33 -7.32 -13.03
C GLY B 103 42.51 -6.36 -12.15
N VAL B 104 41.62 -6.88 -11.33
CA VAL B 104 40.80 -6.05 -10.46
C VAL B 104 41.55 -5.65 -9.21
N GLU B 105 41.62 -4.37 -8.79
CA GLU B 105 42.28 -4.05 -7.53
C GLU B 105 41.25 -3.77 -6.42
N TYR B 106 40.12 -3.18 -6.73
CA TYR B 106 39.08 -2.88 -5.73
C TYR B 106 37.84 -3.73 -5.87
N VAL B 107 37.46 -4.34 -4.77
CA VAL B 107 36.27 -5.17 -4.73
C VAL B 107 35.23 -4.50 -3.84
N ILE B 108 34.06 -4.38 -4.46
CA ILE B 108 32.87 -3.90 -3.76
C ILE B 108 32.17 -5.17 -3.28
N GLU B 109 32.23 -5.37 -1.97
CA GLU B 109 31.62 -6.55 -1.37
C GLU B 109 30.18 -6.32 -0.97
N SER B 110 29.28 -6.75 -1.86
CA SER B 110 27.85 -6.52 -1.61
C SER B 110 27.00 -7.76 -1.36
N THR B 111 27.59 -8.96 -1.26
CA THR B 111 26.80 -10.16 -1.07
C THR B 111 26.02 -10.23 0.22
N GLY B 112 26.51 -9.58 1.25
CA GLY B 112 26.02 -9.62 2.59
C GLY B 112 26.53 -10.82 3.40
N LEU B 113 27.37 -11.65 2.80
CA LEU B 113 27.88 -12.84 3.46
C LEU B 113 29.25 -12.71 4.06
N PHE B 114 30.01 -11.74 3.59
CA PHE B 114 31.38 -11.55 3.94
C PHE B 114 31.62 -10.21 4.62
N THR B 115 30.78 -9.99 5.59
CA THR B 115 30.73 -8.81 6.44
C THR B 115 31.77 -8.86 7.55
N ALA B 116 32.28 -10.04 7.90
CA ALA B 116 33.38 -10.10 8.89
C ALA B 116 34.67 -9.80 8.12
N LYS B 117 35.53 -8.96 8.73
CA LYS B 117 36.76 -8.59 8.04
C LYS B 117 37.59 -9.75 7.53
N ALA B 118 37.86 -10.81 8.29
CA ALA B 118 38.67 -11.92 7.80
C ALA B 118 37.93 -12.70 6.72
N ALA B 119 36.60 -12.76 6.71
CA ALA B 119 35.92 -13.40 5.59
C ALA B 119 36.16 -12.58 4.33
N ALA B 120 36.05 -11.25 4.54
CA ALA B 120 36.25 -10.31 3.44
C ALA B 120 37.71 -10.34 2.99
N GLU B 121 38.64 -10.61 3.89
CA GLU B 121 40.06 -10.70 3.46
C GLU B 121 40.25 -11.67 2.30
N GLY B 122 39.58 -12.81 2.21
CA GLY B 122 39.64 -13.70 1.07
C GLY B 122 39.76 -13.02 -0.28
N HIS B 123 39.15 -11.89 -0.59
CA HIS B 123 39.30 -11.23 -1.88
C HIS B 123 40.72 -10.79 -2.20
N LEU B 124 41.48 -10.43 -1.16
CA LEU B 124 42.87 -10.00 -1.38
C LEU B 124 43.72 -11.22 -1.69
N ARG B 125 43.33 -12.34 -1.11
CA ARG B 125 43.97 -13.63 -1.31
C ARG B 125 43.77 -14.06 -2.76
N GLY B 126 42.62 -13.68 -3.34
CA GLY B 126 42.31 -13.95 -4.73
C GLY B 126 42.85 -12.94 -5.73
N GLY B 127 43.71 -12.02 -5.31
CA GLY B 127 44.31 -11.08 -6.25
C GLY B 127 43.97 -9.62 -6.08
N ALA B 128 42.96 -9.31 -5.28
CA ALA B 128 42.51 -7.93 -5.08
C ALA B 128 43.34 -7.18 -4.07
N ARG B 129 43.40 -5.86 -4.16
CA ARG B 129 44.14 -4.99 -3.28
C ARG B 129 43.25 -4.39 -2.19
N LYS B 130 42.02 -4.05 -2.51
CA LYS B 130 41.14 -3.41 -1.56
C LYS B 130 39.73 -3.97 -1.71
N VAL B 131 39.11 -4.03 -0.53
CA VAL B 131 37.72 -4.41 -0.42
C VAL B 131 36.93 -3.30 0.33
N VAL B 132 35.79 -2.95 -0.25
CA VAL B 132 34.85 -2.00 0.34
C VAL B 132 33.59 -2.83 0.59
N ILE B 133 33.25 -3.07 1.86
CA ILE B 133 32.03 -3.80 2.18
C ILE B 133 30.87 -2.78 2.17
N SER B 134 29.81 -3.11 1.47
CA SER B 134 28.65 -2.25 1.33
C SER B 134 27.54 -2.51 2.36
N ALA B 135 27.97 -2.51 3.61
CA ALA B 135 27.21 -2.74 4.82
C ALA B 135 28.18 -2.62 5.99
N PRO B 136 27.66 -2.58 7.20
CA PRO B 136 28.47 -2.47 8.40
C PRO B 136 29.29 -3.75 8.54
N ALA B 137 30.43 -3.70 9.21
CA ALA B 137 31.26 -4.91 9.30
C ALA B 137 31.64 -5.25 10.71
N SER B 138 32.29 -6.40 10.88
CA SER B 138 32.78 -6.77 12.23
C SER B 138 34.21 -7.26 12.08
N GLY B 139 34.90 -7.47 13.21
CA GLY B 139 36.30 -7.90 13.17
C GLY B 139 37.23 -6.69 12.97
N GLY B 140 36.71 -5.50 13.28
CA GLY B 140 37.55 -4.31 13.02
C GLY B 140 37.34 -4.20 11.50
N ALA B 141 38.10 -3.43 10.78
CA ALA B 141 37.73 -3.11 9.39
C ALA B 141 37.19 -1.67 9.64
N LYS B 142 38.05 -0.80 9.22
CA LYS B 142 37.82 0.63 9.33
C LYS B 142 36.43 0.90 8.73
N THR B 143 35.62 1.55 9.55
CA THR B 143 34.33 2.03 9.09
C THR B 143 34.56 3.48 8.67
N LEU B 144 34.24 3.78 7.42
CA LEU B 144 34.38 5.07 6.80
C LEU B 144 33.06 5.58 6.20
N VAL B 145 32.71 6.82 6.56
CA VAL B 145 31.55 7.50 6.12
C VAL B 145 32.00 8.78 5.41
N MET B 146 31.64 8.76 4.10
CA MET B 146 32.06 9.91 3.26
C MET B 146 31.53 11.22 3.79
N GLY B 147 32.38 12.25 3.90
CA GLY B 147 32.08 13.58 4.37
C GLY B 147 32.09 13.65 5.89
N VAL B 148 32.30 12.53 6.54
CA VAL B 148 32.42 12.52 8.01
C VAL B 148 33.82 12.16 8.44
N ASN B 149 34.26 10.92 8.23
CA ASN B 149 35.63 10.60 8.67
C ASN B 149 36.48 10.04 7.56
N HIS B 150 36.08 10.13 6.28
CA HIS B 150 36.79 9.48 5.20
C HIS B 150 38.25 9.82 5.04
N HIS B 151 38.79 10.90 5.57
CA HIS B 151 40.18 11.24 5.56
C HIS B 151 40.98 10.41 6.55
N GLU B 152 40.34 9.55 7.34
CA GLU B 152 41.05 8.65 8.26
C GLU B 152 41.56 7.45 7.44
N TYR B 153 41.06 7.30 6.22
CA TYR B 153 41.56 6.23 5.35
C TYR B 153 43.08 6.29 5.27
N ASN B 154 43.72 5.15 5.57
CA ASN B 154 45.17 5.10 5.51
C ASN B 154 45.52 3.92 4.60
N PRO B 155 45.87 4.25 3.35
CA PRO B 155 46.22 3.29 2.35
C PRO B 155 46.96 2.05 2.75
N SER B 156 47.93 1.76 3.63
CA SER B 156 48.16 0.29 3.67
C SER B 156 47.80 -0.20 5.06
N GLU B 157 46.99 0.53 5.80
CA GLU B 157 46.60 -0.12 7.06
C GLU B 157 45.21 -0.66 6.68
N HIS B 158 44.52 0.17 5.90
CA HIS B 158 43.13 -0.20 5.60
C HIS B 158 43.01 -0.81 4.22
N HIS B 159 42.81 -2.13 4.25
CA HIS B 159 42.67 -2.89 3.00
C HIS B 159 41.24 -3.31 2.74
N VAL B 160 40.62 -3.64 3.86
CA VAL B 160 39.24 -4.09 3.99
C VAL B 160 38.49 -3.09 4.86
N VAL B 161 37.56 -2.35 4.21
CA VAL B 161 36.79 -1.30 4.84
C VAL B 161 35.25 -1.46 4.68
N SER B 162 34.53 -0.84 5.62
CA SER B 162 33.10 -0.79 5.65
C SER B 162 32.62 0.62 5.27
N ASN B 163 31.65 0.67 4.38
CA ASN B 163 31.01 1.96 4.06
C ASN B 163 29.82 2.23 4.97
N ALA B 164 29.64 1.52 6.05
CA ALA B 164 28.58 1.62 7.04
C ALA B 164 27.27 1.19 6.41
N SER B 165 26.14 1.64 6.84
CA SER B 165 24.79 1.35 6.45
C SER B 165 24.13 2.63 5.94
N CYS B 166 23.01 2.50 5.24
CA CYS B 166 22.32 3.65 4.73
C CYS B 166 21.82 4.56 5.86
N THR B 167 21.25 4.01 6.93
CA THR B 167 20.83 4.84 8.05
C THR B 167 22.03 5.57 8.69
N THR B 168 23.18 4.91 8.81
CA THR B 168 24.29 5.61 9.46
C THR B 168 24.80 6.71 8.52
N ASN B 169 24.72 6.57 7.20
CA ASN B 169 25.15 7.66 6.32
C ASN B 169 24.21 8.85 6.36
N CYS B 170 23.01 8.64 6.89
CA CYS B 170 22.05 9.74 6.97
C CYS B 170 22.29 10.48 8.27
N LEU B 171 22.42 9.71 9.33
CA LEU B 171 22.56 10.31 10.68
C LEU B 171 23.94 10.91 10.94
N ALA B 172 25.00 10.19 10.52
CA ALA B 172 26.37 10.67 10.75
C ALA B 172 26.62 12.07 10.27
N PRO B 173 26.32 12.45 9.05
CA PRO B 173 26.46 13.81 8.59
C PRO B 173 25.74 14.78 9.48
N ILE B 174 24.55 14.47 10.04
CA ILE B 174 23.86 15.43 10.88
C ILE B 174 24.68 15.58 12.17
N VAL B 175 25.04 14.49 12.79
CA VAL B 175 25.79 14.53 14.04
C VAL B 175 27.15 15.24 13.76
N HIS B 176 27.77 14.94 12.63
CA HIS B 176 29.07 15.54 12.31
C HIS B 176 29.03 17.06 12.30
N VAL B 177 28.00 17.62 11.66
CA VAL B 177 27.82 19.07 11.65
C VAL B 177 27.52 19.55 13.06
N LEU B 178 26.67 18.87 13.80
CA LEU B 178 26.41 19.30 15.17
C LEU B 178 27.64 19.40 16.08
N VAL B 179 28.60 18.50 15.96
CA VAL B 179 29.86 18.46 16.64
C VAL B 179 30.86 19.48 16.07
N LYS B 180 31.06 19.49 14.76
CA LYS B 180 31.99 20.36 14.08
C LYS B 180 31.61 21.82 14.23
N GLU B 181 30.34 22.16 14.17
CA GLU B 181 29.95 23.56 14.38
C GLU B 181 29.94 23.94 15.82
N GLY B 182 30.24 23.12 16.82
CA GLY B 182 30.31 23.51 18.21
C GLY B 182 29.08 23.37 19.07
N PHE B 183 27.98 22.79 18.55
CA PHE B 183 26.80 22.56 19.37
C PHE B 183 26.99 21.43 20.36
N GLY B 184 27.66 20.41 19.90
CA GLY B 184 27.99 19.18 20.56
C GLY B 184 26.70 18.39 20.87
N VAL B 185 26.87 17.16 21.25
CA VAL B 185 25.81 16.23 21.51
C VAL B 185 26.08 15.57 22.87
N GLN B 186 25.30 15.87 23.88
CA GLN B 186 25.54 15.21 25.19
C GLN B 186 24.89 13.86 25.21
N THR B 187 23.65 13.71 24.67
CA THR B 187 22.89 12.51 24.58
C THR B 187 21.91 12.72 23.40
N GLY B 188 21.55 11.69 22.76
CA GLY B 188 20.71 11.70 21.57
C GLY B 188 20.06 10.36 21.31
N LEU B 189 18.79 10.43 20.91
CA LEU B 189 18.11 9.17 20.56
C LEU B 189 17.52 9.39 19.17
N MET B 190 17.70 8.38 18.32
CA MET B 190 17.33 8.43 16.94
C MET B 190 16.20 7.46 16.55
N THR B 191 15.21 7.96 15.88
CA THR B 191 14.18 7.06 15.36
C THR B 191 14.22 7.27 13.83
N THR B 192 14.39 6.16 13.13
CA THR B 192 14.34 6.16 11.68
C THR B 192 13.00 5.54 11.26
N ILE B 193 12.29 6.27 10.43
CA ILE B 193 11.03 5.75 9.85
C ILE B 193 11.49 5.34 8.47
N HIS B 194 11.56 4.06 8.27
CA HIS B 194 12.06 3.21 7.29
C HIS B 194 11.14 2.49 6.30
N SER B 195 11.36 2.70 5.01
CA SER B 195 10.74 1.97 3.94
C SER B 195 11.09 0.47 3.99
N TYR B 196 10.23 -0.35 3.38
CA TYR B 196 10.55 -1.78 3.55
C TYR B 196 11.79 -2.09 2.72
N THR B 197 12.36 -3.23 3.06
CA THR B 197 13.53 -3.75 2.38
C THR B 197 13.26 -5.19 1.94
N ALA B 198 14.18 -5.76 1.19
CA ALA B 198 14.12 -7.13 0.73
C ALA B 198 14.20 -8.20 1.81
N THR B 199 14.58 -7.91 3.06
CA THR B 199 14.59 -8.95 4.09
C THR B 199 13.20 -9.06 4.73
N GLN B 200 12.31 -8.13 4.38
CA GLN B 200 10.95 -8.12 4.89
C GLN B 200 10.13 -9.15 4.13
N LYS B 201 8.87 -9.31 4.48
CA LYS B 201 8.00 -10.30 3.89
C LYS B 201 6.64 -9.71 3.47
N THR B 202 6.22 -10.12 2.25
CA THR B 202 4.93 -9.69 1.70
C THR B 202 3.78 -10.07 2.65
N VAL B 203 3.69 -11.35 3.04
CA VAL B 203 2.66 -11.74 3.99
C VAL B 203 3.29 -12.26 5.29
N ASP B 204 2.55 -12.38 6.39
CA ASP B 204 3.20 -12.89 7.62
C ASP B 204 3.86 -14.24 7.26
N GLY B 205 5.14 -14.33 7.63
CA GLY B 205 5.91 -15.53 7.33
C GLY B 205 6.70 -15.97 8.55
N VAL B 206 7.90 -16.44 8.26
CA VAL B 206 8.84 -16.90 9.27
C VAL B 206 10.11 -16.04 9.28
N SER B 207 10.33 -15.39 10.42
CA SER B 207 11.56 -14.64 10.66
C SER B 207 11.96 -14.97 12.10
N VAL B 208 12.57 -16.14 12.34
CA VAL B 208 12.91 -16.56 13.70
C VAL B 208 13.67 -15.56 14.55
N LYS B 209 14.66 -14.86 14.01
CA LYS B 209 15.50 -13.94 14.78
C LYS B 209 14.89 -12.57 14.96
N ASP B 210 13.86 -12.26 14.16
CA ASP B 210 13.18 -10.96 14.36
C ASP B 210 11.69 -11.24 14.30
N TRP B 211 11.03 -11.53 15.41
CA TRP B 211 9.61 -11.92 15.39
C TRP B 211 8.74 -10.86 14.74
N ARG B 212 8.95 -9.58 15.10
CA ARG B 212 8.14 -8.53 14.50
C ARG B 212 8.50 -8.39 13.01
N GLY B 213 9.78 -8.59 12.74
CA GLY B 213 10.36 -8.53 11.41
C GLY B 213 9.78 -9.52 10.44
N GLY B 214 9.17 -10.61 10.89
CA GLY B 214 8.55 -11.55 9.98
C GLY B 214 7.14 -11.24 9.60
N ARG B 215 6.47 -10.29 10.24
CA ARG B 215 5.08 -9.96 9.96
C ARG B 215 5.00 -9.21 8.66
N ALA B 216 3.85 -9.10 8.06
CA ALA B 216 3.49 -8.52 6.79
C ALA B 216 3.94 -7.06 6.72
N ALA B 217 4.88 -6.79 5.79
CA ALA B 217 5.48 -5.48 5.73
C ALA B 217 4.59 -4.43 5.10
N ALA B 218 3.72 -4.80 4.14
CA ALA B 218 2.99 -3.72 3.48
C ALA B 218 1.74 -3.29 4.17
N VAL B 219 1.33 -3.79 5.31
CA VAL B 219 0.15 -3.34 6.02
C VAL B 219 0.44 -3.12 7.51
N ASN B 220 1.70 -3.09 7.94
CA ASN B 220 2.03 -2.84 9.34
C ASN B 220 3.13 -1.78 9.51
N ILE B 221 3.12 -1.27 10.74
CA ILE B 221 4.17 -0.41 11.29
C ILE B 221 4.90 -1.42 12.17
N ILE B 222 6.16 -1.68 11.86
CA ILE B 222 6.93 -2.74 12.52
C ILE B 222 8.16 -2.21 13.19
N PRO B 223 8.11 -2.21 14.50
CA PRO B 223 9.28 -1.73 15.28
C PRO B 223 10.45 -2.68 15.11
N SER B 224 11.66 -2.11 15.19
CA SER B 224 12.91 -2.80 15.16
C SER B 224 14.04 -2.05 15.84
N THR B 225 14.86 -2.74 16.62
CA THR B 225 16.10 -2.20 17.16
C THR B 225 16.96 -1.98 15.88
N THR B 226 18.03 -1.23 15.98
CA THR B 226 18.94 -0.94 14.87
C THR B 226 20.26 -0.47 15.50
N GLY B 227 21.34 -0.67 14.74
CA GLY B 227 22.65 -0.30 15.27
C GLY B 227 23.23 0.94 14.64
N ALA B 228 22.49 1.58 13.74
CA ALA B 228 23.01 2.76 13.04
C ALA B 228 23.48 3.89 13.95
N ALA B 229 22.75 4.21 15.00
CA ALA B 229 23.04 5.31 15.87
C ALA B 229 24.24 5.01 16.74
N LYS B 230 24.35 3.78 17.29
CA LYS B 230 25.53 3.35 18.00
C LYS B 230 26.69 3.27 17.04
N ALA B 231 26.48 2.79 15.81
CA ALA B 231 27.55 2.78 14.80
C ALA B 231 28.13 4.16 14.56
N VAL B 232 27.33 5.23 14.69
CA VAL B 232 27.92 6.57 14.54
C VAL B 232 29.10 6.78 15.52
N GLY B 233 29.23 6.07 16.63
CA GLY B 233 30.32 6.11 17.59
C GLY B 233 31.67 5.65 17.04
N MET B 234 31.71 4.89 15.97
CA MET B 234 32.90 4.43 15.31
C MET B 234 33.52 5.50 14.41
N VAL B 235 32.61 6.32 13.91
CA VAL B 235 33.06 7.30 12.92
C VAL B 235 33.21 8.65 13.55
N ILE B 236 32.54 8.88 14.68
CA ILE B 236 32.59 10.14 15.41
C ILE B 236 32.76 9.70 16.87
N PRO B 237 33.97 9.29 17.20
CA PRO B 237 34.29 8.64 18.48
C PRO B 237 33.81 9.27 19.74
N SER B 238 33.72 10.58 19.89
CA SER B 238 33.18 11.32 20.97
C SER B 238 31.72 10.97 21.22
N THR B 239 30.98 10.41 20.24
CA THR B 239 29.63 10.09 20.54
C THR B 239 29.46 8.66 21.06
N GLN B 240 30.49 7.85 21.24
CA GLN B 240 30.27 6.47 21.69
C GLN B 240 29.55 6.49 23.01
N GLY B 241 28.57 5.62 23.25
CA GLY B 241 27.89 5.71 24.57
C GLY B 241 26.85 6.82 24.69
N LYS B 242 26.79 7.78 23.80
CA LYS B 242 25.84 8.86 23.97
C LYS B 242 24.60 8.78 23.05
N LEU B 243 24.57 7.84 22.14
CA LEU B 243 23.55 7.79 21.10
C LEU B 243 23.03 6.40 20.82
N THR B 244 21.72 6.17 20.74
CA THR B 244 21.20 4.88 20.28
C THR B 244 19.85 5.19 19.64
N GLY B 245 19.16 4.23 19.11
CA GLY B 245 17.90 4.51 18.46
C GLY B 245 17.21 3.24 18.02
N MET B 246 16.16 3.42 17.24
CA MET B 246 15.31 2.33 16.83
C MET B 246 14.78 2.71 15.45
N SER B 247 14.17 1.70 14.86
CA SER B 247 13.54 1.88 13.57
C SER B 247 12.05 1.52 13.72
N PHE B 248 11.22 2.13 12.89
CA PHE B 248 9.86 1.70 12.63
C PHE B 248 9.80 1.55 11.08
N ARG B 249 9.52 0.28 10.72
CA ARG B 249 9.42 -0.04 9.30
C ARG B 249 7.99 0.13 8.79
N VAL B 250 7.85 0.91 7.72
CA VAL B 250 6.53 1.29 7.24
C VAL B 250 6.35 0.94 5.79
N PRO B 251 5.14 0.79 5.34
CA PRO B 251 4.83 0.38 3.97
C PRO B 251 5.03 1.38 2.85
N THR B 252 6.21 1.87 2.63
CA THR B 252 6.57 2.67 1.45
C THR B 252 7.65 1.89 0.72
N PRO B 253 7.70 1.92 -0.61
CA PRO B 253 8.70 1.26 -1.45
C PRO B 253 10.16 1.65 -1.18
N ASP B 254 10.38 2.98 -1.02
CA ASP B 254 11.72 3.47 -0.72
C ASP B 254 11.72 4.87 -0.14
N VAL B 255 12.74 5.38 0.47
CA VAL B 255 12.96 6.66 1.07
C VAL B 255 12.57 6.57 2.54
N SER B 256 13.53 7.04 3.36
CA SER B 256 13.44 6.90 4.82
C SER B 256 13.77 8.28 5.46
N VAL B 257 13.54 8.37 6.74
CA VAL B 257 13.73 9.69 7.38
C VAL B 257 14.19 9.44 8.80
N VAL B 258 15.09 10.28 9.24
CA VAL B 258 15.70 10.14 10.58
C VAL B 258 15.07 11.23 11.38
N ASP B 259 14.68 10.85 12.57
CA ASP B 259 14.06 11.79 13.51
C ASP B 259 15.03 11.73 14.72
N LEU B 260 15.92 12.71 14.80
CA LEU B 260 16.93 12.71 15.87
C LEU B 260 16.61 13.58 17.08
N THR B 261 16.51 13.04 18.28
CA THR B 261 16.22 13.97 19.40
C THR B 261 17.48 14.00 20.27
N PHE B 262 17.94 15.22 20.62
CA PHE B 262 19.22 15.23 21.31
C PHE B 262 19.34 16.50 22.15
N THR B 263 20.22 16.36 23.17
CA THR B 263 20.59 17.47 24.02
C THR B 263 21.95 18.00 23.63
N ALA B 264 22.06 19.26 23.23
CA ALA B 264 23.28 19.92 22.85
C ALA B 264 24.24 20.14 24.06
N ALA B 265 25.54 20.27 23.77
CA ALA B 265 26.53 20.51 24.83
C ALA B 265 26.67 21.99 25.17
N ARG B 266 26.01 22.93 24.52
CA ARG B 266 26.06 24.34 24.94
C ARG B 266 24.66 24.89 24.64
N ASP B 267 24.35 25.99 25.30
CA ASP B 267 23.10 26.70 25.01
C ASP B 267 23.13 27.12 23.56
N THR B 268 22.03 27.01 22.85
CA THR B 268 21.97 27.37 21.42
C THR B 268 20.51 27.65 21.07
N SER B 269 19.95 27.39 19.93
CA SER B 269 18.62 27.61 19.48
C SER B 269 18.37 26.80 18.17
N ILE B 270 17.14 26.44 17.88
CA ILE B 270 16.95 25.61 16.65
C ILE B 270 17.32 26.41 15.43
N GLN B 271 17.15 27.74 15.43
CA GLN B 271 17.58 28.66 14.44
C GLN B 271 19.09 28.61 14.20
N GLU B 272 19.92 28.64 15.24
CA GLU B 272 21.37 28.57 14.92
C GLU B 272 21.73 27.18 14.36
N ILE B 273 21.16 26.15 14.95
CA ILE B 273 21.36 24.79 14.37
C ILE B 273 20.91 24.71 12.92
N ASP B 274 19.73 25.23 12.60
CA ASP B 274 19.23 25.28 11.24
C ASP B 274 20.16 26.13 10.33
N ALA B 275 20.72 27.27 10.79
CA ALA B 275 21.63 28.02 9.91
C ALA B 275 22.93 27.26 9.63
N ALA B 276 23.48 26.57 10.59
CA ALA B 276 24.69 25.77 10.49
C ALA B 276 24.50 24.55 9.56
N LEU B 277 23.36 23.87 9.67
CA LEU B 277 23.16 22.76 8.69
C LEU B 277 23.16 23.26 7.26
N LYS B 278 22.49 24.39 6.99
CA LYS B 278 22.47 24.96 5.65
C LYS B 278 23.84 25.42 5.18
N ARG B 279 24.57 26.08 6.07
CA ARG B 279 25.92 26.56 5.72
C ARG B 279 26.81 25.35 5.40
N ALA B 280 26.74 24.33 6.26
CA ALA B 280 27.55 23.13 6.06
C ALA B 280 27.18 22.51 4.72
N SER B 281 25.90 22.38 4.37
CA SER B 281 25.44 21.73 3.18
C SER B 281 25.99 22.40 1.91
N LYS B 282 26.10 23.74 1.97
CA LYS B 282 26.65 24.45 0.82
C LYS B 282 28.16 24.37 0.84
N THR B 283 28.84 23.95 1.91
CA THR B 283 30.31 24.06 1.76
C THR B 283 31.00 22.72 1.97
N TYR B 284 31.46 22.47 3.19
CA TYR B 284 32.19 21.25 3.46
C TYR B 284 31.44 19.96 3.38
N MET B 285 30.08 20.03 3.44
CA MET B 285 29.27 18.84 3.30
C MET B 285 28.60 18.69 1.92
N LYS B 286 28.98 19.57 1.00
CA LYS B 286 28.32 19.59 -0.32
C LYS B 286 28.36 18.26 -0.96
N GLY B 287 27.27 17.78 -1.59
CA GLY B 287 27.15 16.47 -2.15
C GLY B 287 26.84 15.39 -1.09
N ILE B 288 27.06 15.66 0.20
CA ILE B 288 26.77 14.59 1.18
C ILE B 288 25.50 14.95 1.96
N LEU B 289 25.37 16.16 2.43
CA LEU B 289 24.22 16.64 3.20
C LEU B 289 23.58 17.77 2.39
N GLY B 290 22.27 17.72 2.21
CA GLY B 290 21.66 18.90 1.59
C GLY B 290 20.56 19.29 2.59
N TYR B 291 19.71 20.19 2.15
CA TYR B 291 18.56 20.54 2.96
C TYR B 291 17.53 21.02 1.92
N THR B 292 16.32 20.97 2.39
CA THR B 292 15.18 21.47 1.66
C THR B 292 14.49 22.46 2.60
N ASP B 293 13.90 23.53 2.06
CA ASP B 293 13.01 24.28 2.94
C ASP B 293 11.61 24.22 2.23
N GLU B 294 11.32 23.20 1.44
CA GLU B 294 10.01 23.15 0.80
C GLU B 294 9.09 22.14 1.52
N GLU B 295 7.83 21.99 1.05
CA GLU B 295 6.96 21.06 1.76
C GLU B 295 7.02 19.65 1.17
N LEU B 296 8.15 18.98 1.39
CA LEU B 296 8.37 17.70 0.73
C LEU B 296 7.86 16.51 1.50
N VAL B 297 7.58 15.49 0.65
CA VAL B 297 7.12 14.20 1.13
C VAL B 297 8.15 13.21 0.63
N SER B 298 8.05 11.96 1.11
CA SER B 298 9.11 11.00 0.76
C SER B 298 9.40 10.78 -0.70
N ALA B 299 8.43 10.65 -1.59
CA ALA B 299 8.61 10.56 -3.02
C ALA B 299 9.53 11.62 -3.58
N ASP B 300 9.55 12.83 -3.03
CA ASP B 300 10.37 13.92 -3.51
C ASP B 300 11.85 13.68 -3.25
N PHE B 301 12.24 12.68 -2.46
CA PHE B 301 13.67 12.45 -2.34
C PHE B 301 14.15 11.29 -3.19
N ILE B 302 13.30 10.61 -3.94
CA ILE B 302 13.64 9.46 -4.73
C ILE B 302 14.70 9.87 -5.74
N ASN B 303 15.79 9.10 -5.79
CA ASN B 303 16.87 9.43 -6.72
C ASN B 303 17.73 10.58 -6.20
N ASP B 304 17.57 11.06 -4.99
CA ASP B 304 18.43 12.11 -4.47
C ASP B 304 19.75 11.46 -4.08
N ASN B 305 20.88 11.94 -4.57
CA ASN B 305 22.08 11.19 -4.24
C ASN B 305 22.92 11.65 -3.06
N ARG B 306 22.36 12.54 -2.25
CA ARG B 306 22.90 13.03 -1.02
C ARG B 306 22.66 11.90 -0.01
N SER B 307 23.46 11.91 1.03
CA SER B 307 23.35 10.90 2.06
C SER B 307 22.25 11.28 3.06
N SER B 308 22.06 12.59 3.18
CA SER B 308 21.17 13.09 4.22
C SER B 308 20.69 14.46 3.73
N ILE B 309 19.40 14.65 3.73
CA ILE B 309 18.79 15.84 3.25
C ILE B 309 17.93 16.41 4.40
N TYR B 310 18.54 17.42 5.07
CA TYR B 310 17.87 18.08 6.18
C TYR B 310 16.57 18.78 5.76
N ASP B 311 15.54 18.54 6.58
CA ASP B 311 14.21 19.12 6.37
C ASP B 311 14.10 20.35 7.28
N SER B 312 14.53 21.50 6.82
CA SER B 312 14.48 22.77 7.49
C SER B 312 13.06 23.08 7.99
N LYS B 313 12.04 23.08 7.16
CA LYS B 313 10.68 23.40 7.67
C LYS B 313 10.15 22.42 8.69
N ALA B 314 10.30 21.08 8.46
CA ALA B 314 9.86 20.15 9.47
C ALA B 314 10.62 20.42 10.76
N THR B 315 11.92 20.60 10.71
CA THR B 315 12.70 20.93 11.94
C THR B 315 12.30 22.26 12.57
N LEU B 316 12.24 23.39 11.91
CA LEU B 316 11.90 24.66 12.55
C LEU B 316 10.49 24.66 13.10
N GLN B 317 9.54 23.98 12.47
CA GLN B 317 8.17 24.07 12.98
C GLN B 317 7.86 23.24 14.18
N ASN B 318 8.56 22.18 14.51
CA ASN B 318 8.19 21.20 15.53
C ASN B 318 9.21 21.13 16.64
N ASN B 319 9.89 22.22 16.95
CA ASN B 319 10.78 22.32 18.08
C ASN B 319 10.19 23.27 19.15
N LEU B 320 10.64 23.25 20.37
CA LEU B 320 10.11 24.02 21.47
C LEU B 320 10.49 25.50 21.42
N PRO B 321 9.47 26.36 21.56
CA PRO B 321 9.65 27.81 21.54
C PRO B 321 10.78 28.25 22.46
N LYS B 322 11.81 28.92 22.02
CA LYS B 322 12.98 29.35 22.77
C LYS B 322 13.82 28.31 23.47
N GLU B 323 13.68 27.03 23.15
CA GLU B 323 14.47 25.99 23.77
C GLU B 323 15.94 26.21 23.56
N ARG B 324 16.80 26.00 24.54
CA ARG B 324 18.22 26.12 24.41
C ARG B 324 18.98 24.83 24.30
N ARG B 325 18.36 23.71 24.68
CA ARG B 325 19.24 22.50 24.60
C ARG B 325 18.58 21.30 23.96
N PHE B 326 17.23 21.19 24.07
CA PHE B 326 16.60 19.90 23.72
C PHE B 326 15.85 20.02 22.39
N PHE B 327 16.42 19.48 21.33
CA PHE B 327 15.99 19.63 19.94
C PHE B 327 15.72 18.35 19.14
N LYS B 328 14.84 18.57 18.16
CA LYS B 328 14.56 17.49 17.20
C LYS B 328 15.10 17.91 15.81
N ILE B 329 15.86 17.06 15.16
CA ILE B 329 16.34 17.30 13.79
C ILE B 329 15.75 16.19 12.91
N VAL B 330 15.05 16.63 11.89
CA VAL B 330 14.48 15.78 10.81
C VAL B 330 15.34 15.81 9.55
N SER B 331 15.76 14.66 9.01
CA SER B 331 16.52 14.51 7.80
C SER B 331 16.15 13.21 7.04
N TRP B 332 16.03 13.39 5.73
CA TRP B 332 15.65 12.32 4.85
C TRP B 332 16.83 11.66 4.17
N TYR B 333 16.55 10.48 3.52
CA TYR B 333 17.47 9.79 2.70
C TYR B 333 16.72 8.78 1.80
N ASP B 334 17.23 8.67 0.58
CA ASP B 334 16.77 7.70 -0.37
C ASP B 334 17.61 6.51 0.10
N ASN B 335 17.11 5.67 0.95
CA ASN B 335 17.83 4.60 1.59
C ASN B 335 18.59 3.73 0.62
N GLU B 336 18.06 3.46 -0.55
CA GLU B 336 18.78 2.79 -1.59
C GLU B 336 19.75 3.68 -2.37
N TRP B 337 19.43 4.84 -2.93
CA TRP B 337 20.30 5.62 -3.77
C TRP B 337 21.50 6.41 -3.22
N GLY B 338 21.31 7.23 -2.22
CA GLY B 338 22.43 7.98 -1.60
C GLY B 338 23.48 6.97 -1.15
N TYR B 339 23.10 5.92 -0.43
CA TYR B 339 24.10 4.94 -0.02
C TYR B 339 24.87 4.41 -1.22
N SER B 340 24.20 4.10 -2.34
CA SER B 340 24.95 3.54 -3.48
C SER B 340 25.96 4.52 -4.01
N HIS B 341 25.54 5.77 -4.09
CA HIS B 341 26.51 6.75 -4.57
C HIS B 341 27.67 6.87 -3.57
N ARG B 342 27.45 6.72 -2.27
CA ARG B 342 28.52 6.82 -1.30
C ARG B 342 29.56 5.66 -1.39
N VAL B 343 29.10 4.50 -1.81
CA VAL B 343 29.96 3.34 -2.02
C VAL B 343 30.98 3.61 -3.12
N VAL B 344 30.53 4.25 -4.19
CA VAL B 344 31.34 4.66 -5.33
C VAL B 344 32.30 5.79 -4.95
N ASP B 345 31.78 6.70 -4.13
CA ASP B 345 32.52 7.84 -3.64
C ASP B 345 33.71 7.34 -2.82
N LEU B 346 33.43 6.40 -1.89
CA LEU B 346 34.43 5.84 -1.04
C LEU B 346 35.49 5.09 -1.88
N VAL B 347 35.03 4.33 -2.88
CA VAL B 347 35.98 3.62 -3.77
C VAL B 347 36.92 4.60 -4.45
N ARG B 348 36.44 5.70 -5.02
CA ARG B 348 37.27 6.70 -5.65
C ARG B 348 38.28 7.39 -4.72
N HIS B 349 37.89 7.75 -3.53
CA HIS B 349 38.71 8.38 -2.52
C HIS B 349 39.87 7.45 -2.18
N MET B 350 39.57 6.21 -1.89
CA MET B 350 40.57 5.19 -1.63
C MET B 350 41.59 5.09 -2.79
N ALA B 351 41.11 5.00 -4.01
CA ALA B 351 41.94 4.92 -5.23
C ALA B 351 42.80 6.14 -5.37
N SER B 352 42.11 7.30 -5.22
CA SER B 352 42.86 8.56 -5.26
C SER B 352 43.97 8.50 -4.21
N LYS B 353 43.62 8.17 -2.95
CA LYS B 353 44.67 8.16 -1.91
C LYS B 353 45.71 7.08 -2.10
N ASP B 354 45.34 5.95 -2.66
CA ASP B 354 46.24 4.83 -2.94
C ASP B 354 47.29 5.24 -3.98
N ARG B 355 46.80 5.82 -5.09
CA ARG B 355 47.67 6.33 -6.15
C ARG B 355 48.61 7.38 -5.55
N SER B 356 48.06 8.27 -4.72
CA SER B 356 48.88 9.23 -4.01
C SER B 356 49.93 8.55 -3.15
N ALA B 357 49.66 7.45 -2.48
CA ALA B 357 50.65 6.72 -1.72
C ALA B 357 51.80 6.19 -2.59
N ARG B 358 51.66 6.13 -3.89
CA ARG B 358 52.70 5.73 -4.81
C ARG B 358 53.48 6.92 -5.40
N LEU B 359 52.98 8.14 -5.25
CA LEU B 359 53.60 9.31 -5.86
C LEU B 359 54.97 9.70 -5.30
N MET C 1 -13.28 -38.49 20.40
CA MET C 1 -13.24 -39.38 19.21
C MET C 1 -11.83 -39.54 18.62
N PRO C 2 -11.73 -40.32 17.56
CA PRO C 2 -10.50 -40.53 16.82
C PRO C 2 -10.36 -39.76 15.52
N ILE C 3 -9.40 -40.11 14.68
CA ILE C 3 -9.00 -39.59 13.40
C ILE C 3 -7.67 -38.83 13.62
N LYS C 4 -6.59 -39.51 13.25
CA LYS C 4 -5.26 -39.01 13.48
C LYS C 4 -4.62 -38.37 12.28
N VAL C 5 -4.45 -37.06 12.38
CA VAL C 5 -3.85 -36.25 11.32
C VAL C 5 -2.54 -35.62 11.72
N GLY C 6 -1.59 -35.60 10.80
CA GLY C 6 -0.30 -34.96 10.95
C GLY C 6 -0.09 -33.95 9.80
N ILE C 7 0.18 -32.67 10.16
CA ILE C 7 0.44 -31.68 9.11
C ILE C 7 1.92 -31.58 8.74
N ASN C 8 2.40 -31.91 7.56
CA ASN C 8 3.77 -31.64 7.16
C ASN C 8 3.79 -30.21 6.59
N GLY C 9 4.65 -29.35 7.16
CA GLY C 9 4.72 -27.97 6.67
C GLY C 9 4.00 -27.16 7.74
N PHE C 10 4.76 -26.40 8.55
CA PHE C 10 3.97 -25.68 9.55
C PHE C 10 4.11 -24.18 9.27
N GLY C 11 4.33 -23.91 8.00
CA GLY C 11 4.46 -22.56 7.48
C GLY C 11 3.13 -21.84 7.49
N ARG C 12 2.89 -20.97 6.49
CA ARG C 12 1.62 -20.25 6.54
C ARG C 12 0.45 -21.13 6.10
N ILE C 13 0.58 -22.04 5.15
CA ILE C 13 -0.64 -22.81 4.82
C ILE C 13 -1.00 -23.88 5.83
N GLY C 14 0.01 -24.51 6.44
CA GLY C 14 -0.21 -25.46 7.52
C GLY C 14 -0.86 -24.85 8.74
N ARG C 15 -0.46 -23.64 9.19
CA ARG C 15 -1.07 -23.09 10.40
C ARG C 15 -2.46 -22.66 10.03
N MET C 16 -2.62 -22.20 8.77
CA MET C 16 -3.99 -21.82 8.39
C MET C 16 -4.87 -23.05 8.24
N VAL C 17 -4.40 -24.16 7.72
CA VAL C 17 -5.21 -25.40 7.75
C VAL C 17 -5.44 -25.79 9.21
N PHE C 18 -4.34 -25.71 10.01
CA PHE C 18 -4.58 -25.96 11.44
C PHE C 18 -5.62 -25.04 12.03
N GLN C 19 -5.61 -23.71 11.85
CA GLN C 19 -6.58 -22.83 12.47
C GLN C 19 -7.97 -23.03 11.88
N ALA C 20 -7.99 -23.34 10.58
CA ALA C 20 -9.26 -23.68 9.93
C ALA C 20 -9.82 -24.90 10.68
N LEU C 21 -8.98 -25.89 10.96
CA LEU C 21 -9.43 -27.04 11.75
C LEU C 21 -9.87 -26.66 13.17
N CYS C 22 -9.23 -25.72 13.87
CA CYS C 22 -9.72 -25.36 15.19
C CYS C 22 -10.96 -24.50 15.18
N GLU C 23 -10.97 -23.41 14.43
CA GLU C 23 -12.14 -22.54 14.53
C GLU C 23 -13.40 -23.35 14.63
N ASP C 24 -13.88 -24.00 13.57
CA ASP C 24 -15.09 -24.82 13.66
C ASP C 24 -15.15 -25.67 14.92
N GLY C 25 -14.12 -26.43 15.29
CA GLY C 25 -14.22 -27.16 16.55
C GLY C 25 -13.98 -28.65 16.48
N LEU C 26 -12.86 -29.01 15.83
CA LEU C 26 -12.54 -30.41 15.64
C LEU C 26 -11.24 -30.86 16.27
N LEU C 27 -10.39 -30.02 16.83
CA LEU C 27 -9.12 -30.48 17.39
C LEU C 27 -9.33 -31.38 18.61
N GLY C 28 -8.81 -32.59 18.58
CA GLY C 28 -8.97 -33.56 19.65
C GLY C 28 -10.24 -34.40 19.60
N THR C 29 -11.36 -33.78 19.23
CA THR C 29 -12.66 -34.45 19.13
C THR C 29 -12.69 -35.41 17.96
N GLU C 30 -13.26 -35.02 16.82
CA GLU C 30 -13.36 -35.80 15.60
C GLU C 30 -12.04 -35.84 14.86
N ILE C 31 -11.15 -34.90 15.16
CA ILE C 31 -9.83 -34.89 14.53
C ILE C 31 -8.80 -34.65 15.64
N ASP C 32 -7.75 -35.47 15.66
CA ASP C 32 -6.71 -35.22 16.64
C ASP C 32 -5.43 -34.94 15.85
N VAL C 33 -4.93 -33.71 15.93
CA VAL C 33 -3.67 -33.40 15.25
C VAL C 33 -2.60 -33.81 16.27
N VAL C 34 -1.68 -34.65 15.78
CA VAL C 34 -0.67 -35.25 16.65
C VAL C 34 0.70 -34.61 16.54
N ALA C 35 1.16 -34.35 15.32
CA ALA C 35 2.45 -33.69 15.14
C ALA C 35 2.48 -32.81 13.89
N VAL C 36 3.42 -31.86 13.90
CA VAL C 36 3.67 -30.97 12.77
C VAL C 36 5.17 -31.01 12.53
N VAL C 37 5.57 -31.02 11.27
CA VAL C 37 6.98 -31.09 10.87
C VAL C 37 7.31 -29.83 10.10
N ASP C 38 8.50 -29.31 10.31
CA ASP C 38 8.93 -28.06 9.71
C ASP C 38 10.42 -27.88 9.89
N MET C 39 11.10 -27.09 9.08
CA MET C 39 12.53 -26.86 9.22
C MET C 39 12.94 -26.11 10.48
N ASN C 40 12.03 -25.73 11.35
CA ASN C 40 12.33 -25.09 12.61
C ASN C 40 11.56 -25.77 13.76
N THR C 41 12.30 -25.89 14.86
CA THR C 41 11.82 -26.52 16.07
C THR C 41 11.31 -25.51 17.07
N ASP C 42 11.77 -24.25 16.96
CA ASP C 42 11.30 -23.30 17.98
C ASP C 42 9.79 -23.41 18.10
N ALA C 43 9.32 -23.92 19.23
CA ALA C 43 7.87 -24.07 19.39
C ALA C 43 7.27 -22.76 19.90
N GLU C 44 8.13 -21.97 20.54
CA GLU C 44 7.67 -20.69 21.08
C GLU C 44 7.37 -19.73 19.94
N TYR C 45 8.20 -19.70 18.90
CA TYR C 45 7.95 -18.88 17.74
C TYR C 45 6.64 -19.32 17.08
N PHE C 46 6.48 -20.66 16.89
CA PHE C 46 5.27 -21.22 16.32
C PHE C 46 4.02 -20.73 17.02
N ALA C 47 4.05 -20.75 18.35
CA ALA C 47 2.87 -20.24 19.06
C ALA C 47 2.64 -18.74 18.82
N TYR C 48 3.72 -18.00 18.58
CA TYR C 48 3.56 -16.55 18.39
C TYR C 48 2.91 -16.34 17.02
N GLN C 49 3.34 -17.17 16.07
CA GLN C 49 2.81 -17.12 14.71
C GLN C 49 1.34 -17.49 14.63
N MET C 50 0.91 -18.33 15.57
CA MET C 50 -0.45 -18.87 15.56
C MET C 50 -1.37 -17.88 16.20
N ARG C 51 -0.89 -17.26 17.24
CA ARG C 51 -1.59 -16.25 18.04
C ARG C 51 -1.88 -14.97 17.29
N TYR C 52 -0.96 -14.47 16.44
CA TYR C 52 -1.25 -13.22 15.76
C TYR C 52 -1.17 -13.34 14.25
N ASP C 53 -2.24 -12.94 13.60
CA ASP C 53 -2.34 -12.92 12.16
C ASP C 53 -2.75 -11.54 11.68
N THR C 54 -1.89 -10.89 10.90
CA THR C 54 -2.20 -9.53 10.43
C THR C 54 -3.56 -9.47 9.73
N VAL C 55 -3.89 -10.44 8.88
CA VAL C 55 -5.13 -10.34 8.11
C VAL C 55 -6.32 -10.97 8.80
N HIS C 56 -6.13 -12.16 9.38
CA HIS C 56 -7.25 -12.87 10.01
C HIS C 56 -7.58 -12.54 11.44
N GLY C 57 -6.86 -11.69 12.14
CA GLY C 57 -7.12 -11.32 13.52
C GLY C 57 -6.36 -12.27 14.44
N LYS C 58 -6.74 -12.32 15.71
CA LYS C 58 -6.11 -13.16 16.71
C LYS C 58 -6.77 -14.51 16.93
N PHE C 59 -5.98 -15.57 16.95
CA PHE C 59 -6.47 -16.93 17.20
C PHE C 59 -7.26 -16.89 18.49
N LYS C 60 -8.36 -17.66 18.55
CA LYS C 60 -9.23 -17.51 19.74
C LYS C 60 -9.17 -18.69 20.69
N TYR C 61 -8.17 -19.52 20.46
CA TYR C 61 -7.87 -20.68 21.30
C TYR C 61 -6.55 -20.34 22.00
N GLU C 62 -6.39 -20.69 23.25
CA GLU C 62 -5.14 -20.39 23.95
C GLU C 62 -4.09 -21.40 23.49
N VAL C 63 -2.84 -21.01 23.39
CA VAL C 63 -1.77 -21.89 22.93
C VAL C 63 -0.61 -21.81 23.91
N THR C 64 -0.01 -22.93 24.30
CA THR C 64 1.16 -22.88 25.19
C THR C 64 2.27 -23.77 24.66
N THR C 65 3.40 -23.82 25.35
CA THR C 65 4.50 -24.67 24.93
C THR C 65 5.20 -25.35 26.10
N THR C 66 5.08 -26.66 26.20
CA THR C 66 5.76 -27.42 27.23
C THR C 66 6.86 -28.27 26.57
N LYS C 67 7.63 -28.91 27.45
CA LYS C 67 8.70 -29.77 27.00
C LYS C 67 8.12 -31.17 26.72
N SER C 68 8.98 -32.03 26.19
CA SER C 68 8.61 -33.41 25.89
C SER C 68 9.82 -34.28 26.25
N SER C 69 10.98 -33.62 26.24
CA SER C 69 12.19 -34.33 26.56
C SER C 69 13.22 -33.59 27.40
N PRO C 70 13.61 -34.28 28.46
CA PRO C 70 14.74 -33.82 29.26
C PRO C 70 15.95 -34.16 28.37
N SER C 71 16.88 -33.29 28.09
CA SER C 71 18.06 -33.59 27.29
C SER C 71 18.14 -33.09 25.86
N VAL C 72 17.10 -32.57 25.24
CA VAL C 72 17.25 -32.10 23.86
C VAL C 72 17.45 -30.60 23.83
N ALA C 73 16.60 -29.81 24.48
CA ALA C 73 16.74 -28.36 24.53
C ALA C 73 15.47 -27.72 25.07
N LYS C 74 14.97 -26.68 24.40
CA LYS C 74 13.75 -25.98 24.80
C LYS C 74 12.52 -26.87 24.63
N ASP C 75 11.41 -26.25 24.30
CA ASP C 75 10.12 -26.89 24.11
C ASP C 75 9.97 -27.48 22.71
N ASP C 76 8.85 -28.19 22.56
CA ASP C 76 8.59 -28.80 21.25
C ASP C 76 7.14 -29.23 21.20
N THR C 77 6.32 -28.66 22.08
CA THR C 77 4.93 -29.06 22.11
C THR C 77 3.94 -27.92 22.33
N LEU C 78 3.14 -27.78 21.26
CA LEU C 78 2.06 -26.82 21.23
C LEU C 78 0.90 -27.39 22.07
N VAL C 79 0.22 -26.55 22.83
CA VAL C 79 -0.93 -26.98 23.61
C VAL C 79 -2.07 -26.00 23.30
N VAL C 80 -2.88 -26.40 22.33
CA VAL C 80 -3.99 -25.58 21.85
C VAL C 80 -5.30 -26.03 22.46
N ASN C 81 -5.99 -25.20 23.23
CA ASN C 81 -7.24 -25.57 23.88
C ASN C 81 -7.25 -26.89 24.65
N GLY C 82 -6.17 -27.27 25.34
CA GLY C 82 -6.10 -28.50 26.09
C GLY C 82 -5.50 -29.66 25.33
N HIS C 83 -5.10 -29.47 24.07
CA HIS C 83 -4.54 -30.54 23.26
C HIS C 83 -3.05 -30.36 22.95
N ARG C 84 -2.28 -31.41 23.13
CA ARG C 84 -0.86 -31.42 22.90
C ARG C 84 -0.49 -31.81 21.47
N ILE C 85 0.25 -30.93 20.81
CA ILE C 85 0.74 -31.17 19.44
C ILE C 85 2.25 -31.10 19.49
N LEU C 86 2.92 -32.05 18.88
CA LEU C 86 4.38 -32.15 18.94
C LEU C 86 5.07 -31.64 17.68
N CYS C 87 6.19 -30.94 17.80
CA CYS C 87 6.85 -30.43 16.60
C CYS C 87 8.09 -31.26 16.28
N VAL C 88 8.03 -32.00 15.18
CA VAL C 88 9.22 -32.80 14.82
C VAL C 88 9.97 -32.00 13.77
N LYS C 89 11.25 -32.28 13.56
CA LYS C 89 12.00 -31.53 12.54
C LYS C 89 11.80 -32.20 11.18
N ALA C 90 12.17 -31.48 10.12
CA ALA C 90 12.04 -32.01 8.77
C ALA C 90 13.29 -32.78 8.37
N GLN C 91 13.18 -33.61 7.34
CA GLN C 91 14.30 -34.36 6.79
C GLN C 91 14.19 -34.34 5.27
N ARG C 92 15.30 -34.42 4.56
CA ARG C 92 15.32 -34.36 3.11
C ARG C 92 14.33 -35.30 2.42
N ASN C 93 14.10 -36.47 3.00
CA ASN C 93 13.20 -37.47 2.46
C ASN C 93 12.03 -37.70 3.41
N PRO C 94 10.82 -37.75 2.86
CA PRO C 94 9.61 -37.94 3.63
C PRO C 94 9.46 -39.26 4.36
N ALA C 95 10.18 -40.31 3.96
CA ALA C 95 10.05 -41.62 4.62
C ALA C 95 10.98 -41.83 5.81
N ASP C 96 11.02 -40.82 6.69
CA ASP C 96 11.78 -40.72 7.90
C ASP C 96 10.86 -40.20 9.02
N LEU C 97 9.65 -39.84 8.63
CA LEU C 97 8.70 -39.28 9.60
C LEU C 97 8.07 -40.44 10.33
N PRO C 98 7.97 -40.36 11.64
CA PRO C 98 7.39 -41.38 12.48
C PRO C 98 5.87 -41.36 12.51
N TRP C 99 5.23 -41.55 11.35
CA TRP C 99 3.78 -41.51 11.28
C TRP C 99 3.17 -42.70 11.99
N GLY C 100 3.79 -43.87 11.81
CA GLY C 100 3.36 -45.11 12.47
C GLY C 100 3.60 -44.97 13.97
N LYS C 101 4.85 -44.62 14.34
CA LYS C 101 5.19 -44.38 15.74
C LYS C 101 4.11 -43.54 16.42
N LEU C 102 3.87 -42.34 15.86
CA LEU C 102 2.86 -41.42 16.38
C LEU C 102 1.44 -41.88 16.07
N GLY C 103 1.30 -42.73 15.06
CA GLY C 103 -0.01 -43.28 14.72
C GLY C 103 -0.83 -42.29 13.91
N VAL C 104 -0.24 -41.80 12.81
CA VAL C 104 -1.01 -40.88 11.97
C VAL C 104 -1.30 -41.54 10.62
N GLU C 105 -2.59 -41.63 10.31
CA GLU C 105 -2.96 -42.17 9.00
C GLU C 105 -3.00 -41.04 7.98
N TYR C 106 -3.86 -40.04 8.24
CA TYR C 106 -3.99 -38.91 7.32
C TYR C 106 -2.93 -37.83 7.45
N VAL C 107 -2.16 -37.59 6.41
CA VAL C 107 -1.20 -36.49 6.42
C VAL C 107 -1.55 -35.39 5.42
N ILE C 108 -1.63 -34.20 6.02
CA ILE C 108 -1.86 -32.94 5.31
C ILE C 108 -0.50 -32.43 4.83
N GLU C 109 -0.05 -32.77 3.64
CA GLU C 109 1.24 -32.35 3.10
C GLU C 109 1.20 -30.90 2.60
N SER C 110 1.82 -29.99 3.35
CA SER C 110 1.80 -28.58 2.98
C SER C 110 3.12 -27.87 2.74
N THR C 111 4.27 -28.50 2.71
CA THR C 111 5.52 -27.77 2.55
C THR C 111 5.78 -27.19 1.18
N GLY C 112 5.18 -27.73 0.13
CA GLY C 112 5.38 -27.25 -1.22
C GLY C 112 6.49 -27.96 -1.98
N LEU C 113 7.23 -28.80 -1.29
CA LEU C 113 8.35 -29.54 -1.83
C LEU C 113 8.01 -30.94 -2.33
N PHE C 114 6.90 -31.53 -1.91
CA PHE C 114 6.55 -32.89 -2.33
C PHE C 114 5.24 -32.96 -3.09
N THR C 115 5.14 -32.23 -4.18
CA THR C 115 3.97 -32.10 -5.04
C THR C 115 3.92 -33.26 -6.02
N ALA C 116 5.10 -33.83 -6.31
CA ALA C 116 5.16 -35.01 -7.19
C ALA C 116 4.68 -36.18 -6.34
N LYS C 117 3.63 -36.83 -6.80
CA LYS C 117 2.98 -37.96 -6.16
C LYS C 117 3.93 -38.91 -5.43
N ALA C 118 4.99 -39.31 -6.10
CA ALA C 118 5.96 -40.24 -5.53
C ALA C 118 6.48 -39.75 -4.19
N ALA C 119 6.80 -38.44 -4.10
CA ALA C 119 7.27 -37.86 -2.85
C ALA C 119 6.19 -37.95 -1.77
N ALA C 120 4.96 -37.69 -2.22
CA ALA C 120 3.82 -37.76 -1.31
C ALA C 120 3.66 -39.21 -0.86
N GLU C 121 4.05 -40.18 -1.69
CA GLU C 121 3.98 -41.60 -1.36
C GLU C 121 4.87 -41.85 -0.15
N GLY C 122 6.03 -41.22 -0.07
CA GLY C 122 6.88 -41.23 1.09
C GLY C 122 6.18 -41.24 2.42
N HIS C 123 5.11 -40.49 2.67
CA HIS C 123 4.42 -40.52 3.96
C HIS C 123 3.80 -41.88 4.25
N LEU C 124 3.37 -42.54 3.18
CA LEU C 124 2.78 -43.89 3.19
C LEU C 124 3.86 -44.82 3.74
N ARG C 125 5.07 -44.72 3.21
CA ARG C 125 6.25 -45.43 3.61
C ARG C 125 6.73 -45.10 5.03
N GLY C 126 6.21 -44.06 5.63
CA GLY C 126 6.49 -43.57 6.95
C GLY C 126 5.41 -44.01 7.94
N GLY C 127 4.36 -44.72 7.48
CA GLY C 127 3.37 -45.19 8.44
C GLY C 127 2.01 -44.51 8.33
N ALA C 128 1.95 -43.48 7.49
CA ALA C 128 0.68 -42.81 7.25
C ALA C 128 -0.09 -43.62 6.20
N ARG C 129 -1.41 -43.51 6.16
CA ARG C 129 -2.22 -44.21 5.17
C ARG C 129 -2.55 -43.33 3.95
N LYS C 130 -3.29 -42.25 4.18
CA LYS C 130 -3.72 -41.32 3.15
C LYS C 130 -3.03 -39.97 3.23
N VAL C 131 -2.95 -39.31 2.07
CA VAL C 131 -2.30 -38.02 1.95
C VAL C 131 -3.12 -37.05 1.08
N VAL C 132 -3.24 -35.85 1.63
CA VAL C 132 -3.87 -34.74 0.96
C VAL C 132 -2.81 -33.66 0.67
N ILE C 133 -2.36 -33.48 -0.58
CA ILE C 133 -1.43 -32.43 -0.95
C ILE C 133 -2.24 -31.12 -0.94
N SER C 134 -1.80 -30.13 -0.17
CA SER C 134 -2.47 -28.83 -0.10
C SER C 134 -2.00 -27.85 -1.18
N ALA C 135 -1.77 -28.26 -2.40
CA ALA C 135 -1.42 -27.56 -3.60
C ALA C 135 -1.68 -28.44 -4.83
N PRO C 136 -1.62 -27.84 -6.00
CA PRO C 136 -1.78 -28.59 -7.24
C PRO C 136 -0.66 -29.64 -7.28
N ALA C 137 -0.99 -30.91 -7.41
CA ALA C 137 -0.03 -32.00 -7.44
C ALA C 137 0.33 -32.45 -8.85
N SER C 138 1.40 -33.22 -8.96
CA SER C 138 1.76 -33.84 -10.26
C SER C 138 2.13 -35.29 -9.99
N GLY C 139 2.70 -35.93 -11.00
CA GLY C 139 3.07 -37.33 -10.97
C GLY C 139 1.85 -38.23 -11.10
N GLY C 140 0.68 -37.67 -11.32
CA GLY C 140 -0.59 -38.41 -11.28
C GLY C 140 -0.95 -38.25 -9.79
N ALA C 141 -2.21 -38.14 -9.44
CA ALA C 141 -2.70 -37.91 -8.09
C ALA C 141 -4.13 -37.35 -8.25
N LYS C 142 -5.12 -38.01 -7.68
CA LYS C 142 -6.49 -37.58 -7.79
C LYS C 142 -6.66 -36.18 -7.18
N THR C 143 -7.08 -35.28 -8.04
CA THR C 143 -7.29 -33.86 -7.69
C THR C 143 -8.77 -33.81 -7.33
N LEU C 144 -9.09 -33.56 -6.08
CA LEU C 144 -10.45 -33.51 -5.62
C LEU C 144 -10.76 -32.08 -5.22
N VAL C 145 -11.99 -31.64 -5.42
CA VAL C 145 -12.45 -30.29 -5.16
C VAL C 145 -13.79 -30.42 -4.44
N MET C 146 -13.80 -30.13 -3.14
CA MET C 146 -15.04 -30.21 -2.39
C MET C 146 -16.17 -29.49 -3.15
N GLY C 147 -17.31 -30.18 -3.18
CA GLY C 147 -18.50 -29.63 -3.79
C GLY C 147 -18.56 -29.93 -5.30
N VAL C 148 -17.48 -30.32 -5.94
CA VAL C 148 -17.47 -30.53 -7.37
C VAL C 148 -17.32 -31.98 -7.74
N ASN C 149 -16.16 -32.59 -7.46
CA ASN C 149 -15.92 -33.99 -7.78
C ASN C 149 -15.38 -34.72 -6.56
N HIS C 150 -15.48 -34.17 -5.33
CA HIS C 150 -14.81 -34.81 -4.19
C HIS C 150 -15.26 -36.24 -3.94
N HIS C 151 -16.58 -36.42 -4.11
CA HIS C 151 -17.24 -37.70 -3.99
C HIS C 151 -16.82 -38.71 -5.04
N GLU C 152 -15.73 -38.56 -5.76
CA GLU C 152 -15.13 -39.47 -6.67
C GLU C 152 -13.98 -40.22 -5.99
N TYR C 153 -13.62 -39.70 -4.81
CA TYR C 153 -12.58 -40.25 -3.99
C TYR C 153 -12.79 -41.76 -3.79
N ASN C 154 -11.75 -42.52 -4.11
CA ASN C 154 -11.84 -43.97 -3.93
C ASN C 154 -10.85 -44.46 -2.90
N PRO C 155 -11.36 -44.86 -1.74
CA PRO C 155 -10.53 -45.29 -0.61
C PRO C 155 -9.50 -46.33 -0.95
N SER C 156 -9.77 -47.18 -1.92
CA SER C 156 -8.89 -48.22 -2.39
C SER C 156 -7.95 -47.79 -3.52
N GLU C 157 -8.41 -46.83 -4.32
CA GLU C 157 -7.58 -46.31 -5.41
C GLU C 157 -6.83 -45.05 -4.99
N HIS C 158 -7.54 -44.18 -4.26
CA HIS C 158 -6.89 -42.91 -3.88
C HIS C 158 -6.43 -42.79 -2.44
N HIS C 159 -5.10 -42.83 -2.34
CA HIS C 159 -4.35 -42.75 -1.11
C HIS C 159 -3.72 -41.36 -1.04
N VAL C 160 -3.01 -40.99 -2.09
CA VAL C 160 -2.44 -39.69 -2.30
C VAL C 160 -3.37 -38.84 -3.18
N VAL C 161 -3.87 -37.72 -2.64
CA VAL C 161 -4.74 -36.84 -3.40
C VAL C 161 -4.31 -35.37 -3.25
N SER C 162 -4.72 -34.53 -4.16
CA SER C 162 -4.47 -33.09 -4.14
C SER C 162 -5.78 -32.33 -4.05
N ASN C 163 -5.90 -31.34 -3.18
CA ASN C 163 -7.07 -30.51 -3.08
C ASN C 163 -7.03 -29.34 -4.06
N ALA C 164 -6.28 -29.34 -5.15
CA ALA C 164 -6.15 -28.27 -6.09
C ALA C 164 -5.63 -26.97 -5.45
N SER C 165 -5.78 -25.84 -6.12
CA SER C 165 -5.31 -24.54 -5.70
C SER C 165 -6.38 -23.63 -5.18
N CYS C 166 -6.14 -22.59 -4.36
N CYS C 166 -6.15 -22.58 -4.40
CA CYS C 166 -7.28 -21.73 -4.03
CA CYS C 166 -7.28 -21.73 -4.03
C CYS C 166 -7.96 -21.15 -5.29
C CYS C 166 -7.97 -21.19 -5.28
N THR C 167 -7.20 -20.84 -6.32
CA THR C 167 -7.90 -20.31 -7.54
C THR C 167 -8.86 -21.30 -8.20
N THR C 168 -8.41 -22.55 -8.34
CA THR C 168 -9.29 -23.61 -8.88
C THR C 168 -10.50 -23.87 -8.02
N ASN C 169 -10.34 -23.78 -6.68
CA ASN C 169 -11.47 -23.87 -5.76
C ASN C 169 -12.42 -22.71 -5.85
N CYS C 170 -11.98 -21.56 -6.43
CA CYS C 170 -12.98 -20.50 -6.60
C CYS C 170 -13.66 -20.71 -7.97
N LEU C 171 -12.95 -21.06 -9.01
CA LEU C 171 -13.52 -21.22 -10.34
C LEU C 171 -14.39 -22.45 -10.59
N ALA C 172 -13.92 -23.62 -10.17
CA ALA C 172 -14.65 -24.89 -10.40
C ALA C 172 -16.03 -24.92 -9.88
N PRO C 173 -16.40 -24.40 -8.70
CA PRO C 173 -17.80 -24.34 -8.26
C PRO C 173 -18.71 -23.55 -9.19
N ILE C 174 -18.33 -22.36 -9.66
CA ILE C 174 -19.13 -21.58 -10.65
C ILE C 174 -19.27 -22.40 -11.94
N VAL C 175 -18.17 -22.92 -12.44
CA VAL C 175 -18.16 -23.71 -13.66
C VAL C 175 -19.02 -24.98 -13.46
N HIS C 176 -18.90 -25.63 -12.30
CA HIS C 176 -19.70 -26.82 -11.99
C HIS C 176 -21.19 -26.53 -12.22
N VAL C 177 -21.69 -25.46 -11.64
CA VAL C 177 -23.08 -25.06 -11.75
C VAL C 177 -23.40 -24.72 -13.21
N LEU C 178 -22.48 -24.06 -13.95
CA LEU C 178 -22.85 -23.73 -15.34
C LEU C 178 -23.04 -25.02 -16.12
N VAL C 179 -22.19 -26.01 -15.85
CA VAL C 179 -22.32 -27.28 -16.56
C VAL C 179 -23.51 -28.08 -16.06
N LYS C 180 -23.62 -28.27 -14.75
CA LYS C 180 -24.74 -29.00 -14.19
C LYS C 180 -26.07 -28.35 -14.49
N GLU C 181 -26.21 -27.04 -14.63
CA GLU C 181 -27.47 -26.43 -14.94
C GLU C 181 -27.74 -26.52 -16.44
N GLY C 182 -26.89 -27.06 -17.29
CA GLY C 182 -27.20 -27.17 -18.70
C GLY C 182 -27.01 -25.88 -19.45
N PHE C 183 -26.34 -24.89 -18.83
CA PHE C 183 -26.07 -23.65 -19.55
C PHE C 183 -24.97 -24.04 -20.57
N GLY C 184 -24.14 -24.94 -20.10
CA GLY C 184 -23.00 -25.43 -20.84
C GLY C 184 -21.96 -24.30 -20.86
N VAL C 185 -20.74 -24.70 -21.19
CA VAL C 185 -19.61 -23.82 -21.36
C VAL C 185 -18.94 -24.25 -22.68
N GLN C 186 -19.16 -23.46 -23.72
CA GLN C 186 -18.49 -23.76 -25.00
C GLN C 186 -17.01 -23.40 -24.90
N THR C 187 -16.73 -22.15 -24.50
CA THR C 187 -15.39 -21.66 -24.31
C THR C 187 -15.35 -20.60 -23.16
N GLY C 188 -14.19 -20.52 -22.52
CA GLY C 188 -14.02 -19.58 -21.41
C GLY C 188 -12.57 -19.19 -21.15
N LEU C 189 -12.44 -17.95 -20.68
CA LEU C 189 -11.14 -17.34 -20.32
C LEU C 189 -11.39 -16.66 -18.97
N MET C 190 -10.51 -16.96 -17.98
CA MET C 190 -10.65 -16.44 -16.65
C MET C 190 -9.53 -15.41 -16.38
N THR C 191 -9.88 -14.45 -15.55
CA THR C 191 -8.82 -13.54 -15.07
C THR C 191 -8.99 -13.60 -13.56
N THR C 192 -7.92 -13.85 -12.84
CA THR C 192 -7.99 -13.74 -11.37
C THR C 192 -7.18 -12.52 -10.89
N ILE C 193 -7.83 -11.67 -10.10
CA ILE C 193 -7.15 -10.52 -9.52
C ILE C 193 -6.78 -11.00 -8.11
N HIS C 194 -5.53 -11.34 -7.99
CA HIS C 194 -5.03 -12.00 -6.80
C HIS C 194 -4.16 -11.15 -5.92
N SER C 195 -4.47 -11.15 -4.62
CA SER C 195 -3.64 -10.52 -3.60
C SER C 195 -2.26 -11.13 -3.72
N TYR C 196 -1.27 -10.46 -3.19
CA TYR C 196 0.12 -10.86 -3.27
C TYR C 196 0.30 -12.02 -2.29
N THR C 197 1.24 -12.88 -2.64
CA THR C 197 1.45 -14.03 -1.74
C THR C 197 2.88 -13.99 -1.24
N ALA C 198 3.27 -15.00 -0.48
CA ALA C 198 4.56 -15.21 0.12
C ALA C 198 5.67 -15.55 -0.86
N THR C 199 5.36 -16.00 -2.09
CA THR C 199 6.41 -16.28 -3.08
C THR C 199 6.83 -14.97 -3.74
N GLN C 200 6.17 -13.87 -3.37
CA GLN C 200 6.43 -12.53 -3.88
C GLN C 200 7.46 -11.81 -3.00
N LYS C 201 7.91 -10.68 -3.51
CA LYS C 201 8.97 -9.85 -2.99
C LYS C 201 8.47 -8.46 -2.60
N THR C 202 9.01 -7.92 -1.51
CA THR C 202 8.62 -6.56 -1.10
C THR C 202 9.20 -5.53 -2.09
N VAL C 203 10.51 -5.63 -2.35
CA VAL C 203 11.21 -4.78 -3.29
C VAL C 203 11.58 -5.59 -4.55
N ASP C 204 12.12 -4.88 -5.54
CA ASP C 204 12.53 -5.63 -6.76
C ASP C 204 13.59 -6.64 -6.28
N GLY C 205 13.25 -7.93 -6.38
CA GLY C 205 14.15 -8.99 -5.98
C GLY C 205 14.67 -9.79 -7.20
N VAL C 206 14.98 -11.04 -6.96
CA VAL C 206 15.48 -12.06 -7.84
C VAL C 206 14.38 -13.12 -8.06
N SER C 207 13.94 -13.36 -9.30
CA SER C 207 12.91 -14.40 -9.47
C SER C 207 13.02 -15.06 -10.83
N VAL C 208 14.17 -15.67 -11.11
CA VAL C 208 14.60 -16.37 -12.29
C VAL C 208 13.63 -16.89 -13.34
N LYS C 209 12.65 -17.67 -12.96
CA LYS C 209 11.65 -18.32 -13.77
C LYS C 209 10.36 -17.53 -13.93
N ASP C 210 10.38 -16.30 -13.46
CA ASP C 210 9.17 -15.47 -13.62
C ASP C 210 9.65 -14.04 -13.46
N TRP C 211 10.23 -13.54 -14.51
CA TRP C 211 10.80 -12.18 -14.47
C TRP C 211 9.77 -11.20 -13.93
N ARG C 212 8.54 -11.20 -14.43
CA ARG C 212 7.57 -10.25 -13.90
C ARG C 212 7.35 -10.44 -12.41
N GLY C 213 7.33 -11.71 -12.02
CA GLY C 213 7.07 -12.12 -10.65
C GLY C 213 8.11 -11.67 -9.64
N GLY C 214 9.30 -11.36 -10.08
CA GLY C 214 10.36 -10.83 -9.27
C GLY C 214 10.20 -9.35 -8.94
N ARG C 215 9.35 -8.62 -9.66
CA ARG C 215 9.19 -7.21 -9.35
C ARG C 215 8.45 -6.91 -8.06
N ALA C 216 8.74 -5.70 -7.59
CA ALA C 216 8.15 -5.21 -6.34
C ALA C 216 6.63 -5.36 -6.31
N ALA C 217 6.13 -6.20 -5.45
CA ALA C 217 4.80 -6.64 -5.24
C ALA C 217 3.81 -5.61 -4.71
N ALA C 218 4.14 -4.74 -3.76
CA ALA C 218 3.05 -3.90 -3.25
C ALA C 218 2.95 -2.56 -3.89
N VAL C 219 3.65 -2.26 -4.97
CA VAL C 219 3.42 -1.06 -5.75
C VAL C 219 3.18 -1.42 -7.23
N ASN C 220 2.97 -2.70 -7.56
CA ASN C 220 2.69 -3.04 -8.95
C ASN C 220 1.52 -4.03 -9.16
N ILE C 221 0.94 -3.81 -10.36
CA ILE C 221 0.02 -4.74 -10.98
C ILE C 221 0.92 -5.74 -11.73
N ILE C 222 0.95 -7.02 -11.29
CA ILE C 222 1.90 -7.93 -11.99
C ILE C 222 1.15 -9.09 -12.67
N PRO C 223 1.13 -9.08 -13.97
CA PRO C 223 0.52 -10.16 -14.74
C PRO C 223 1.24 -11.51 -14.54
N SER C 224 0.48 -12.58 -14.48
CA SER C 224 1.02 -13.92 -14.49
C SER C 224 0.12 -14.94 -15.19
N THR C 225 0.80 -15.93 -15.78
CA THR C 225 0.08 -17.10 -16.33
C THR C 225 -0.37 -17.94 -15.12
N THR C 226 -1.42 -18.74 -15.26
CA THR C 226 -1.89 -19.60 -14.20
C THR C 226 -2.50 -20.88 -14.81
N GLY C 227 -2.42 -21.98 -14.06
CA GLY C 227 -2.93 -23.26 -14.56
C GLY C 227 -4.27 -23.63 -13.94
N ALA C 228 -4.83 -22.64 -13.21
CA ALA C 228 -6.08 -22.88 -12.49
C ALA C 228 -7.30 -23.12 -13.35
N ALA C 229 -7.36 -22.55 -14.55
CA ALA C 229 -8.49 -22.74 -15.45
C ALA C 229 -8.25 -24.03 -16.18
N LYS C 230 -7.01 -24.33 -16.59
CA LYS C 230 -6.73 -25.63 -17.21
C LYS C 230 -7.02 -26.76 -16.22
N ALA C 231 -6.71 -26.57 -14.93
CA ALA C 231 -7.01 -27.54 -13.89
C ALA C 231 -8.51 -27.77 -13.78
N VAL C 232 -9.34 -26.75 -14.04
CA VAL C 232 -10.77 -27.04 -14.01
C VAL C 232 -11.07 -28.17 -15.02
N GLY C 233 -10.33 -28.36 -16.11
CA GLY C 233 -10.54 -29.33 -17.15
C GLY C 233 -10.21 -30.76 -16.75
N MET C 234 -9.51 -30.90 -15.63
CA MET C 234 -9.13 -32.18 -15.07
C MET C 234 -10.23 -32.56 -14.05
N VAL C 235 -10.88 -31.55 -13.50
CA VAL C 235 -11.88 -31.83 -12.46
C VAL C 235 -13.27 -31.90 -13.02
N ILE C 236 -13.56 -31.20 -14.09
CA ILE C 236 -14.84 -31.14 -14.80
C ILE C 236 -14.47 -31.44 -16.27
N PRO C 237 -14.27 -32.73 -16.58
CA PRO C 237 -13.75 -33.22 -17.83
C PRO C 237 -14.44 -32.73 -19.07
N SER C 238 -15.70 -32.35 -19.01
CA SER C 238 -16.34 -31.75 -20.17
C SER C 238 -15.80 -30.37 -20.54
N THR C 239 -14.97 -29.74 -19.68
CA THR C 239 -14.42 -28.41 -20.00
C THR C 239 -12.97 -28.49 -20.45
N GLN C 240 -12.47 -29.74 -20.45
CA GLN C 240 -11.10 -30.02 -20.80
C GLN C 240 -10.67 -29.38 -22.10
N GLY C 241 -9.58 -28.61 -22.09
CA GLY C 241 -9.28 -27.84 -23.30
C GLY C 241 -10.19 -26.67 -23.54
N LYS C 242 -11.30 -26.31 -22.84
CA LYS C 242 -12.07 -25.17 -23.36
C LYS C 242 -11.86 -23.90 -22.55
N LEU C 243 -11.07 -24.07 -21.51
CA LEU C 243 -10.79 -23.05 -20.55
C LEU C 243 -9.34 -22.75 -20.24
N THR C 244 -9.02 -21.47 -20.11
CA THR C 244 -7.70 -21.03 -19.65
C THR C 244 -7.78 -19.63 -19.06
N GLY C 245 -6.67 -19.12 -18.55
CA GLY C 245 -6.75 -17.77 -18.00
C GLY C 245 -5.39 -17.23 -17.60
N MET C 246 -5.39 -16.13 -16.86
CA MET C 246 -4.18 -15.53 -16.36
C MET C 246 -4.51 -14.89 -14.99
N SER C 247 -3.43 -14.40 -14.40
CA SER C 247 -3.54 -13.70 -13.13
C SER C 247 -2.90 -12.28 -13.22
N PHE C 248 -3.47 -11.40 -12.39
CA PHE C 248 -2.90 -10.06 -12.20
C PHE C 248 -2.65 -9.95 -10.68
N ARG C 249 -1.43 -9.96 -10.22
CA ARG C 249 -1.15 -9.88 -8.76
C ARG C 249 -1.19 -8.41 -8.38
N VAL C 250 -2.04 -8.03 -7.46
CA VAL C 250 -2.20 -6.65 -7.04
C VAL C 250 -1.85 -6.52 -5.56
N PRO C 251 -1.53 -5.31 -5.16
CA PRO C 251 -1.18 -4.95 -3.80
C PRO C 251 -2.25 -4.94 -2.74
N THR C 252 -2.93 -6.04 -2.48
CA THR C 252 -3.85 -6.15 -1.36
C THR C 252 -3.35 -7.36 -0.52
N PRO C 253 -3.58 -7.34 0.80
CA PRO C 253 -3.10 -8.35 1.71
C PRO C 253 -3.64 -9.75 1.60
N ASP C 254 -4.90 -9.89 1.19
CA ASP C 254 -5.56 -11.17 1.07
C ASP C 254 -6.89 -10.93 0.38
N VAL C 255 -7.49 -11.89 -0.19
CA VAL C 255 -8.78 -11.86 -0.85
C VAL C 255 -8.56 -11.57 -2.34
N SER C 256 -9.14 -12.52 -3.12
CA SER C 256 -8.89 -12.44 -4.57
C SER C 256 -10.24 -12.52 -5.31
N VAL C 257 -10.22 -12.27 -6.61
CA VAL C 257 -11.53 -12.35 -7.32
C VAL C 257 -11.28 -13.02 -8.65
N VAL C 258 -12.23 -13.85 -9.06
CA VAL C 258 -12.25 -14.49 -10.37
C VAL C 258 -13.24 -13.71 -11.25
N ASP C 259 -12.71 -13.39 -12.43
CA ASP C 259 -13.38 -12.61 -13.47
C ASP C 259 -13.44 -13.57 -14.70
N LEU C 260 -14.58 -14.27 -14.74
CA LEU C 260 -14.71 -15.33 -15.75
C LEU C 260 -15.63 -14.90 -16.92
N THR C 261 -15.10 -14.99 -18.13
CA THR C 261 -15.85 -14.67 -19.33
C THR C 261 -16.01 -15.96 -20.16
N PHE C 262 -17.26 -16.17 -20.63
CA PHE C 262 -17.49 -17.47 -21.23
C PHE C 262 -18.68 -17.41 -22.20
N THR C 263 -18.55 -18.41 -23.10
CA THR C 263 -19.69 -18.53 -24.03
C THR C 263 -20.48 -19.81 -23.66
N ALA C 264 -21.76 -19.59 -23.37
CA ALA C 264 -22.68 -20.65 -22.99
C ALA C 264 -22.94 -21.48 -24.25
N ALA C 265 -23.36 -22.71 -24.07
CA ALA C 265 -23.58 -23.68 -25.14
C ALA C 265 -24.92 -23.52 -25.84
N ARG C 266 -25.86 -22.91 -25.16
CA ARG C 266 -27.20 -22.64 -25.66
C ARG C 266 -27.60 -21.25 -25.18
N ASP C 267 -28.71 -20.75 -25.65
CA ASP C 267 -29.24 -19.46 -25.30
C ASP C 267 -29.80 -19.41 -23.87
N THR C 268 -29.37 -18.35 -23.17
CA THR C 268 -29.76 -18.05 -21.82
C THR C 268 -29.80 -16.53 -21.59
N SER C 269 -29.60 -16.12 -20.33
CA SER C 269 -29.62 -14.73 -19.98
C SER C 269 -28.71 -14.67 -18.75
N ILE C 270 -28.37 -13.46 -18.39
CA ILE C 270 -27.49 -13.40 -17.17
C ILE C 270 -28.34 -13.63 -15.93
N GLN C 271 -29.60 -13.20 -15.97
CA GLN C 271 -30.62 -13.39 -14.95
C GLN C 271 -30.86 -14.88 -14.72
N GLU C 272 -30.92 -15.73 -15.76
CA GLU C 272 -31.09 -17.16 -15.45
C GLU C 272 -29.84 -17.75 -14.81
N ILE C 273 -28.68 -17.32 -15.26
CA ILE C 273 -27.39 -17.74 -14.72
C ILE C 273 -27.34 -17.28 -13.24
N ASP C 274 -27.65 -16.02 -13.01
CA ASP C 274 -27.66 -15.44 -11.69
C ASP C 274 -28.62 -16.22 -10.78
N ALA C 275 -29.83 -16.56 -11.21
CA ALA C 275 -30.75 -17.32 -10.35
C ALA C 275 -30.25 -18.70 -9.97
N ALA C 276 -29.62 -19.34 -10.92
CA ALA C 276 -29.06 -20.68 -10.82
C ALA C 276 -27.84 -20.63 -9.89
N LEU C 277 -27.02 -19.58 -10.03
CA LEU C 277 -25.92 -19.54 -9.04
C LEU C 277 -26.49 -19.42 -7.61
N LYS C 278 -27.43 -18.60 -7.35
CA LYS C 278 -28.04 -18.29 -6.05
C LYS C 278 -28.72 -19.53 -5.48
N ARG C 279 -29.47 -20.21 -6.34
CA ARG C 279 -30.15 -21.44 -6.04
C ARG C 279 -29.18 -22.52 -5.72
N ALA C 280 -28.11 -22.78 -6.46
CA ALA C 280 -27.20 -23.85 -6.04
C ALA C 280 -26.48 -23.52 -4.72
N SER C 281 -26.19 -22.22 -4.49
CA SER C 281 -25.49 -21.77 -3.30
C SER C 281 -26.28 -22.10 -2.02
N LYS C 282 -27.60 -21.97 -2.15
CA LYS C 282 -28.48 -22.32 -1.06
C LYS C 282 -28.79 -23.82 -1.01
N THR C 283 -28.23 -24.65 -1.89
CA THR C 283 -28.62 -26.06 -1.86
C THR C 283 -27.44 -26.99 -1.94
N TYR C 284 -27.25 -27.56 -3.14
CA TYR C 284 -26.25 -28.55 -3.45
C TYR C 284 -24.83 -28.01 -3.40
N MET C 285 -24.63 -26.69 -3.45
CA MET C 285 -23.26 -26.17 -3.27
C MET C 285 -23.18 -25.43 -1.95
N LYS C 286 -24.17 -25.55 -1.08
CA LYS C 286 -24.26 -24.81 0.19
C LYS C 286 -23.06 -25.14 1.07
N GLY C 287 -22.38 -24.05 1.50
CA GLY C 287 -21.10 -24.19 2.25
C GLY C 287 -19.91 -24.09 1.31
N ILE C 288 -20.10 -24.22 -0.01
CA ILE C 288 -18.97 -24.19 -0.93
C ILE C 288 -19.08 -22.97 -1.83
N LEU C 289 -20.28 -22.66 -2.31
CA LEU C 289 -20.55 -21.56 -3.21
C LEU C 289 -21.53 -20.71 -2.43
N GLY C 290 -21.19 -19.46 -2.15
CA GLY C 290 -22.02 -18.54 -1.42
C GLY C 290 -22.21 -17.44 -2.48
N TYR C 291 -23.04 -16.45 -2.16
CA TYR C 291 -23.18 -15.31 -3.06
C TYR C 291 -23.47 -14.14 -2.15
N THR C 292 -23.38 -12.99 -2.78
CA THR C 292 -23.70 -11.73 -2.15
C THR C 292 -24.48 -10.89 -3.15
N ASP C 293 -25.47 -10.15 -2.70
CA ASP C 293 -26.15 -9.18 -3.54
C ASP C 293 -25.90 -7.83 -2.88
N GLU C 294 -24.85 -7.70 -2.07
CA GLU C 294 -24.48 -6.40 -1.48
C GLU C 294 -23.29 -5.70 -2.12
N GLU C 295 -22.94 -4.48 -1.70
CA GLU C 295 -21.87 -3.71 -2.30
C GLU C 295 -20.53 -3.93 -1.63
N LEU C 296 -20.06 -5.15 -1.67
CA LEU C 296 -18.86 -5.61 -1.03
C LEU C 296 -17.58 -5.33 -1.80
N VAL C 297 -16.54 -5.19 -0.97
CA VAL C 297 -15.19 -4.92 -1.48
C VAL C 297 -14.38 -6.06 -0.92
N SER C 298 -13.18 -6.35 -1.34
CA SER C 298 -12.45 -7.55 -0.95
C SER C 298 -12.22 -7.72 0.52
N ALA C 299 -12.09 -6.64 1.32
CA ALA C 299 -11.93 -6.83 2.77
C ALA C 299 -13.18 -7.50 3.32
N ASP C 300 -14.37 -7.33 2.73
CA ASP C 300 -15.58 -7.94 3.24
C ASP C 300 -15.56 -9.47 3.15
N PHE C 301 -14.66 -10.10 2.42
CA PHE C 301 -14.61 -11.56 2.33
C PHE C 301 -13.54 -12.13 3.22
N ILE C 302 -12.77 -11.27 3.91
CA ILE C 302 -11.75 -11.87 4.80
C ILE C 302 -12.41 -12.81 5.79
N ASN C 303 -11.98 -14.05 5.92
CA ASN C 303 -12.49 -15.06 6.83
C ASN C 303 -13.80 -15.71 6.32
N ASP C 304 -14.21 -15.39 5.10
CA ASP C 304 -15.39 -16.09 4.58
C ASP C 304 -14.92 -17.50 4.30
N ASN C 305 -15.57 -18.60 4.75
CA ASN C 305 -14.87 -19.86 4.42
C ASN C 305 -15.49 -20.53 3.19
N ARG C 306 -16.34 -19.88 2.45
CA ARG C 306 -16.82 -20.58 1.20
C ARG C 306 -15.61 -20.67 0.28
N SER C 307 -15.72 -21.45 -0.75
CA SER C 307 -14.69 -21.58 -1.76
C SER C 307 -14.74 -20.48 -2.83
N SER C 308 -15.95 -20.00 -2.98
CA SER C 308 -16.31 -19.12 -4.08
C SER C 308 -17.55 -18.38 -3.63
N ILE C 309 -17.53 -17.07 -3.75
CA ILE C 309 -18.54 -16.17 -3.35
C ILE C 309 -18.93 -15.26 -4.52
N TYR C 310 -20.02 -15.72 -5.16
CA TYR C 310 -20.54 -15.03 -6.36
C TYR C 310 -21.07 -13.66 -6.10
N ASP C 311 -20.59 -12.62 -6.79
CA ASP C 311 -21.02 -11.22 -6.59
C ASP C 311 -22.16 -10.95 -7.52
N SER C 312 -23.41 -10.95 -7.04
CA SER C 312 -24.54 -10.85 -7.95
C SER C 312 -24.65 -9.46 -8.58
N LYS C 313 -24.46 -8.38 -7.84
CA LYS C 313 -24.53 -7.04 -8.31
C LYS C 313 -23.45 -6.79 -9.39
N ALA C 314 -22.22 -7.14 -9.10
CA ALA C 314 -21.15 -6.99 -10.06
C ALA C 314 -21.45 -7.80 -11.31
N THR C 315 -22.08 -8.95 -11.23
CA THR C 315 -22.32 -9.75 -12.47
C THR C 315 -23.47 -9.15 -13.23
N LEU C 316 -24.60 -8.86 -12.52
CA LEU C 316 -25.76 -8.30 -13.22
C LEU C 316 -25.56 -6.94 -13.81
N GLN C 317 -24.76 -6.07 -13.27
CA GLN C 317 -24.69 -4.71 -13.74
C GLN C 317 -23.70 -4.54 -14.88
N ASN C 318 -22.82 -5.50 -15.04
CA ASN C 318 -21.74 -5.46 -15.99
C ASN C 318 -21.82 -6.49 -17.11
N ASN C 319 -23.02 -6.91 -17.49
CA ASN C 319 -23.18 -7.80 -18.62
C ASN C 319 -23.90 -7.14 -19.78
N LEU C 320 -23.87 -7.61 -21.01
CA LEU C 320 -24.57 -6.91 -22.10
C LEU C 320 -26.06 -7.11 -22.07
N PRO C 321 -26.82 -6.02 -22.22
CA PRO C 321 -28.27 -6.11 -22.17
C PRO C 321 -28.78 -7.08 -23.24
N LYS C 322 -29.62 -8.03 -22.84
CA LYS C 322 -30.21 -8.97 -23.80
C LYS C 322 -29.31 -10.05 -24.40
N GLU C 323 -28.04 -10.17 -24.01
CA GLU C 323 -27.15 -11.17 -24.58
C GLU C 323 -27.56 -12.59 -24.23
N ARG C 324 -27.34 -13.54 -25.13
CA ARG C 324 -27.72 -14.92 -24.98
C ARG C 324 -26.61 -15.92 -24.81
N ARG C 325 -25.40 -15.62 -25.16
CA ARG C 325 -24.26 -16.52 -25.07
C ARG C 325 -23.01 -16.04 -24.33
N PHE C 326 -22.63 -14.77 -24.52
CA PHE C 326 -21.40 -14.21 -24.00
C PHE C 326 -21.56 -13.56 -22.64
N PHE C 327 -21.01 -14.17 -21.58
CA PHE C 327 -21.19 -13.66 -20.24
C PHE C 327 -19.94 -13.50 -19.38
N LYS C 328 -20.05 -12.56 -18.43
CA LYS C 328 -19.00 -12.31 -17.45
C LYS C 328 -19.60 -12.68 -16.05
N ILE C 329 -18.90 -13.50 -15.30
CA ILE C 329 -19.28 -13.87 -13.96
C ILE C 329 -18.11 -13.50 -13.02
N VAL C 330 -18.46 -12.76 -12.02
CA VAL C 330 -17.50 -12.35 -10.96
C VAL C 330 -17.70 -13.12 -9.66
N SER C 331 -16.64 -13.69 -9.08
CA SER C 331 -16.69 -14.42 -7.84
C SER C 331 -15.40 -14.24 -7.01
N TRP C 332 -15.69 -14.05 -5.72
CA TRP C 332 -14.60 -13.71 -4.76
C TRP C 332 -14.13 -14.90 -4.01
N TYR C 333 -12.95 -14.81 -3.39
CA TYR C 333 -12.49 -15.94 -2.57
C TYR C 333 -11.42 -15.35 -1.62
N ASP C 334 -11.50 -15.85 -0.40
CA ASP C 334 -10.44 -15.36 0.55
C ASP C 334 -9.43 -16.42 0.22
N ASN C 335 -8.37 -16.09 -0.50
CA ASN C 335 -7.52 -17.12 -1.07
C ASN C 335 -6.88 -17.98 0.02
N GLU C 336 -6.69 -17.38 1.19
CA GLU C 336 -6.10 -18.10 2.29
C GLU C 336 -7.17 -18.91 3.04
N TRP C 337 -8.19 -18.31 3.57
CA TRP C 337 -9.16 -18.92 4.43
C TRP C 337 -10.01 -20.07 3.86
N GLY C 338 -10.74 -19.79 2.80
CA GLY C 338 -11.59 -20.79 2.15
C GLY C 338 -10.91 -22.11 1.85
N TYR C 339 -9.77 -22.08 1.16
CA TYR C 339 -8.97 -23.20 0.86
C TYR C 339 -8.52 -24.04 2.06
N SER C 340 -8.12 -23.32 3.11
CA SER C 340 -7.69 -23.95 4.36
C SER C 340 -8.81 -24.86 4.84
N HIS C 341 -10.00 -24.31 4.95
CA HIS C 341 -11.18 -25.06 5.32
C HIS C 341 -11.34 -26.22 4.34
N ARG C 342 -11.44 -25.96 3.03
CA ARG C 342 -11.48 -27.09 2.08
C ARG C 342 -10.47 -28.20 2.32
N VAL C 343 -9.25 -27.96 2.76
CA VAL C 343 -8.34 -29.06 3.08
C VAL C 343 -8.86 -29.97 4.20
N VAL C 344 -9.29 -29.42 5.32
CA VAL C 344 -9.87 -30.06 6.48
C VAL C 344 -11.20 -30.72 6.08
N ASP C 345 -11.92 -30.05 5.18
CA ASP C 345 -13.17 -30.54 4.63
C ASP C 345 -13.03 -31.84 3.86
N LEU C 346 -11.98 -31.88 3.05
CA LEU C 346 -11.62 -33.03 2.25
C LEU C 346 -11.22 -34.12 3.22
N VAL C 347 -10.26 -33.81 4.11
CA VAL C 347 -9.77 -34.75 5.09
C VAL C 347 -10.94 -35.45 5.77
N ARG C 348 -11.90 -34.69 6.28
CA ARG C 348 -13.04 -35.37 6.90
C ARG C 348 -13.62 -36.25 5.80
N HIS C 349 -14.11 -35.70 4.71
CA HIS C 349 -14.66 -36.51 3.63
C HIS C 349 -14.10 -37.93 3.60
N MET C 350 -12.83 -38.05 3.26
CA MET C 350 -12.15 -39.31 3.20
C MET C 350 -12.27 -40.15 4.47
N ALA C 351 -12.23 -39.51 5.63
CA ALA C 351 -12.35 -40.21 6.90
C ALA C 351 -13.71 -40.92 6.96
N SER C 352 -14.74 -40.22 6.55
CA SER C 352 -16.11 -40.69 6.49
C SER C 352 -16.24 -41.80 5.45
N LYS C 353 -15.52 -41.68 4.33
CA LYS C 353 -15.53 -42.68 3.29
C LYS C 353 -14.59 -43.86 3.49
N ASP C 354 -13.30 -43.61 3.63
CA ASP C 354 -12.32 -44.71 3.67
C ASP C 354 -12.42 -45.55 4.93
N ARG C 355 -13.03 -45.05 6.00
CA ARG C 355 -13.29 -45.90 7.16
C ARG C 355 -14.10 -47.04 6.52
N SER C 356 -15.25 -46.66 5.97
CA SER C 356 -16.16 -47.57 5.30
C SER C 356 -15.66 -48.09 3.97
N ALA C 357 -14.55 -48.79 4.01
CA ALA C 357 -13.79 -49.49 3.02
C ALA C 357 -12.70 -50.31 3.74
N ARG C 358 -12.68 -50.13 5.05
CA ARG C 358 -11.76 -50.80 5.96
C ARG C 358 -12.63 -51.57 6.97
N LEU C 359 -13.61 -50.80 7.48
CA LEU C 359 -14.55 -51.35 8.45
C LEU C 359 -15.10 -52.67 7.92
N MET D 1 1.52 31.66 -35.58
CA MET D 1 0.84 32.32 -34.41
C MET D 1 0.48 31.23 -33.41
N PRO D 2 1.06 31.31 -32.22
CA PRO D 2 0.79 30.31 -31.21
C PRO D 2 -0.71 30.37 -30.92
N ILE D 3 -1.30 29.20 -30.80
CA ILE D 3 -2.70 29.10 -30.45
C ILE D 3 -2.81 29.45 -28.94
N LYS D 4 -3.81 30.27 -28.64
CA LYS D 4 -3.98 30.77 -27.29
C LYS D 4 -4.90 29.85 -26.48
N VAL D 5 -4.28 29.19 -25.50
CA VAL D 5 -5.03 28.17 -24.74
C VAL D 5 -5.26 28.69 -23.34
N GLY D 6 -6.39 28.31 -22.77
CA GLY D 6 -6.68 28.59 -21.35
C GLY D 6 -7.01 27.23 -20.70
N ILE D 7 -6.61 27.05 -19.47
CA ILE D 7 -6.95 25.77 -18.80
C ILE D 7 -7.89 26.11 -17.63
N ASN D 8 -9.11 25.57 -17.75
CA ASN D 8 -10.09 25.75 -16.67
C ASN D 8 -9.89 24.53 -15.73
N GLY D 9 -9.47 24.81 -14.49
CA GLY D 9 -9.24 23.68 -13.57
C GLY D 9 -7.75 23.38 -13.60
N PHE D 10 -7.11 23.67 -12.46
CA PHE D 10 -5.68 23.46 -12.42
C PHE D 10 -5.36 22.45 -11.30
N GLY D 11 -6.21 21.46 -11.31
CA GLY D 11 -6.15 20.31 -10.41
C GLY D 11 -5.23 19.35 -11.17
N ARG D 12 -5.17 18.10 -10.77
CA ARG D 12 -4.32 17.12 -11.37
C ARG D 12 -4.37 16.97 -12.88
N ILE D 13 -5.58 16.78 -13.45
CA ILE D 13 -5.58 16.58 -14.90
C ILE D 13 -5.16 17.86 -15.59
N GLY D 14 -5.53 19.04 -15.10
CA GLY D 14 -5.08 20.28 -15.78
C GLY D 14 -3.58 20.39 -15.74
N ARG D 15 -2.97 20.06 -14.57
CA ARG D 15 -1.51 20.14 -14.46
C ARG D 15 -0.74 19.26 -15.40
N MET D 16 -1.12 18.02 -15.49
CA MET D 16 -0.63 16.93 -16.34
C MET D 16 -0.80 17.28 -17.79
N VAL D 17 -1.87 17.95 -18.24
CA VAL D 17 -1.98 18.50 -19.60
C VAL D 17 -0.84 19.47 -19.84
N PHE D 18 -0.66 20.41 -18.86
CA PHE D 18 0.37 21.40 -18.93
C PHE D 18 1.73 20.72 -18.98
N GLN D 19 1.95 19.71 -18.10
CA GLN D 19 3.25 19.06 -18.15
C GLN D 19 3.47 18.40 -19.48
N ALA D 20 2.40 17.70 -19.96
CA ALA D 20 2.55 17.07 -21.28
C ALA D 20 2.99 18.03 -22.33
N LEU D 21 2.51 19.23 -22.42
CA LEU D 21 2.82 20.28 -23.38
C LEU D 21 4.24 20.83 -23.28
N CYS D 22 4.69 21.07 -22.00
CA CYS D 22 6.01 21.60 -21.85
C CYS D 22 7.03 20.60 -22.37
N GLU D 23 6.81 19.34 -21.99
CA GLU D 23 7.69 18.26 -22.36
C GLU D 23 7.86 18.15 -23.86
N ASP D 24 6.78 18.27 -24.64
CA ASP D 24 6.85 18.17 -26.08
C ASP D 24 7.39 19.37 -26.77
N GLY D 25 7.85 20.34 -25.97
CA GLY D 25 8.41 21.58 -26.40
C GLY D 25 7.37 22.40 -27.12
N LEU D 26 6.08 22.33 -26.75
CA LEU D 26 5.10 23.14 -27.48
C LEU D 26 4.85 24.52 -26.89
N LEU D 27 5.13 24.66 -25.61
CA LEU D 27 4.79 25.89 -24.89
C LEU D 27 5.52 27.12 -25.42
N GLY D 28 4.77 28.11 -25.85
CA GLY D 28 5.36 29.33 -26.43
C GLY D 28 5.73 29.22 -27.92
N THR D 29 5.49 28.09 -28.55
CA THR D 29 5.76 27.89 -29.98
C THR D 29 4.40 27.61 -30.63
N GLU D 30 3.97 26.35 -30.59
CA GLU D 30 2.65 26.01 -31.10
C GLU D 30 1.51 26.42 -30.17
N ILE D 31 1.70 26.38 -28.86
CA ILE D 31 0.63 26.76 -27.91
C ILE D 31 1.08 27.77 -26.87
N ASP D 32 0.34 28.84 -26.67
CA ASP D 32 0.64 29.76 -25.59
C ASP D 32 -0.35 29.46 -24.43
N VAL D 33 0.09 28.87 -23.33
CA VAL D 33 -0.84 28.75 -22.18
C VAL D 33 -0.83 30.12 -21.47
N VAL D 34 -1.88 30.88 -21.69
CA VAL D 34 -2.06 32.25 -21.28
C VAL D 34 -2.49 32.26 -19.82
N ALA D 35 -3.39 31.31 -19.47
CA ALA D 35 -3.96 31.31 -18.13
C ALA D 35 -4.55 29.95 -17.71
N VAL D 36 -4.53 29.77 -16.39
CA VAL D 36 -5.05 28.57 -15.78
C VAL D 36 -6.12 29.10 -14.78
N VAL D 37 -7.29 28.51 -14.78
CA VAL D 37 -8.22 29.08 -13.81
C VAL D 37 -8.57 28.03 -12.78
N ASP D 38 -8.65 28.51 -11.53
CA ASP D 38 -8.90 27.56 -10.42
C ASP D 38 -9.40 28.35 -9.20
N MET D 39 -9.91 27.61 -8.23
CA MET D 39 -10.45 28.19 -7.00
C MET D 39 -9.27 28.77 -6.23
N ASN D 40 -8.14 28.10 -6.24
CA ASN D 40 -6.97 28.69 -5.57
C ASN D 40 -6.32 29.68 -6.53
N THR D 41 -5.73 30.69 -5.87
CA THR D 41 -5.12 31.83 -6.55
C THR D 41 -3.62 31.90 -6.30
N ASP D 42 -3.20 31.09 -5.36
CA ASP D 42 -1.83 31.03 -4.85
C ASP D 42 -0.84 30.53 -5.87
N ALA D 43 -0.13 31.34 -6.60
CA ALA D 43 0.80 30.87 -7.64
C ALA D 43 1.89 30.00 -7.04
N GLU D 44 2.40 30.40 -5.85
CA GLU D 44 3.43 29.59 -5.17
C GLU D 44 2.90 28.20 -4.83
N TYR D 45 1.63 28.04 -4.48
CA TYR D 45 1.07 26.66 -4.32
C TYR D 45 1.10 25.95 -5.66
N PHE D 46 0.61 26.59 -6.73
CA PHE D 46 0.65 25.99 -8.07
C PHE D 46 2.04 25.54 -8.48
N ALA D 47 3.02 26.38 -8.20
CA ALA D 47 4.42 26.07 -8.53
C ALA D 47 4.92 24.86 -7.74
N TYR D 48 4.50 24.80 -6.45
CA TYR D 48 4.87 23.62 -5.65
C TYR D 48 4.27 22.38 -6.28
N GLN D 49 2.97 22.43 -6.59
CA GLN D 49 2.25 21.30 -7.16
C GLN D 49 2.88 20.93 -8.53
N MET D 50 3.32 21.91 -9.31
CA MET D 50 3.90 21.53 -10.61
C MET D 50 5.26 20.92 -10.45
N ARG D 51 6.06 21.41 -9.48
CA ARG D 51 7.43 20.91 -9.29
C ARG D 51 7.52 19.47 -8.86
N TYR D 52 6.72 19.11 -7.86
CA TYR D 52 6.77 17.75 -7.31
C TYR D 52 5.55 16.89 -7.57
N ASP D 53 5.84 15.69 -8.07
CA ASP D 53 4.77 14.73 -8.36
C ASP D 53 5.12 13.40 -7.79
N THR D 54 4.31 12.82 -6.88
CA THR D 54 4.77 11.56 -6.31
C THR D 54 4.91 10.46 -7.33
N VAL D 55 4.15 10.44 -8.42
CA VAL D 55 4.32 9.32 -9.36
C VAL D 55 5.24 9.67 -10.54
N HIS D 56 5.11 10.88 -11.08
CA HIS D 56 5.86 11.27 -12.29
C HIS D 56 7.20 11.89 -11.99
N GLY D 57 7.60 12.06 -10.74
CA GLY D 57 8.90 12.58 -10.33
C GLY D 57 8.95 14.11 -10.33
N LYS D 58 10.12 14.70 -10.25
CA LYS D 58 10.30 16.13 -10.21
C LYS D 58 10.15 16.72 -11.60
N PHE D 59 9.43 17.83 -11.69
CA PHE D 59 9.27 18.47 -13.02
C PHE D 59 10.66 18.93 -13.44
N LYS D 60 11.03 18.67 -14.68
CA LYS D 60 12.43 18.93 -15.04
C LYS D 60 12.70 20.35 -15.47
N TYR D 61 11.68 21.19 -15.60
CA TYR D 61 11.87 22.61 -15.95
C TYR D 61 11.76 23.44 -14.69
N GLU D 62 12.26 24.67 -14.68
CA GLU D 62 12.23 25.56 -13.55
C GLU D 62 10.88 26.27 -13.46
N VAL D 63 10.27 26.32 -12.29
CA VAL D 63 8.99 27.05 -12.24
C VAL D 63 9.17 28.22 -11.28
N THR D 64 8.96 29.48 -11.64
CA THR D 64 9.01 30.51 -10.61
C THR D 64 7.66 31.24 -10.60
N THR D 65 7.46 32.22 -9.76
CA THR D 65 6.19 32.97 -9.70
C THR D 65 6.48 34.47 -9.83
N THR D 66 5.53 35.26 -10.24
CA THR D 66 5.64 36.69 -10.34
C THR D 66 4.25 37.36 -10.12
N LYS D 67 4.32 38.69 -10.21
CA LYS D 67 3.09 39.48 -10.10
C LYS D 67 2.81 40.02 -11.51
N SER D 68 1.53 40.03 -11.89
CA SER D 68 1.13 40.59 -13.19
C SER D 68 1.41 42.11 -13.11
N SER D 69 1.04 42.74 -12.00
CA SER D 69 1.26 44.13 -11.68
C SER D 69 1.71 44.24 -10.22
N PRO D 70 2.54 45.24 -9.90
CA PRO D 70 3.05 45.48 -8.57
C PRO D 70 1.99 45.61 -7.50
N SER D 71 0.85 46.16 -7.86
CA SER D 71 -0.27 46.25 -6.93
C SER D 71 -0.43 44.92 -6.17
N VAL D 72 -0.87 43.93 -6.95
CA VAL D 72 -1.20 42.61 -6.49
C VAL D 72 -0.39 42.08 -5.32
N ALA D 73 -1.07 41.70 -4.24
CA ALA D 73 -0.34 41.20 -3.07
C ALA D 73 0.46 39.95 -3.40
N LYS D 74 -0.15 38.77 -3.28
CA LYS D 74 0.57 37.53 -3.58
C LYS D 74 0.77 37.35 -5.10
N ASP D 75 1.71 36.48 -5.45
CA ASP D 75 2.04 36.20 -6.83
C ASP D 75 0.80 35.69 -7.53
N ASP D 76 0.52 36.17 -8.74
CA ASP D 76 -0.62 35.59 -9.45
C ASP D 76 -0.20 35.06 -10.82
N THR D 77 1.12 34.92 -11.04
CA THR D 77 1.71 34.55 -12.29
C THR D 77 2.79 33.46 -12.15
N LEU D 78 2.57 32.43 -12.93
CA LEU D 78 3.50 31.28 -13.01
C LEU D 78 4.39 31.54 -14.20
N VAL D 79 5.67 31.28 -14.08
CA VAL D 79 6.71 31.53 -15.08
C VAL D 79 7.47 30.23 -15.34
N VAL D 80 7.35 29.64 -16.51
CA VAL D 80 8.02 28.41 -16.93
C VAL D 80 8.94 28.56 -18.14
N ASN D 81 10.24 28.58 -17.86
CA ASN D 81 11.28 28.79 -18.85
C ASN D 81 10.89 30.08 -19.57
N GLY D 82 10.60 31.14 -18.78
CA GLY D 82 10.21 32.41 -19.34
C GLY D 82 8.77 32.57 -19.80
N HIS D 83 7.99 31.52 -19.87
CA HIS D 83 6.59 31.60 -20.29
C HIS D 83 5.74 31.91 -19.03
N ARG D 84 5.03 32.97 -19.07
CA ARG D 84 4.22 33.59 -18.07
C ARG D 84 2.77 33.17 -18.20
N ILE D 85 2.19 32.66 -17.11
CA ILE D 85 0.85 32.08 -17.14
C ILE D 85 0.06 32.65 -15.94
N LEU D 86 -0.99 33.37 -16.30
CA LEU D 86 -1.78 34.09 -15.29
C LEU D 86 -2.66 33.07 -14.57
N CYS D 87 -2.70 33.18 -13.23
CA CYS D 87 -3.56 32.35 -12.42
C CYS D 87 -4.81 33.18 -12.15
N VAL D 88 -5.92 32.75 -12.74
CA VAL D 88 -7.13 33.52 -12.56
C VAL D 88 -8.07 32.72 -11.68
N LYS D 89 -8.86 33.41 -10.90
CA LYS D 89 -9.80 32.86 -9.95
C LYS D 89 -11.01 32.29 -10.68
N ALA D 90 -11.37 31.07 -10.29
CA ALA D 90 -12.53 30.45 -10.90
C ALA D 90 -13.75 31.35 -10.63
N GLN D 91 -14.73 31.10 -11.46
CA GLN D 91 -16.03 31.72 -11.54
C GLN D 91 -17.04 30.59 -11.55
N ARG D 92 -18.15 30.82 -10.83
CA ARG D 92 -19.24 29.84 -10.84
C ARG D 92 -19.84 29.73 -12.23
N ASN D 93 -19.88 30.85 -12.94
CA ASN D 93 -20.34 30.85 -14.33
C ASN D 93 -19.15 31.04 -15.28
N PRO D 94 -18.89 30.02 -16.09
CA PRO D 94 -17.81 30.06 -17.09
C PRO D 94 -17.95 31.19 -18.05
N ALA D 95 -19.18 31.67 -18.33
CA ALA D 95 -19.39 32.88 -19.13
C ALA D 95 -18.77 34.12 -18.52
N ASP D 96 -18.35 34.20 -17.25
CA ASP D 96 -17.69 35.39 -16.71
C ASP D 96 -16.17 35.30 -16.73
N LEU D 97 -15.69 34.21 -17.32
CA LEU D 97 -14.25 33.97 -17.41
C LEU D 97 -13.76 34.99 -18.42
N PRO D 98 -12.55 35.48 -18.22
CA PRO D 98 -11.98 36.54 -19.07
C PRO D 98 -11.16 36.01 -20.20
N TRP D 99 -11.72 34.98 -20.85
CA TRP D 99 -11.05 34.44 -22.04
C TRP D 99 -10.85 35.47 -23.15
N GLY D 100 -11.90 36.16 -23.54
CA GLY D 100 -11.79 37.17 -24.63
C GLY D 100 -10.83 38.28 -24.20
N LYS D 101 -10.90 38.65 -22.93
CA LYS D 101 -10.07 39.66 -22.30
C LYS D 101 -8.60 39.22 -22.33
N LEU D 102 -8.38 37.89 -22.33
CA LEU D 102 -7.02 37.35 -22.49
C LEU D 102 -6.61 36.89 -23.88
N GLY D 103 -7.52 36.92 -24.88
CA GLY D 103 -7.19 36.45 -26.22
C GLY D 103 -7.15 34.90 -26.27
N VAL D 104 -7.76 34.23 -25.30
CA VAL D 104 -7.76 32.76 -25.29
C VAL D 104 -8.71 32.22 -26.31
N GLU D 105 -8.37 31.32 -27.22
CA GLU D 105 -9.39 30.83 -28.11
C GLU D 105 -9.76 29.40 -27.78
N TYR D 106 -8.85 28.62 -27.20
CA TYR D 106 -9.12 27.21 -26.92
C TYR D 106 -9.14 26.94 -25.43
N VAL D 107 -10.30 26.53 -24.89
CA VAL D 107 -10.26 26.25 -23.42
C VAL D 107 -10.21 24.74 -23.25
N ILE D 108 -9.28 24.29 -22.39
CA ILE D 108 -9.26 22.87 -22.00
C ILE D 108 -10.02 22.85 -20.66
N GLU D 109 -11.19 22.24 -20.64
CA GLU D 109 -12.08 22.27 -19.46
C GLU D 109 -11.86 21.00 -18.64
N SER D 110 -11.21 21.19 -17.49
CA SER D 110 -10.85 19.93 -16.78
C SER D 110 -11.28 19.94 -15.35
N THR D 111 -12.16 20.77 -14.93
CA THR D 111 -12.68 20.81 -13.54
C THR D 111 -13.58 19.64 -13.26
N GLY D 112 -14.20 19.06 -14.30
CA GLY D 112 -15.19 18.00 -14.11
C GLY D 112 -16.54 18.62 -13.70
N LEU D 113 -16.72 19.94 -13.60
CA LEU D 113 -18.01 20.53 -13.22
C LEU D 113 -18.82 21.02 -14.40
N PHE D 114 -18.22 21.11 -15.60
CA PHE D 114 -18.85 21.55 -16.81
C PHE D 114 -18.74 20.59 -17.98
N THR D 115 -19.13 19.36 -17.70
CA THR D 115 -19.05 18.22 -18.63
C THR D 115 -20.34 18.15 -19.46
N ALA D 116 -21.39 18.91 -19.04
CA ALA D 116 -22.62 18.96 -19.85
C ALA D 116 -22.30 19.91 -21.01
N LYS D 117 -22.62 19.64 -22.26
CA LYS D 117 -22.33 20.54 -23.38
C LYS D 117 -22.76 21.97 -23.15
N ALA D 118 -24.00 22.13 -22.65
CA ALA D 118 -24.60 23.41 -22.41
C ALA D 118 -23.87 24.21 -21.35
N ALA D 119 -23.41 23.54 -20.28
CA ALA D 119 -22.60 24.28 -19.29
C ALA D 119 -21.24 24.70 -19.86
N ALA D 120 -20.55 23.87 -20.61
CA ALA D 120 -19.24 24.17 -21.20
C ALA D 120 -19.36 25.24 -22.28
N GLU D 121 -20.52 25.41 -22.90
CA GLU D 121 -20.75 26.51 -23.83
C GLU D 121 -20.62 27.87 -23.22
N GLY D 122 -20.69 27.99 -21.90
CA GLY D 122 -20.44 29.24 -21.18
C GLY D 122 -19.04 29.78 -21.46
N HIS D 123 -18.02 28.94 -21.72
CA HIS D 123 -16.70 29.41 -22.11
C HIS D 123 -16.80 30.26 -23.38
N LEU D 124 -17.64 29.86 -24.35
CA LEU D 124 -17.77 30.63 -25.59
C LEU D 124 -18.34 32.00 -25.35
N ARG D 125 -19.36 32.09 -24.51
CA ARG D 125 -19.87 33.42 -24.07
C ARG D 125 -18.76 34.17 -23.38
N GLY D 126 -17.86 33.50 -22.70
CA GLY D 126 -16.72 34.15 -22.08
C GLY D 126 -15.70 34.60 -23.13
N GLY D 127 -15.79 34.15 -24.40
CA GLY D 127 -14.78 34.65 -25.34
C GLY D 127 -13.97 33.57 -26.02
N ALA D 128 -14.08 32.31 -25.53
CA ALA D 128 -13.32 31.26 -26.23
C ALA D 128 -14.12 30.90 -27.50
N ARG D 129 -13.58 30.13 -28.43
CA ARG D 129 -14.14 29.68 -29.66
C ARG D 129 -14.39 28.17 -29.59
N LYS D 130 -13.51 27.52 -28.81
CA LYS D 130 -13.59 26.08 -28.74
C LYS D 130 -13.28 25.55 -27.33
N VAL D 131 -13.97 24.45 -27.01
CA VAL D 131 -13.76 23.85 -25.71
C VAL D 131 -13.44 22.38 -25.86
N VAL D 132 -12.37 21.92 -25.16
CA VAL D 132 -12.08 20.51 -25.15
C VAL D 132 -12.34 20.04 -23.71
N ILE D 133 -13.27 19.12 -23.62
CA ILE D 133 -13.63 18.62 -22.28
C ILE D 133 -12.81 17.37 -22.02
N SER D 134 -12.00 17.41 -20.97
CA SER D 134 -11.07 16.34 -20.66
C SER D 134 -11.65 15.23 -19.78
N ALA D 135 -12.80 14.70 -20.16
CA ALA D 135 -13.56 13.63 -19.60
C ALA D 135 -14.75 13.37 -20.55
N PRO D 136 -15.46 12.28 -20.33
CA PRO D 136 -16.73 12.01 -21.00
C PRO D 136 -17.64 13.23 -20.83
N ALA D 137 -18.38 13.57 -21.88
CA ALA D 137 -19.27 14.74 -21.80
C ALA D 137 -20.73 14.31 -21.96
N SER D 138 -21.68 15.22 -21.83
CA SER D 138 -23.09 14.96 -22.07
C SER D 138 -23.69 16.15 -22.83
N GLY D 139 -24.93 15.93 -23.24
CA GLY D 139 -25.69 16.95 -23.95
C GLY D 139 -25.33 17.05 -25.42
N GLY D 140 -24.80 15.94 -25.96
CA GLY D 140 -24.44 15.95 -27.37
C GLY D 140 -23.13 16.53 -27.83
N ALA D 141 -22.10 16.58 -26.98
CA ALA D 141 -20.79 17.06 -27.37
C ALA D 141 -20.12 15.95 -28.19
N LYS D 142 -19.48 16.29 -29.30
CA LYS D 142 -18.83 15.29 -30.14
C LYS D 142 -17.66 14.64 -29.38
N THR D 143 -17.62 13.32 -29.38
CA THR D 143 -16.55 12.62 -28.66
C THR D 143 -15.51 12.20 -29.67
N LEU D 144 -14.29 12.62 -29.42
CA LEU D 144 -13.18 12.34 -30.32
C LEU D 144 -12.03 11.63 -29.59
N VAL D 145 -11.52 10.56 -30.17
CA VAL D 145 -10.39 9.82 -29.71
C VAL D 145 -9.33 9.87 -30.82
N MET D 146 -8.19 10.42 -30.49
CA MET D 146 -7.02 10.50 -31.35
C MET D 146 -6.60 9.10 -31.78
N GLY D 147 -6.36 9.00 -33.09
CA GLY D 147 -5.95 7.83 -33.84
C GLY D 147 -7.17 7.00 -34.22
N VAL D 148 -8.35 7.31 -33.76
CA VAL D 148 -9.52 6.48 -34.00
C VAL D 148 -10.59 7.16 -34.83
N ASN D 149 -11.15 8.28 -34.39
CA ASN D 149 -12.13 8.98 -35.19
C ASN D 149 -11.87 10.48 -35.17
N HIS D 150 -10.68 10.99 -34.83
CA HIS D 150 -10.44 12.41 -34.69
C HIS D 150 -10.60 13.21 -35.98
N HIS D 151 -10.45 12.55 -37.15
CA HIS D 151 -10.73 13.26 -38.40
C HIS D 151 -12.22 13.52 -38.57
N GLU D 152 -13.13 13.06 -37.66
CA GLU D 152 -14.51 13.44 -37.76
C GLU D 152 -14.74 14.82 -37.20
N TYR D 153 -13.74 15.46 -36.61
CA TYR D 153 -13.93 16.79 -36.06
C TYR D 153 -14.31 17.72 -37.21
N ASN D 154 -15.35 18.47 -36.99
CA ASN D 154 -15.83 19.39 -38.02
C ASN D 154 -15.83 20.79 -37.45
N PRO D 155 -14.93 21.66 -37.85
CA PRO D 155 -14.82 23.01 -37.37
C PRO D 155 -16.07 23.84 -37.34
N SER D 156 -16.99 23.72 -38.32
CA SER D 156 -18.14 24.65 -38.27
C SER D 156 -19.27 24.13 -37.43
N GLU D 157 -19.22 22.85 -37.04
CA GLU D 157 -20.23 22.27 -36.17
C GLU D 157 -19.78 21.97 -34.75
N HIS D 158 -18.55 21.53 -34.58
CA HIS D 158 -18.12 21.02 -33.27
C HIS D 158 -17.34 22.09 -32.53
N HIS D 159 -17.98 22.79 -31.59
CA HIS D 159 -17.33 23.84 -30.82
C HIS D 159 -16.96 23.39 -29.39
N VAL D 160 -17.76 22.54 -28.80
CA VAL D 160 -17.49 21.93 -27.50
C VAL D 160 -17.38 20.43 -27.73
N VAL D 161 -16.21 19.86 -27.47
CA VAL D 161 -15.96 18.45 -27.71
C VAL D 161 -15.42 17.80 -26.45
N SER D 162 -15.49 16.48 -26.48
CA SER D 162 -15.01 15.61 -25.43
C SER D 162 -13.87 14.75 -25.94
N ASN D 163 -12.82 14.65 -25.15
CA ASN D 163 -11.72 13.75 -25.48
C ASN D 163 -11.94 12.35 -24.91
N ALA D 164 -13.12 11.96 -24.53
CA ALA D 164 -13.50 10.69 -23.92
C ALA D 164 -12.78 10.55 -22.58
N SER D 165 -12.52 9.33 -22.13
CA SER D 165 -11.85 9.08 -20.86
C SER D 165 -10.53 8.32 -21.09
N CYS D 166 -9.72 8.23 -20.04
CA CYS D 166 -8.46 7.53 -20.12
C CYS D 166 -8.72 6.07 -20.49
N THR D 167 -9.73 5.46 -19.88
CA THR D 167 -9.94 4.05 -20.24
C THR D 167 -10.43 3.89 -21.70
N THR D 168 -11.29 4.77 -22.12
CA THR D 168 -11.85 4.73 -23.48
C THR D 168 -10.66 4.87 -24.46
N ASN D 169 -9.66 5.68 -24.06
CA ASN D 169 -8.53 5.92 -24.94
C ASN D 169 -7.61 4.72 -25.01
N CYS D 170 -7.60 3.82 -24.01
CA CYS D 170 -6.79 2.63 -24.09
C CYS D 170 -7.55 1.59 -24.93
N LEU D 171 -8.80 1.38 -24.64
CA LEU D 171 -9.66 0.40 -25.28
C LEU D 171 -9.91 0.64 -26.78
N ALA D 172 -10.35 1.82 -27.15
CA ALA D 172 -10.72 2.21 -28.50
C ALA D 172 -9.70 1.91 -29.57
N PRO D 173 -8.43 2.23 -29.36
CA PRO D 173 -7.42 1.87 -30.33
C PRO D 173 -7.36 0.35 -30.54
N ILE D 174 -7.56 -0.52 -29.55
CA ILE D 174 -7.53 -1.95 -29.74
C ILE D 174 -8.68 -2.38 -30.67
N VAL D 175 -9.89 -1.93 -30.35
CA VAL D 175 -11.09 -2.24 -31.09
C VAL D 175 -11.00 -1.70 -32.51
N HIS D 176 -10.48 -0.49 -32.66
CA HIS D 176 -10.28 0.10 -34.00
C HIS D 176 -9.44 -0.80 -34.91
N VAL D 177 -8.31 -1.32 -34.46
CA VAL D 177 -7.41 -2.19 -35.15
C VAL D 177 -8.18 -3.45 -35.57
N LEU D 178 -8.79 -4.14 -34.61
CA LEU D 178 -9.66 -5.27 -34.88
C LEU D 178 -10.74 -5.05 -35.92
N VAL D 179 -11.48 -3.97 -35.82
CA VAL D 179 -12.53 -3.64 -36.74
C VAL D 179 -11.92 -3.20 -38.09
N LYS D 180 -10.95 -2.31 -38.07
CA LYS D 180 -10.31 -1.83 -39.30
C LYS D 180 -9.69 -2.97 -40.09
N GLU D 181 -8.94 -3.85 -39.42
CA GLU D 181 -8.33 -4.95 -40.17
C GLU D 181 -9.32 -6.02 -40.63
N GLY D 182 -10.59 -6.04 -40.28
CA GLY D 182 -11.52 -7.05 -40.68
C GLY D 182 -11.57 -8.28 -39.80
N PHE D 183 -10.94 -8.30 -38.65
CA PHE D 183 -11.09 -9.36 -37.66
C PHE D 183 -12.53 -9.23 -37.18
N GLY D 184 -12.93 -8.02 -36.85
CA GLY D 184 -14.20 -7.58 -36.35
C GLY D 184 -14.40 -8.05 -34.90
N VAL D 185 -15.42 -7.43 -34.35
CA VAL D 185 -15.92 -7.58 -33.01
C VAL D 185 -17.42 -7.86 -33.03
N GLN D 186 -17.78 -9.11 -32.74
CA GLN D 186 -19.18 -9.51 -32.63
C GLN D 186 -19.73 -9.09 -31.27
N THR D 187 -19.05 -9.54 -30.18
CA THR D 187 -19.38 -9.17 -28.80
C THR D 187 -18.04 -8.98 -28.06
N GLY D 188 -18.04 -8.17 -27.01
CA GLY D 188 -16.79 -8.01 -26.24
C GLY D 188 -17.11 -7.52 -24.83
N LEU D 189 -16.33 -7.91 -23.82
CA LEU D 189 -16.54 -7.44 -22.47
C LEU D 189 -15.14 -7.10 -22.01
N MET D 190 -15.00 -5.90 -21.44
CA MET D 190 -13.73 -5.39 -20.98
C MET D 190 -13.67 -5.37 -19.46
N THR D 191 -12.47 -5.66 -18.94
CA THR D 191 -12.24 -5.42 -17.51
C THR D 191 -11.08 -4.44 -17.44
N THR D 192 -11.20 -3.42 -16.60
CA THR D 192 -10.02 -2.58 -16.46
C THR D 192 -9.56 -2.83 -15.01
N ILE D 193 -8.30 -3.15 -14.87
CA ILE D 193 -7.72 -3.21 -13.50
C ILE D 193 -7.07 -1.84 -13.32
N HIS D 194 -7.72 -1.00 -12.54
CA HIS D 194 -7.28 0.39 -12.45
C HIS D 194 -6.74 0.91 -11.13
N SER D 195 -5.68 1.65 -11.28
CA SER D 195 -5.09 2.43 -10.21
C SER D 195 -6.16 3.33 -9.56
N TYR D 196 -6.13 3.50 -8.24
CA TYR D 196 -7.14 4.37 -7.64
C TYR D 196 -6.97 5.79 -8.16
N THR D 197 -8.00 6.61 -7.97
CA THR D 197 -8.01 7.98 -8.49
C THR D 197 -8.47 8.95 -7.42
N ALA D 198 -8.45 10.25 -7.70
CA ALA D 198 -8.80 11.30 -6.75
C ALA D 198 -10.23 11.21 -6.26
N THR D 199 -11.11 10.58 -7.03
CA THR D 199 -12.52 10.44 -6.63
C THR D 199 -12.65 9.45 -5.47
N GLN D 200 -11.67 8.55 -5.29
CA GLN D 200 -11.70 7.54 -4.25
C GLN D 200 -11.39 8.09 -2.87
N LYS D 201 -11.45 7.26 -1.85
CA LYS D 201 -11.21 7.68 -0.48
C LYS D 201 -10.07 6.95 0.24
N THR D 202 -9.34 7.68 1.08
CA THR D 202 -8.25 7.10 1.86
C THR D 202 -8.75 6.01 2.83
N VAL D 203 -9.77 6.32 3.59
CA VAL D 203 -10.38 5.40 4.56
C VAL D 203 -11.87 5.27 4.18
N ASP D 204 -12.58 4.28 4.70
CA ASP D 204 -14.00 4.14 4.37
C ASP D 204 -14.68 5.49 4.62
N GLY D 205 -15.27 6.07 3.58
CA GLY D 205 -15.86 7.42 3.77
C GLY D 205 -17.25 7.45 3.19
N VAL D 206 -17.69 8.60 2.70
CA VAL D 206 -19.02 8.80 2.17
C VAL D 206 -18.99 8.77 0.66
N SER D 207 -19.91 7.94 0.15
CA SER D 207 -20.07 7.87 -1.31
C SER D 207 -21.44 7.27 -1.56
N VAL D 208 -22.48 8.09 -1.44
CA VAL D 208 -23.86 7.59 -1.61
C VAL D 208 -24.19 7.24 -3.04
N LYS D 209 -23.51 7.70 -4.06
CA LYS D 209 -23.73 7.39 -5.46
C LYS D 209 -22.84 6.30 -6.05
N ASP D 210 -22.13 5.58 -5.20
CA ASP D 210 -21.29 4.44 -5.54
C ASP D 210 -20.88 3.83 -4.19
N TRP D 211 -21.70 2.98 -3.61
CA TRP D 211 -21.37 2.49 -2.28
C TRP D 211 -19.97 1.90 -2.21
N ARG D 212 -19.64 0.99 -3.13
CA ARG D 212 -18.31 0.39 -3.06
C ARG D 212 -17.22 1.45 -3.13
N GLY D 213 -17.40 2.43 -4.00
CA GLY D 213 -16.42 3.45 -4.30
C GLY D 213 -16.10 4.32 -3.09
N GLY D 214 -16.91 4.33 -2.04
CA GLY D 214 -16.52 5.02 -0.82
C GLY D 214 -15.64 4.21 0.14
N ARG D 215 -15.34 2.95 -0.11
CA ARG D 215 -14.53 2.16 0.81
C ARG D 215 -13.05 2.46 0.67
N ALA D 216 -12.26 2.06 1.66
CA ALA D 216 -10.83 2.37 1.68
C ALA D 216 -10.14 1.86 0.42
N ALA D 217 -9.52 2.77 -0.33
CA ALA D 217 -8.89 2.49 -1.59
C ALA D 217 -7.54 1.77 -1.56
N ALA D 218 -6.65 2.13 -0.64
CA ALA D 218 -5.33 1.41 -0.75
C ALA D 218 -5.28 0.07 -0.02
N VAL D 219 -6.30 -0.52 0.62
CA VAL D 219 -6.27 -1.86 1.08
C VAL D 219 -7.34 -2.76 0.43
N ASN D 220 -8.14 -2.40 -0.54
CA ASN D 220 -9.15 -3.25 -1.14
C ASN D 220 -9.11 -3.32 -2.68
N ILE D 221 -9.65 -4.42 -3.25
CA ILE D 221 -9.97 -4.52 -4.65
C ILE D 221 -11.41 -4.02 -4.67
N ILE D 222 -11.71 -2.99 -5.44
CA ILE D 222 -13.02 -2.37 -5.46
C ILE D 222 -13.63 -2.40 -6.87
N PRO D 223 -14.69 -3.19 -6.98
CA PRO D 223 -15.44 -3.25 -8.24
C PRO D 223 -16.27 -2.00 -8.49
N SER D 224 -16.42 -1.65 -9.75
CA SER D 224 -17.22 -0.54 -10.23
C SER D 224 -17.74 -0.72 -11.66
N THR D 225 -18.92 -0.16 -11.92
CA THR D 225 -19.47 -0.17 -13.27
C THR D 225 -18.68 0.84 -14.09
N THR D 226 -18.62 0.76 -15.42
CA THR D 226 -17.90 1.86 -16.11
C THR D 226 -18.48 2.04 -17.50
N GLY D 227 -18.53 3.27 -17.99
CA GLY D 227 -19.14 3.52 -19.29
C GLY D 227 -18.08 3.51 -20.36
N ALA D 228 -16.83 3.17 -20.09
CA ALA D 228 -15.78 3.25 -21.07
C ALA D 228 -15.98 2.38 -22.29
N ALA D 229 -16.30 1.12 -22.06
CA ALA D 229 -16.48 0.18 -23.18
C ALA D 229 -17.71 0.54 -24.00
N LYS D 230 -18.81 0.89 -23.35
CA LYS D 230 -19.99 1.37 -24.04
C LYS D 230 -19.64 2.65 -24.81
N ALA D 231 -18.84 3.58 -24.28
CA ALA D 231 -18.45 4.78 -25.00
C ALA D 231 -17.71 4.54 -26.31
N VAL D 232 -17.05 3.41 -26.48
CA VAL D 232 -16.36 2.95 -27.67
C VAL D 232 -17.39 2.82 -28.79
N GLY D 233 -18.63 2.53 -28.37
CA GLY D 233 -19.76 2.45 -29.29
C GLY D 233 -20.10 3.79 -29.93
N MET D 234 -19.61 4.90 -29.39
CA MET D 234 -19.87 6.23 -29.90
C MET D 234 -18.75 6.71 -30.82
N VAL D 235 -17.63 6.03 -30.76
CA VAL D 235 -16.44 6.45 -31.50
C VAL D 235 -16.23 5.49 -32.63
N ILE D 236 -16.82 4.30 -32.46
CA ILE D 236 -16.71 3.25 -33.47
C ILE D 236 -18.14 2.68 -33.61
N PRO D 237 -19.02 3.43 -34.24
CA PRO D 237 -20.42 3.13 -34.48
C PRO D 237 -20.81 1.69 -34.68
N SER D 238 -20.05 0.92 -35.42
CA SER D 238 -20.39 -0.50 -35.58
C SER D 238 -20.26 -1.31 -34.30
N THR D 239 -19.74 -0.78 -33.19
CA THR D 239 -19.61 -1.59 -31.99
C THR D 239 -20.73 -1.28 -31.02
N GLN D 240 -21.64 -0.37 -31.38
CA GLN D 240 -22.74 0.05 -30.53
C GLN D 240 -23.54 -1.12 -29.98
N GLY D 241 -23.82 -1.21 -28.70
CA GLY D 241 -24.53 -2.35 -28.12
C GLY D 241 -23.79 -3.68 -28.08
N LYS D 242 -22.59 -3.84 -28.58
CA LYS D 242 -21.80 -5.05 -28.58
C LYS D 242 -20.73 -5.14 -27.46
N LEU D 243 -20.47 -4.04 -26.82
CA LEU D 243 -19.39 -4.04 -25.81
C LEU D 243 -19.84 -3.40 -24.49
N THR D 244 -19.42 -4.01 -23.38
CA THR D 244 -19.64 -3.33 -22.11
C THR D 244 -18.46 -3.79 -21.25
N GLY D 245 -18.35 -3.22 -20.04
CA GLY D 245 -17.27 -3.64 -19.18
C GLY D 245 -17.54 -3.12 -17.76
N MET D 246 -16.55 -3.38 -16.92
CA MET D 246 -16.51 -3.01 -15.54
C MET D 246 -15.05 -2.65 -15.21
N SER D 247 -14.88 -2.22 -13.98
CA SER D 247 -13.60 -1.93 -13.41
C SER D 247 -13.41 -2.56 -12.04
N PHE D 248 -12.13 -2.84 -11.77
CA PHE D 248 -11.72 -3.22 -10.45
C PHE D 248 -10.64 -2.17 -10.05
N ARG D 249 -10.88 -1.45 -9.00
CA ARG D 249 -9.97 -0.44 -8.51
C ARG D 249 -9.00 -1.07 -7.56
N VAL D 250 -7.69 -1.02 -7.82
CA VAL D 250 -6.72 -1.67 -6.94
C VAL D 250 -5.76 -0.64 -6.35
N PRO D 251 -5.04 -1.01 -5.30
CA PRO D 251 -4.18 -0.05 -4.58
C PRO D 251 -2.86 0.23 -5.21
N THR D 252 -2.78 0.72 -6.41
CA THR D 252 -1.54 1.14 -7.06
C THR D 252 -1.84 2.61 -7.39
N PRO D 253 -0.78 3.40 -7.33
CA PRO D 253 -0.93 4.85 -7.46
C PRO D 253 -1.11 5.37 -8.89
N ASP D 254 -0.73 4.56 -9.87
CA ASP D 254 -0.90 5.01 -11.25
C ASP D 254 -0.60 3.87 -12.22
N VAL D 255 -1.16 3.95 -13.39
CA VAL D 255 -0.97 2.90 -14.42
C VAL D 255 -2.08 1.86 -14.19
N SER D 256 -2.79 1.60 -15.30
CA SER D 256 -3.92 0.73 -15.38
C SER D 256 -3.84 -0.23 -16.57
N VAL D 257 -4.76 -1.21 -16.60
CA VAL D 257 -4.66 -2.23 -17.65
C VAL D 257 -6.07 -2.73 -18.05
N VAL D 258 -6.20 -2.83 -19.37
CA VAL D 258 -7.47 -3.28 -19.98
C VAL D 258 -7.30 -4.76 -20.32
N ASP D 259 -8.28 -5.50 -19.88
CA ASP D 259 -8.37 -6.96 -20.01
C ASP D 259 -9.65 -7.11 -20.85
N LEU D 260 -9.47 -7.17 -22.13
CA LEU D 260 -10.57 -7.29 -23.11
C LEU D 260 -10.78 -8.74 -23.55
N THR D 261 -12.04 -9.22 -23.45
CA THR D 261 -12.30 -10.58 -23.93
C THR D 261 -13.30 -10.42 -25.07
N PHE D 262 -13.12 -11.05 -26.23
CA PHE D 262 -14.09 -10.74 -27.29
C PHE D 262 -14.28 -11.92 -28.24
N THR D 263 -15.40 -11.85 -29.00
CA THR D 263 -15.58 -12.89 -30.02
C THR D 263 -15.37 -12.18 -31.34
N ALA D 264 -14.43 -12.56 -32.16
CA ALA D 264 -14.18 -11.97 -33.47
C ALA D 264 -15.24 -12.31 -34.56
N ALA D 265 -15.47 -11.42 -35.51
CA ALA D 265 -16.52 -11.63 -36.53
C ALA D 265 -16.15 -12.64 -37.61
N ARG D 266 -14.92 -13.09 -37.69
CA ARG D 266 -14.45 -14.10 -38.57
C ARG D 266 -13.48 -15.01 -37.81
N ASP D 267 -13.21 -16.16 -38.45
CA ASP D 267 -12.23 -17.06 -37.86
C ASP D 267 -10.81 -16.48 -37.89
N THR D 268 -10.14 -16.44 -36.70
CA THR D 268 -8.79 -15.92 -36.63
C THR D 268 -7.96 -16.87 -35.77
N SER D 269 -6.91 -16.30 -35.18
CA SER D 269 -6.01 -16.85 -34.23
C SER D 269 -5.37 -15.67 -33.42
N ILE D 270 -4.89 -15.98 -32.24
CA ILE D 270 -4.24 -14.94 -31.39
C ILE D 270 -2.99 -14.42 -32.09
N GLN D 271 -2.27 -15.27 -32.80
CA GLN D 271 -1.07 -14.94 -33.52
C GLN D 271 -1.29 -13.85 -34.58
N GLU D 272 -2.36 -14.03 -35.36
CA GLU D 272 -2.79 -13.10 -36.33
C GLU D 272 -3.24 -11.79 -35.67
N ILE D 273 -3.96 -11.83 -34.52
CA ILE D 273 -4.36 -10.54 -33.95
C ILE D 273 -3.12 -9.81 -33.42
N ASP D 274 -2.26 -10.53 -32.72
CA ASP D 274 -1.00 -10.03 -32.20
C ASP D 274 -0.14 -9.35 -33.27
N ALA D 275 -0.03 -9.94 -34.47
CA ALA D 275 0.72 -9.38 -35.58
C ALA D 275 0.14 -8.11 -36.13
N ALA D 276 -1.19 -8.02 -36.17
CA ALA D 276 -1.87 -6.83 -36.61
C ALA D 276 -1.66 -5.66 -35.65
N LEU D 277 -1.77 -5.97 -34.34
CA LEU D 277 -1.60 -4.91 -33.35
C LEU D 277 -0.18 -4.34 -33.41
N LYS D 278 0.81 -5.17 -33.46
CA LYS D 278 2.20 -4.71 -33.65
C LYS D 278 2.39 -3.93 -34.94
N ARG D 279 1.81 -4.44 -36.05
CA ARG D 279 1.98 -3.69 -37.33
C ARG D 279 1.33 -2.33 -37.21
N ALA D 280 0.12 -2.26 -36.64
CA ALA D 280 -0.64 -1.03 -36.55
C ALA D 280 0.06 0.01 -35.69
N SER D 281 0.67 -0.48 -34.59
CA SER D 281 1.40 0.41 -33.67
C SER D 281 2.61 1.06 -34.34
N LYS D 282 3.19 0.35 -35.28
CA LYS D 282 4.29 0.82 -36.08
C LYS D 282 3.87 1.72 -37.21
N THR D 283 2.61 1.78 -37.59
CA THR D 283 2.12 2.51 -38.74
C THR D 283 0.92 3.37 -38.47
N TYR D 284 -0.30 3.04 -38.90
CA TYR D 284 -1.40 3.98 -38.70
C TYR D 284 -1.83 4.27 -37.27
N MET D 285 -1.41 3.50 -36.25
CA MET D 285 -1.71 3.88 -34.85
C MET D 285 -0.47 4.42 -34.16
N LYS D 286 0.55 4.77 -34.95
CA LYS D 286 1.84 5.23 -34.38
C LYS D 286 1.76 6.41 -33.43
N GLY D 287 2.34 6.30 -32.23
CA GLY D 287 2.16 7.37 -31.24
C GLY D 287 0.89 7.16 -30.40
N ILE D 288 -0.07 6.37 -30.82
CA ILE D 288 -1.34 6.15 -30.14
C ILE D 288 -1.32 4.80 -29.45
N LEU D 289 -1.08 3.76 -30.25
CA LEU D 289 -0.94 2.38 -29.81
C LEU D 289 0.55 2.01 -29.88
N GLY D 290 1.07 1.62 -28.73
CA GLY D 290 2.41 1.05 -28.64
C GLY D 290 2.27 -0.43 -28.36
N TYR D 291 3.38 -1.14 -28.33
CA TYR D 291 3.34 -2.50 -27.81
C TYR D 291 4.64 -2.75 -27.04
N THR D 292 4.58 -3.81 -26.26
CA THR D 292 5.74 -4.37 -25.61
C THR D 292 5.69 -5.88 -25.84
N ASP D 293 6.86 -6.48 -25.83
CA ASP D 293 6.98 -7.95 -25.87
C ASP D 293 7.96 -8.32 -24.76
N GLU D 294 8.24 -7.37 -23.86
CA GLU D 294 9.07 -7.55 -22.68
C GLU D 294 8.24 -7.96 -21.45
N GLU D 295 8.94 -8.26 -20.37
CA GLU D 295 8.29 -8.75 -19.16
C GLU D 295 7.92 -7.62 -18.19
N LEU D 296 7.06 -6.72 -18.57
CA LEU D 296 6.73 -5.51 -17.84
C LEU D 296 5.62 -5.62 -16.84
N VAL D 297 5.79 -4.75 -15.83
CA VAL D 297 4.85 -4.64 -14.72
C VAL D 297 4.35 -3.17 -14.79
N SER D 298 3.31 -2.82 -14.10
CA SER D 298 2.65 -1.54 -14.19
C SER D 298 3.57 -0.34 -14.10
N ALA D 299 4.55 -0.38 -13.19
CA ALA D 299 5.47 0.73 -13.03
C ALA D 299 6.28 1.03 -14.29
N ASP D 300 6.50 0.05 -15.15
CA ASP D 300 7.23 0.24 -16.38
C ASP D 300 6.46 1.09 -17.38
N PHE D 301 5.18 1.37 -17.25
CA PHE D 301 4.41 2.23 -18.12
C PHE D 301 4.22 3.63 -17.58
N ILE D 302 4.76 3.91 -16.38
CA ILE D 302 4.65 5.28 -15.83
C ILE D 302 5.27 6.22 -16.81
N ASN D 303 4.65 7.31 -17.23
CA ASN D 303 5.16 8.24 -18.22
C ASN D 303 5.22 7.72 -19.66
N ASP D 304 4.54 6.62 -19.96
CA ASP D 304 4.43 6.20 -21.37
C ASP D 304 3.35 7.13 -21.98
N ASN D 305 3.62 7.83 -23.05
CA ASN D 305 2.73 8.81 -23.63
C ASN D 305 1.66 8.19 -24.52
N ARG D 306 1.73 6.90 -24.81
CA ARG D 306 0.75 6.29 -25.73
C ARG D 306 -0.61 6.22 -25.05
N SER D 307 -1.68 6.07 -25.84
CA SER D 307 -2.97 5.84 -25.27
C SER D 307 -3.17 4.40 -24.76
N SER D 308 -2.44 3.49 -25.39
CA SER D 308 -2.62 2.05 -25.24
C SER D 308 -1.34 1.35 -25.63
N ILE D 309 -0.93 0.44 -24.75
CA ILE D 309 0.32 -0.27 -24.93
C ILE D 309 0.03 -1.77 -24.75
N TYR D 310 -0.09 -2.38 -25.96
CA TYR D 310 -0.45 -3.77 -26.03
C TYR D 310 0.65 -4.66 -25.47
N ASP D 311 0.23 -5.57 -24.62
CA ASP D 311 1.16 -6.49 -23.98
C ASP D 311 1.18 -7.77 -24.84
N SER D 312 2.17 -7.87 -25.75
CA SER D 312 2.18 -9.12 -26.52
C SER D 312 2.52 -10.38 -25.75
N LYS D 313 3.42 -10.46 -24.77
CA LYS D 313 3.67 -11.75 -24.10
C LYS D 313 2.51 -12.17 -23.19
N ALA D 314 1.87 -11.20 -22.57
CA ALA D 314 0.71 -11.51 -21.74
C ALA D 314 -0.45 -11.97 -22.64
N THR D 315 -0.63 -11.40 -23.83
CA THR D 315 -1.72 -11.81 -24.70
C THR D 315 -1.43 -13.18 -25.30
N LEU D 316 -0.24 -13.41 -25.82
CA LEU D 316 0.12 -14.65 -26.49
C LEU D 316 0.18 -15.84 -25.52
N GLN D 317 0.62 -15.63 -24.27
CA GLN D 317 0.66 -16.70 -23.31
C GLN D 317 -0.63 -17.12 -22.64
N ASN D 318 -1.71 -16.35 -22.66
CA ASN D 318 -2.89 -16.65 -21.86
C ASN D 318 -4.15 -16.80 -22.66
N ASN D 319 -4.01 -17.28 -23.90
CA ASN D 319 -5.15 -17.49 -24.76
C ASN D 319 -5.26 -18.99 -25.13
N LEU D 320 -6.38 -19.36 -25.70
CA LEU D 320 -6.62 -20.78 -26.00
C LEU D 320 -5.95 -21.23 -27.29
N PRO D 321 -5.17 -22.30 -27.19
CA PRO D 321 -4.46 -22.89 -28.30
C PRO D 321 -5.39 -23.25 -29.45
N LYS D 322 -5.04 -22.86 -30.66
CA LYS D 322 -5.90 -23.06 -31.82
C LYS D 322 -7.26 -22.37 -31.76
N GLU D 323 -7.59 -21.49 -30.82
CA GLU D 323 -8.93 -20.92 -30.80
C GLU D 323 -9.10 -20.10 -32.06
N ARG D 324 -10.34 -19.91 -32.56
CA ARG D 324 -10.50 -19.15 -33.76
C ARG D 324 -11.34 -17.91 -33.53
N ARG D 325 -12.06 -17.89 -32.41
CA ARG D 325 -13.05 -16.83 -32.19
C ARG D 325 -13.02 -16.04 -30.89
N PHE D 326 -12.91 -16.75 -29.77
CA PHE D 326 -12.94 -16.20 -28.43
C PHE D 326 -11.56 -15.85 -27.87
N PHE D 327 -11.30 -14.56 -27.70
CA PHE D 327 -9.99 -14.09 -27.33
C PHE D 327 -9.90 -13.06 -26.21
N LYS D 328 -8.70 -12.92 -25.68
CA LYS D 328 -8.28 -12.02 -24.64
C LYS D 328 -7.11 -11.13 -25.12
N ILE D 329 -7.39 -9.83 -24.97
CA ILE D 329 -6.29 -8.94 -25.37
C ILE D 329 -5.91 -8.07 -24.12
N VAL D 330 -4.61 -8.11 -23.80
CA VAL D 330 -4.15 -7.27 -22.68
C VAL D 330 -3.41 -6.02 -23.14
N SER D 331 -3.86 -4.85 -22.64
CA SER D 331 -3.19 -3.61 -22.94
C SER D 331 -3.16 -2.58 -21.79
N TRP D 332 -1.99 -1.97 -21.65
CA TRP D 332 -1.73 -1.03 -20.55
C TRP D 332 -1.95 0.41 -20.96
N TYR D 333 -1.99 1.30 -19.96
CA TYR D 333 -2.12 2.71 -20.11
C TYR D 333 -1.72 3.32 -18.74
N ASP D 334 -1.03 4.43 -18.92
CA ASP D 334 -0.67 5.25 -17.73
C ASP D 334 -1.87 6.15 -17.70
N ASN D 335 -2.89 5.82 -16.93
CA ASN D 335 -4.17 6.49 -16.94
C ASN D 335 -4.07 7.98 -16.98
N GLU D 336 -3.17 8.59 -16.21
CA GLU D 336 -2.96 10.00 -16.22
C GLU D 336 -2.39 10.66 -17.48
N TRP D 337 -1.21 10.21 -17.78
CA TRP D 337 -0.24 10.60 -18.70
C TRP D 337 -0.53 10.40 -20.18
N GLY D 338 -0.83 9.22 -20.64
CA GLY D 338 -1.19 9.09 -22.10
C GLY D 338 -2.36 10.01 -22.42
N TYR D 339 -3.43 9.93 -21.62
CA TYR D 339 -4.58 10.78 -21.85
C TYR D 339 -4.29 12.28 -21.91
N SER D 340 -3.41 12.84 -21.09
CA SER D 340 -3.09 14.27 -21.09
C SER D 340 -2.36 14.68 -22.32
N HIS D 341 -1.47 13.82 -22.83
CA HIS D 341 -0.84 14.02 -24.12
C HIS D 341 -1.93 13.99 -25.21
N ARG D 342 -2.94 13.16 -25.10
CA ARG D 342 -3.99 13.16 -26.15
C ARG D 342 -4.81 14.44 -26.12
N VAL D 343 -4.96 15.09 -24.93
CA VAL D 343 -5.76 16.27 -24.85
C VAL D 343 -5.07 17.33 -25.73
N VAL D 344 -3.77 17.41 -25.52
CA VAL D 344 -2.88 18.30 -26.23
C VAL D 344 -2.96 18.04 -27.74
N ASP D 345 -2.88 16.77 -28.12
CA ASP D 345 -2.97 16.37 -29.52
C ASP D 345 -4.30 16.78 -30.12
N LEU D 346 -5.44 16.53 -29.44
CA LEU D 346 -6.74 16.95 -29.93
C LEU D 346 -6.81 18.46 -30.21
N VAL D 347 -6.31 19.26 -29.28
CA VAL D 347 -6.28 20.70 -29.39
C VAL D 347 -5.47 21.09 -30.66
N ARG D 348 -4.33 20.46 -30.90
CA ARG D 348 -3.53 20.81 -32.08
C ARG D 348 -4.28 20.42 -33.34
N HIS D 349 -4.91 19.27 -33.33
CA HIS D 349 -5.70 18.80 -34.49
C HIS D 349 -6.75 19.83 -34.87
N MET D 350 -7.56 20.17 -33.87
CA MET D 350 -8.64 21.13 -33.90
C MET D 350 -8.11 22.48 -34.41
N ALA D 351 -7.00 22.94 -33.85
CA ALA D 351 -6.47 24.23 -34.32
C ALA D 351 -6.08 24.12 -35.80
N SER D 352 -5.41 23.05 -36.24
CA SER D 352 -5.12 22.91 -37.67
C SER D 352 -6.39 22.86 -38.53
N LYS D 353 -7.37 22.05 -38.14
CA LYS D 353 -8.61 21.99 -38.91
C LYS D 353 -9.33 23.34 -38.96
N ASP D 354 -9.31 24.14 -37.92
CA ASP D 354 -9.98 25.44 -37.88
C ASP D 354 -9.28 26.44 -38.82
N ARG D 355 -7.97 26.43 -38.86
CA ARG D 355 -7.15 27.23 -39.74
C ARG D 355 -7.45 26.88 -41.19
N SER D 356 -7.47 25.62 -41.57
CA SER D 356 -7.85 25.17 -42.89
C SER D 356 -9.31 25.50 -43.22
N ALA D 357 -10.22 25.44 -42.27
CA ALA D 357 -11.62 25.78 -42.53
C ALA D 357 -11.84 27.27 -42.76
N ARG D 358 -10.89 28.18 -42.57
CA ARG D 358 -11.28 29.57 -42.81
C ARG D 358 -10.76 30.15 -44.11
N LEU D 359 -9.71 29.56 -44.67
CA LEU D 359 -8.99 30.02 -45.83
C LEU D 359 -7.97 28.95 -46.26
C1 BRZ E . -0.23 -20.02 -4.99
C2 BRZ E . 1.12 -20.28 -5.09
C3 BRZ E . 1.71 -19.67 -6.20
C4 BRZ E . 0.96 -18.91 -7.08
C5 BRZ E . -0.41 -18.67 -6.95
C6 BRZ E . -1.06 -19.24 -5.85
O7 BRZ E . -2.45 -19.03 -5.64
C8 BRZ E . -3.22 -19.55 -4.56
C9 BRZ E . -2.26 -20.40 -3.69
C10 BRZ E . -0.95 -20.63 -3.82
O11 BRZ E . 1.70 -18.41 -8.12
C12 BRZ E . 3.07 -18.81 -7.93
C13 BRZ E . 3.14 -19.73 -6.66
O14 BRZ E . -4.47 -19.47 -4.26
C15 BRZ E . -2.94 -21.04 -2.45
C16 BRZ E . -1.95 -21.48 -1.31
C17 BRZ E . -3.56 -22.33 -2.98
C18 BRZ E . -3.63 -19.82 -1.87
C19 BRZ E . -3.55 -18.49 -1.94
C20 BRZ E . 3.97 -19.12 -9.14
O21 BRZ E . 3.47 -19.57 -10.40
C22 BRZ E . 4.88 -17.93 -9.51
C23 BRZ E . 4.89 -20.21 -8.54
#